data_2WRB
#
_entry.id   2WRB
#
_cell.length_a   83.359
_cell.length_b   126.303
_cell.length_c   220.956
_cell.angle_alpha   90.00
_cell.angle_beta   90.00
_cell.angle_gamma   90.00
#
_symmetry.space_group_name_H-M   'P 21 21 21'
#
loop_
_entity.id
_entity.type
_entity.pdbx_description
1 polymer HEMAGGLUTININ
2 non-polymer 'N-acetyl-alpha-neuraminic acid'
#
_entity_poly.entity_id   1
_entity_poly.type   'polypeptide(L)'
_entity_poly.pdbx_seq_one_letter_code
;MAIIYLILLFTAVRGDQICIGYHANNSTEKVDTILERNVTVTHAKDILEKTHNGKLCKLNGIPPLELGDCSIAGWLLGNP
ECDRLLSVPEWSYIMEKENPRDGLCYPGSFNDYEELKHLLSSVKHFEKVKILPKDRWTQHTTTGGSRACAVSGNPSFFRN
MVWLTEKGSNYPVAKGSYNNTSGEQMLIIWGVHHPNDETEQRTLYQNVGTYVSVGTSTLNKRSTPDIATRPKVNGLGSRM
EFSWTLLDMWDTINFESTGNLIAPEYGFKISKRGSSGIMKTEGTLENCETKCQTPLGAINTTLPFHNVHPLTIGECPKYV
KSEKLVLATGLRNVPQIESRGLFGAIAGFIEGGWQGMIDGWYGYHHSNDQGSGYAADKESTQKAFDGITNKVNSVIEKMN
TQFEAVGKEFSNLERRLENLNKKMEDGFLDVWTYNAELLVLMENERTLDFHDSNVKNLYDKVRMQLRDNVKELGNGCFEF
YHKCDDECMNSVKNGTYDYPKYEEES
;
_entity_poly.pdbx_strand_id   A,B,C
#
loop_
_chem_comp.id
_chem_comp.type
_chem_comp.name
_chem_comp.formula
SIA D-saccharide, alpha linking 'N-acetyl-alpha-neuraminic acid' 'C11 H19 N O9'
#
# COMPACT_ATOMS: atom_id res chain seq x y z
N ILE A 20 4.21 -20.95 50.17
CA ILE A 20 3.75 -20.59 48.83
C ILE A 20 4.91 -20.11 47.96
N GLY A 21 5.16 -20.82 46.86
CA GLY A 21 6.28 -20.49 46.01
C GLY A 21 6.04 -20.77 44.55
N TYR A 22 7.04 -20.44 43.73
CA TYR A 22 6.98 -20.61 42.29
C TYR A 22 8.22 -21.29 41.74
N HIS A 23 8.08 -21.81 40.52
CA HIS A 23 9.13 -22.62 39.88
C HIS A 23 10.33 -21.78 39.49
N ALA A 24 11.50 -22.41 39.40
CA ALA A 24 12.68 -21.73 38.89
C ALA A 24 13.73 -22.74 38.41
N ASN A 25 13.89 -22.88 37.11
CA ASN A 25 14.87 -23.82 36.58
C ASN A 25 16.22 -23.15 36.34
N ASN A 26 17.04 -23.78 35.51
CA ASN A 26 18.40 -23.29 35.24
C ASN A 26 18.52 -22.58 33.90
N SER A 27 17.41 -22.05 33.39
CA SER A 27 17.42 -21.40 32.09
C SER A 27 18.26 -20.11 32.08
N THR A 28 18.73 -19.74 30.90
CA THR A 28 19.43 -18.47 30.75
C THR A 28 18.77 -17.63 29.67
N GLU A 29 17.64 -18.11 29.17
CA GLU A 29 16.87 -17.44 28.12
C GLU A 29 16.42 -16.04 28.55
N LYS A 30 16.75 -15.04 27.73
CA LYS A 30 16.45 -13.65 28.03
C LYS A 30 15.34 -13.10 27.13
N VAL A 31 14.41 -12.36 27.71
CA VAL A 31 13.40 -11.63 26.94
C VAL A 31 13.42 -10.18 27.35
N ASP A 32 12.76 -9.34 26.57
CA ASP A 32 12.61 -7.93 26.92
C ASP A 32 11.16 -7.63 27.20
N THR A 33 10.89 -6.66 28.06
CA THR A 33 9.52 -6.20 28.29
C THR A 33 9.49 -4.69 28.12
N ILE A 34 8.30 -4.11 28.07
CA ILE A 34 8.22 -2.66 27.95
C ILE A 34 9.07 -1.95 29.01
N LEU A 35 8.99 -2.45 30.24
CA LEU A 35 9.61 -1.78 31.38
C LEU A 35 11.06 -2.18 31.67
N GLU A 36 11.45 -3.39 31.29
CA GLU A 36 12.83 -3.84 31.51
C GLU A 36 13.40 -4.54 30.29
N ARG A 37 14.68 -4.85 30.34
CA ARG A 37 15.33 -5.62 29.29
C ARG A 37 16.35 -6.58 29.88
N ASN A 38 16.77 -7.56 29.08
CA ASN A 38 17.67 -8.62 29.56
C ASN A 38 17.05 -9.37 30.73
N VAL A 39 15.73 -9.54 30.71
CA VAL A 39 15.04 -10.27 31.75
C VAL A 39 15.06 -11.78 31.51
N THR A 40 15.49 -12.51 32.52
CA THR A 40 15.64 -13.96 32.41
C THR A 40 14.35 -14.67 32.80
N VAL A 41 13.88 -15.54 31.94
CA VAL A 41 12.65 -16.28 32.23
C VAL A 41 12.92 -17.77 32.22
N THR A 42 12.01 -18.54 32.79
CA THR A 42 12.18 -19.99 32.86
C THR A 42 12.03 -20.67 31.49
N HIS A 43 11.06 -20.21 30.69
CA HIS A 43 10.85 -20.76 29.35
C HIS A 43 10.35 -19.65 28.43
N ALA A 44 10.75 -19.72 27.16
CA ALA A 44 10.38 -18.70 26.18
C ALA A 44 10.17 -19.29 24.77
N LYS A 45 9.33 -18.62 23.98
CA LYS A 45 9.04 -19.01 22.60
C LYS A 45 9.53 -17.91 21.66
N ASP A 46 10.20 -18.29 20.58
CA ASP A 46 10.57 -17.34 19.55
C ASP A 46 9.51 -17.45 18.47
N ILE A 47 9.00 -16.31 18.00
CA ILE A 47 7.99 -16.31 16.96
C ILE A 47 8.50 -15.67 15.68
N LEU A 48 9.80 -15.41 15.65
CA LEU A 48 10.45 -14.94 14.43
C LEU A 48 11.24 -16.05 13.72
N GLU A 49 10.78 -16.42 12.52
CA GLU A 49 11.45 -17.43 11.72
C GLU A 49 12.66 -16.83 10.99
N LYS A 50 13.80 -17.51 11.08
CA LYS A 50 15.03 -17.00 10.46
C LYS A 50 15.85 -18.05 9.69
N THR A 51 15.29 -19.24 9.53
CA THR A 51 16.01 -20.36 8.94
C THR A 51 15.39 -20.83 7.63
N HIS A 52 16.24 -21.27 6.71
CA HIS A 52 15.80 -21.82 5.43
C HIS A 52 16.55 -23.10 5.13
N ASN A 53 16.05 -23.88 4.17
CA ASN A 53 16.70 -25.13 3.80
C ASN A 53 17.64 -25.02 2.59
N GLY A 54 18.03 -23.79 2.27
CA GLY A 54 19.01 -23.52 1.23
C GLY A 54 18.71 -24.13 -0.13
N LYS A 55 17.48 -24.59 -0.31
CA LYS A 55 17.10 -25.22 -1.56
C LYS A 55 16.01 -24.43 -2.27
N LEU A 56 16.05 -24.45 -3.61
CA LEU A 56 14.92 -23.98 -4.39
C LEU A 56 14.01 -25.18 -4.56
N CYS A 57 12.70 -24.98 -4.45
CA CYS A 57 11.80 -26.12 -4.29
C CYS A 57 10.53 -26.00 -5.09
N LYS A 58 9.76 -27.09 -5.09
CA LYS A 58 8.43 -27.10 -5.68
C LYS A 58 7.55 -26.24 -4.78
N LEU A 59 6.60 -25.54 -5.38
CA LEU A 59 5.74 -24.64 -4.62
C LEU A 59 4.31 -25.15 -4.62
N ASN A 60 3.83 -25.63 -3.47
CA ASN A 60 2.52 -26.26 -3.39
C ASN A 60 2.42 -27.45 -4.34
N GLY A 61 3.51 -28.18 -4.46
CA GLY A 61 3.54 -29.42 -5.23
C GLY A 61 3.99 -29.29 -6.66
N ILE A 62 3.92 -28.08 -7.19
CA ILE A 62 4.22 -27.87 -8.60
C ILE A 62 5.60 -27.23 -8.74
N PRO A 63 6.39 -27.65 -9.75
CA PRO A 63 7.75 -27.16 -9.97
C PRO A 63 7.80 -25.77 -10.59
N PRO A 64 8.97 -25.13 -10.55
CA PRO A 64 9.22 -23.86 -11.24
C PRO A 64 9.82 -24.14 -12.60
N LEU A 65 9.48 -23.33 -13.59
CA LEU A 65 10.17 -23.38 -14.88
C LEU A 65 11.60 -22.98 -14.61
N GLU A 66 12.55 -23.87 -14.92
CA GLU A 66 13.96 -23.53 -14.78
C GLU A 66 14.48 -23.04 -16.12
N LEU A 67 14.98 -21.83 -16.15
CA LEU A 67 15.45 -21.26 -17.40
C LEU A 67 16.94 -21.42 -17.61
N GLY A 68 17.67 -21.73 -16.54
CA GLY A 68 19.11 -21.87 -16.63
C GLY A 68 19.72 -20.53 -17.00
N ASP A 69 20.51 -20.50 -18.06
CA ASP A 69 21.10 -19.23 -18.49
C ASP A 69 20.23 -18.42 -19.46
N CYS A 70 19.05 -18.96 -19.79
CA CYS A 70 18.17 -18.31 -20.76
C CYS A 70 17.24 -17.28 -20.14
N SER A 71 16.79 -16.36 -20.99
CA SER A 71 15.79 -15.36 -20.62
C SER A 71 14.45 -15.80 -21.20
N ILE A 72 13.37 -15.33 -20.61
CA ILE A 72 12.06 -15.71 -21.06
C ILE A 72 11.95 -15.46 -22.55
N ALA A 73 12.48 -14.34 -23.00
CA ALA A 73 12.48 -14.01 -24.42
C ALA A 73 13.25 -15.07 -25.24
N GLY A 74 14.46 -15.41 -24.79
CA GLY A 74 15.27 -16.39 -25.47
C GLY A 74 14.58 -17.75 -25.54
N TRP A 75 13.94 -18.12 -24.45
CA TRP A 75 13.19 -19.36 -24.40
C TRP A 75 12.07 -19.34 -25.45
N LEU A 76 11.19 -18.35 -25.37
CA LEU A 76 10.01 -18.29 -26.23
C LEU A 76 10.34 -18.21 -27.69
N LEU A 77 11.32 -17.38 -28.03
CA LEU A 77 11.70 -17.18 -29.42
C LEU A 77 12.43 -18.39 -30.00
N GLY A 78 13.00 -19.21 -29.13
CA GLY A 78 13.75 -20.36 -29.60
C GLY A 78 15.18 -20.00 -29.94
N ASN A 79 15.81 -19.23 -29.07
CA ASN A 79 17.25 -19.05 -29.17
C ASN A 79 17.83 -20.46 -29.15
N PRO A 80 18.73 -20.74 -30.11
CA PRO A 80 19.36 -22.07 -30.20
C PRO A 80 20.10 -22.41 -28.91
N GLU A 81 20.56 -21.37 -28.23
CA GLU A 81 21.31 -21.56 -27.00
C GLU A 81 20.41 -22.02 -25.85
N CYS A 82 19.10 -22.09 -26.12
CA CYS A 82 18.12 -22.43 -25.09
C CYS A 82 17.47 -23.78 -25.34
N ASP A 83 18.20 -24.68 -26.00
CA ASP A 83 17.64 -25.98 -26.36
C ASP A 83 17.70 -26.99 -25.21
N ARG A 84 18.66 -26.80 -24.31
CA ARG A 84 18.83 -27.70 -23.18
C ARG A 84 17.76 -27.53 -22.10
N LEU A 85 16.69 -26.81 -22.41
CA LEU A 85 15.67 -26.52 -21.40
C LEU A 85 14.66 -27.64 -21.20
N LEU A 86 14.33 -27.91 -19.95
CA LEU A 86 13.45 -29.02 -19.59
C LEU A 86 12.08 -28.89 -20.25
N SER A 87 11.39 -27.79 -19.96
CA SER A 87 10.10 -27.50 -20.60
C SER A 87 8.92 -28.31 -20.04
N VAL A 88 8.53 -27.97 -18.81
CA VAL A 88 7.38 -28.57 -18.16
C VAL A 88 6.08 -28.07 -18.77
N PRO A 89 4.98 -28.78 -18.52
CA PRO A 89 3.67 -28.36 -19.01
C PRO A 89 3.00 -27.41 -18.03
N GLU A 90 3.40 -27.47 -16.77
CA GLU A 90 2.76 -26.69 -15.73
C GLU A 90 3.81 -26.28 -14.72
N TRP A 91 3.95 -24.98 -14.48
CA TRP A 91 4.86 -24.49 -13.44
C TRP A 91 4.20 -23.45 -12.54
N SER A 92 4.83 -23.19 -11.39
CA SER A 92 4.25 -22.37 -10.32
C SER A 92 4.98 -21.04 -10.10
N TYR A 93 6.27 -21.02 -10.39
CA TYR A 93 7.02 -19.76 -10.51
C TYR A 93 8.08 -19.88 -11.59
N ILE A 94 8.92 -18.86 -11.77
CA ILE A 94 9.96 -18.94 -12.78
C ILE A 94 11.34 -18.65 -12.20
N MET A 95 12.28 -19.57 -12.40
CA MET A 95 13.67 -19.33 -12.07
C MET A 95 14.45 -18.72 -13.24
N GLU A 96 14.81 -17.44 -13.09
CA GLU A 96 15.58 -16.76 -14.11
C GLU A 96 16.83 -16.35 -13.39
N LYS A 97 17.82 -15.86 -14.13
CA LYS A 97 19.01 -15.32 -13.49
C LYS A 97 19.03 -13.79 -13.51
N GLU A 98 19.88 -13.20 -12.68
CA GLU A 98 20.16 -11.78 -12.81
C GLU A 98 21.16 -11.68 -13.94
N ASN A 99 20.74 -11.10 -15.07
CA ASN A 99 21.60 -11.00 -16.25
C ASN A 99 21.85 -12.34 -16.94
N PRO A 100 20.81 -12.85 -17.61
CA PRO A 100 20.85 -14.10 -18.36
C PRO A 100 21.71 -13.99 -19.60
N ARG A 101 22.55 -14.98 -19.82
CA ARG A 101 23.50 -14.96 -20.93
C ARG A 101 22.83 -15.00 -22.32
N ASP A 102 21.77 -15.77 -22.46
CA ASP A 102 21.18 -16.00 -23.77
C ASP A 102 19.74 -15.51 -23.85
N GLY A 103 19.57 -14.36 -24.48
CA GLY A 103 18.24 -13.84 -24.73
C GLY A 103 18.06 -13.63 -26.22
N LEU A 104 17.97 -12.38 -26.63
CA LEU A 104 17.84 -12.06 -28.04
C LEU A 104 19.18 -12.20 -28.70
N CYS A 105 19.51 -13.41 -29.18
CA CYS A 105 20.77 -13.62 -29.88
C CYS A 105 20.94 -12.57 -30.97
N TYR A 106 19.88 -12.37 -31.75
CA TYR A 106 19.82 -11.28 -32.72
C TYR A 106 19.39 -9.99 -32.01
N PRO A 107 20.20 -8.93 -32.11
CA PRO A 107 19.94 -7.71 -31.32
C PRO A 107 18.57 -7.12 -31.62
N GLY A 108 17.97 -6.47 -30.62
CA GLY A 108 16.68 -5.86 -30.82
C GLY A 108 15.95 -5.64 -29.52
N SER A 109 14.65 -5.89 -29.53
CA SER A 109 13.83 -5.56 -28.38
C SER A 109 12.54 -6.35 -28.38
N PHE A 110 11.83 -6.28 -27.26
CA PHE A 110 10.62 -7.05 -27.07
C PHE A 110 9.57 -6.13 -26.41
N ASN A 111 8.51 -5.81 -27.13
CA ASN A 111 7.52 -4.87 -26.62
C ASN A 111 6.69 -5.45 -25.48
N ASP A 112 6.35 -4.63 -24.51
CA ASP A 112 5.56 -5.08 -23.38
C ASP A 112 6.14 -6.35 -22.81
N TYR A 113 7.45 -6.35 -22.63
CA TYR A 113 8.11 -7.56 -22.20
C TYR A 113 7.77 -7.94 -20.75
N GLU A 114 7.86 -6.98 -19.83
CA GLU A 114 7.54 -7.21 -18.43
C GLU A 114 6.20 -7.91 -18.27
N GLU A 115 5.16 -7.27 -18.80
CA GLU A 115 3.83 -7.85 -18.80
C GLU A 115 3.81 -9.30 -19.25
N LEU A 116 4.51 -9.62 -20.34
CA LEU A 116 4.63 -11.01 -20.77
C LEU A 116 5.18 -11.90 -19.67
N LYS A 117 6.31 -11.52 -19.07
CA LYS A 117 6.92 -12.32 -18.00
C LYS A 117 5.93 -12.52 -16.85
N HIS A 118 5.21 -11.45 -16.49
CA HIS A 118 4.21 -11.53 -15.45
C HIS A 118 3.16 -12.57 -15.81
N LEU A 119 2.72 -12.55 -17.06
CA LEU A 119 1.75 -13.54 -17.54
C LEU A 119 2.28 -14.96 -17.41
N LEU A 120 3.50 -15.17 -17.88
CA LEU A 120 4.11 -16.49 -17.93
C LEU A 120 4.64 -16.92 -16.58
N SER A 121 4.57 -16.04 -15.59
CA SER A 121 5.17 -16.33 -14.29
C SER A 121 4.59 -17.58 -13.64
N SER A 122 3.42 -18.00 -14.08
CA SER A 122 2.77 -19.15 -13.49
C SER A 122 1.68 -19.68 -14.40
N VAL A 123 1.87 -20.91 -14.85
CA VAL A 123 0.95 -21.48 -15.82
C VAL A 123 0.34 -22.79 -15.32
N LYS A 124 -0.94 -22.99 -15.60
CA LYS A 124 -1.63 -24.24 -15.27
C LYS A 124 -1.42 -25.29 -16.36
N HIS A 125 -1.44 -24.84 -17.61
CA HIS A 125 -1.08 -25.70 -18.73
C HIS A 125 -0.47 -24.85 -19.84
N PHE A 126 0.63 -25.33 -20.43
CA PHE A 126 1.39 -24.55 -21.39
C PHE A 126 1.99 -25.52 -22.39
N GLU A 127 1.61 -25.37 -23.66
CA GLU A 127 1.98 -26.35 -24.68
C GLU A 127 2.18 -25.73 -26.07
N LYS A 128 3.36 -25.96 -26.66
CA LYS A 128 3.68 -25.40 -27.97
C LYS A 128 2.93 -26.12 -29.10
N VAL A 129 2.40 -25.37 -30.06
CA VAL A 129 1.74 -25.97 -31.22
C VAL A 129 2.02 -25.25 -32.53
N LYS A 130 2.37 -26.00 -33.57
CA LYS A 130 2.69 -25.42 -34.88
C LYS A 130 1.43 -24.82 -35.52
N ILE A 131 1.50 -23.54 -35.91
CA ILE A 131 0.32 -22.83 -36.41
C ILE A 131 0.49 -22.17 -37.79
N LEU A 132 1.74 -21.95 -38.19
CA LEU A 132 2.06 -21.48 -39.53
C LEU A 132 3.28 -22.22 -40.04
N PRO A 133 3.11 -23.51 -40.37
CA PRO A 133 4.24 -24.39 -40.73
C PRO A 133 5.17 -23.74 -41.74
N LYS A 134 6.47 -23.88 -41.50
CA LYS A 134 7.52 -23.25 -42.31
C LYS A 134 7.38 -23.53 -43.81
N ASP A 135 7.04 -24.79 -44.13
CA ASP A 135 6.96 -25.25 -45.51
C ASP A 135 5.98 -24.46 -46.35
N ARG A 136 4.82 -24.15 -45.78
CA ARG A 136 3.72 -23.57 -46.53
C ARG A 136 4.01 -22.16 -47.09
N TRP A 137 5.07 -21.53 -46.59
CA TRP A 137 5.48 -20.24 -47.12
C TRP A 137 6.21 -20.42 -48.45
N THR A 138 5.55 -21.01 -49.44
CA THR A 138 6.12 -21.04 -50.78
C THR A 138 6.19 -19.58 -51.22
N GLN A 139 6.76 -19.32 -52.39
CA GLN A 139 6.84 -17.94 -52.88
C GLN A 139 7.55 -16.99 -51.91
N HIS A 140 8.28 -17.55 -50.96
CA HIS A 140 9.08 -16.75 -50.03
C HIS A 140 10.24 -17.59 -49.54
N THR A 141 11.42 -16.99 -49.43
CA THR A 141 12.57 -17.70 -48.89
C THR A 141 12.46 -17.82 -47.36
N THR A 142 12.68 -19.04 -46.86
CA THR A 142 12.30 -19.35 -45.49
C THR A 142 13.49 -19.74 -44.63
N THR A 143 14.68 -19.73 -45.23
CA THR A 143 15.84 -20.39 -44.64
C THR A 143 16.87 -19.43 -44.07
N GLY A 144 16.58 -18.14 -44.11
CA GLY A 144 17.50 -17.12 -43.62
C GLY A 144 17.87 -17.26 -42.16
N GLY A 145 19.17 -17.19 -41.88
CA GLY A 145 19.65 -17.22 -40.52
C GLY A 145 20.61 -16.07 -40.29
N SER A 146 21.40 -16.15 -39.23
CA SER A 146 22.41 -15.13 -38.94
C SER A 146 23.47 -15.69 -38.02
N ARG A 147 24.73 -15.34 -38.28
CA ARG A 147 25.82 -15.79 -37.40
C ARG A 147 25.70 -15.23 -35.99
N ALA A 148 24.73 -14.34 -35.78
CA ALA A 148 24.45 -13.86 -34.43
C ALA A 148 23.64 -14.90 -33.67
N CYS A 149 23.07 -15.85 -34.40
CA CYS A 149 22.35 -16.96 -33.79
C CYS A 149 23.00 -18.27 -34.21
N ALA A 150 24.33 -18.26 -34.25
CA ALA A 150 25.09 -19.35 -34.85
C ALA A 150 25.07 -20.64 -34.04
N VAL A 151 24.67 -21.72 -34.69
CA VAL A 151 24.86 -23.06 -34.14
C VAL A 151 25.93 -23.79 -34.97
N SER A 152 27.12 -23.93 -34.38
CA SER A 152 28.25 -24.58 -35.04
C SER A 152 28.86 -23.69 -36.13
N GLY A 153 29.17 -22.45 -35.77
CA GLY A 153 29.81 -21.52 -36.68
C GLY A 153 28.95 -21.13 -37.88
N ASN A 154 27.90 -21.90 -38.12
CA ASN A 154 27.00 -21.64 -39.23
C ASN A 154 25.81 -20.77 -38.81
N PRO A 155 25.35 -19.90 -39.73
CA PRO A 155 24.22 -19.01 -39.43
C PRO A 155 22.95 -19.79 -39.12
N SER A 156 22.28 -19.41 -38.03
CA SER A 156 20.99 -20.01 -37.68
C SER A 156 20.01 -18.95 -37.20
N PHE A 157 18.91 -19.37 -36.59
CA PHE A 157 17.84 -18.44 -36.23
C PHE A 157 16.93 -19.01 -35.14
N PHE A 158 16.29 -18.11 -34.40
CA PHE A 158 15.28 -18.50 -33.42
C PHE A 158 14.46 -19.64 -33.98
N ARG A 159 14.51 -20.79 -33.32
CA ARG A 159 13.84 -21.98 -33.83
C ARG A 159 12.35 -21.77 -34.01
N ASN A 160 11.73 -21.07 -33.07
CA ASN A 160 10.28 -20.92 -33.07
C ASN A 160 9.76 -19.91 -34.08
N MET A 161 10.66 -19.15 -34.68
CA MET A 161 10.30 -18.09 -35.63
C MET A 161 10.74 -18.40 -37.05
N VAL A 162 10.30 -17.59 -38.01
CA VAL A 162 10.65 -17.80 -39.41
C VAL A 162 10.95 -16.48 -40.12
N TRP A 163 12.10 -16.41 -40.77
CA TRP A 163 12.54 -15.16 -41.42
C TRP A 163 12.15 -15.10 -42.89
N LEU A 164 10.94 -14.63 -43.17
CA LEU A 164 10.51 -14.47 -44.55
C LEU A 164 11.36 -13.45 -45.30
N THR A 165 11.98 -13.89 -46.39
CA THR A 165 12.77 -13.00 -47.27
C THR A 165 12.46 -13.25 -48.75
N GLU A 166 12.95 -12.35 -49.61
CA GLU A 166 12.70 -12.44 -51.04
C GLU A 166 13.04 -13.82 -51.62
N LYS A 167 12.14 -14.34 -52.45
CA LYS A 167 12.39 -15.57 -53.21
C LYS A 167 12.29 -15.32 -54.72
N GLY A 168 13.23 -15.91 -55.46
CA GLY A 168 13.46 -15.51 -56.84
C GLY A 168 14.11 -14.14 -56.72
N SER A 169 13.45 -13.12 -57.24
CA SER A 169 13.78 -11.74 -56.92
C SER A 169 12.48 -10.97 -56.77
N ASN A 170 11.60 -11.57 -55.96
CA ASN A 170 10.23 -11.17 -55.86
C ASN A 170 9.73 -11.47 -54.45
N TYR A 171 9.16 -10.47 -53.79
CA TYR A 171 8.56 -10.64 -52.47
C TYR A 171 7.08 -10.36 -52.57
N PRO A 172 6.30 -11.38 -52.92
CA PRO A 172 4.85 -11.20 -53.06
C PRO A 172 4.27 -10.83 -51.71
N VAL A 173 3.16 -10.12 -51.70
CA VAL A 173 2.50 -9.81 -50.45
C VAL A 173 2.37 -11.07 -49.60
N ALA A 174 3.09 -11.12 -48.49
CA ALA A 174 3.05 -12.29 -47.62
C ALA A 174 1.79 -12.29 -46.79
N LYS A 175 0.94 -13.31 -46.97
CA LYS A 175 -0.27 -13.42 -46.16
C LYS A 175 -0.29 -14.74 -45.43
N GLY A 176 -0.78 -14.74 -44.20
CA GLY A 176 -0.89 -15.94 -43.42
C GLY A 176 -1.79 -15.72 -42.23
N SER A 177 -2.77 -16.59 -42.05
CA SER A 177 -3.64 -16.46 -40.90
C SER A 177 -3.67 -17.75 -40.09
N TYR A 178 -4.32 -17.71 -38.94
CA TYR A 178 -4.47 -18.90 -38.11
C TYR A 178 -5.67 -18.81 -37.17
N ASN A 179 -6.64 -19.69 -37.35
CA ASN A 179 -7.80 -19.75 -36.48
C ASN A 179 -7.44 -20.60 -35.26
N ASN A 180 -7.54 -20.01 -34.07
CA ASN A 180 -7.19 -20.71 -32.84
C ASN A 180 -8.26 -21.68 -32.39
N THR A 181 -8.01 -22.96 -32.58
CA THR A 181 -9.00 -23.99 -32.31
C THR A 181 -8.58 -24.89 -31.15
N SER A 182 -7.33 -24.75 -30.71
CA SER A 182 -6.76 -25.61 -29.66
C SER A 182 -7.48 -25.50 -28.33
N GLY A 183 -8.59 -24.78 -28.31
CA GLY A 183 -9.44 -24.71 -27.13
C GLY A 183 -8.84 -24.03 -25.90
N GLU A 184 -7.76 -23.31 -26.08
CA GLU A 184 -7.20 -22.50 -25.01
C GLU A 184 -6.67 -21.19 -25.58
N GLN A 185 -6.63 -20.15 -24.78
CA GLN A 185 -5.97 -18.91 -25.18
C GLN A 185 -4.60 -19.25 -25.76
N MET A 186 -4.21 -18.57 -26.81
CA MET A 186 -2.89 -18.81 -27.37
C MET A 186 -1.98 -17.58 -27.45
N LEU A 187 -0.82 -17.69 -26.81
CA LEU A 187 0.21 -16.66 -26.90
C LEU A 187 0.87 -16.76 -28.27
N ILE A 188 0.98 -15.64 -28.97
CA ILE A 188 1.63 -15.62 -30.29
C ILE A 188 2.61 -14.45 -30.42
N ILE A 189 3.86 -14.73 -30.80
CA ILE A 189 4.88 -13.68 -30.89
C ILE A 189 5.26 -13.44 -32.34
N TRP A 190 5.49 -12.18 -32.71
CA TRP A 190 5.97 -11.88 -34.07
C TRP A 190 7.05 -10.79 -34.07
N GLY A 191 7.58 -10.47 -35.24
CA GLY A 191 8.71 -9.56 -35.28
C GLY A 191 8.82 -8.69 -36.52
N VAL A 192 9.54 -7.59 -36.40
CA VAL A 192 9.78 -6.71 -37.52
C VAL A 192 11.25 -6.37 -37.56
N HIS A 193 11.86 -6.57 -38.71
CA HIS A 193 13.30 -6.45 -38.88
C HIS A 193 13.70 -5.04 -39.31
N HIS A 194 14.65 -4.45 -38.59
CA HIS A 194 15.13 -3.13 -38.92
C HIS A 194 16.56 -3.18 -39.48
N PRO A 195 16.69 -3.13 -40.82
CA PRO A 195 17.96 -3.21 -41.56
C PRO A 195 18.89 -2.04 -41.29
N ASN A 196 20.18 -2.23 -41.53
CA ASN A 196 21.20 -1.22 -41.29
C ASN A 196 21.26 -0.16 -42.40
N ASP A 197 20.82 -0.53 -43.60
CA ASP A 197 20.91 0.36 -44.76
C ASP A 197 19.97 -0.08 -45.87
N GLU A 198 19.59 0.86 -46.73
CA GLU A 198 18.60 0.60 -47.76
C GLU A 198 19.00 -0.55 -48.69
N THR A 199 20.29 -0.82 -48.80
CA THR A 199 20.76 -1.93 -49.62
C THR A 199 20.33 -3.25 -49.03
N GLU A 200 20.76 -3.50 -47.80
CA GLU A 200 20.37 -4.68 -47.05
C GLU A 200 18.87 -4.91 -47.18
N GLN A 201 18.08 -3.84 -47.06
CA GLN A 201 16.64 -3.93 -47.19
C GLN A 201 16.23 -4.51 -48.52
N ARG A 202 16.88 -4.04 -49.59
CA ARG A 202 16.55 -4.52 -50.93
C ARG A 202 17.03 -5.94 -51.17
N THR A 203 18.27 -6.24 -50.80
CA THR A 203 18.80 -7.58 -51.02
C THR A 203 18.18 -8.61 -50.08
N LEU A 204 17.22 -8.18 -49.26
CA LEU A 204 16.48 -9.09 -48.41
C LEU A 204 14.99 -9.18 -48.78
N TYR A 205 14.47 -8.13 -49.39
CA TYR A 205 13.02 -8.05 -49.58
C TYR A 205 12.60 -7.42 -50.89
N GLN A 206 13.55 -6.93 -51.68
CA GLN A 206 13.27 -6.24 -52.93
C GLN A 206 12.56 -4.90 -52.74
N ASN A 207 11.43 -4.93 -52.06
CA ASN A 207 10.59 -3.76 -51.89
C ASN A 207 11.19 -2.74 -50.93
N VAL A 208 10.70 -1.50 -50.96
CA VAL A 208 11.23 -0.48 -50.07
C VAL A 208 10.19 0.17 -49.16
N GLY A 209 8.96 0.33 -49.66
CA GLY A 209 7.90 0.87 -48.83
C GLY A 209 7.13 -0.22 -48.08
N THR A 210 7.83 -0.99 -47.26
CA THR A 210 7.21 -2.18 -46.68
C THR A 210 6.56 -1.90 -45.35
N TYR A 211 5.73 -2.86 -44.92
CA TYR A 211 4.97 -2.77 -43.68
C TYR A 211 4.66 -4.18 -43.18
N VAL A 212 4.42 -4.30 -41.88
CA VAL A 212 4.05 -5.58 -41.29
C VAL A 212 2.76 -5.38 -40.54
N SER A 213 1.74 -6.15 -40.90
CA SER A 213 0.41 -5.90 -40.37
C SER A 213 -0.15 -7.11 -39.63
N VAL A 214 -0.55 -6.90 -38.37
CA VAL A 214 -1.03 -8.00 -37.55
C VAL A 214 -2.42 -7.63 -37.00
N GLY A 215 -3.38 -8.54 -37.09
CA GLY A 215 -4.74 -8.24 -36.65
C GLY A 215 -5.47 -9.35 -35.93
N THR A 216 -6.37 -8.99 -35.03
CA THR A 216 -7.27 -9.97 -34.43
C THR A 216 -8.62 -9.32 -34.23
N SER A 217 -9.53 -9.97 -33.48
CA SER A 217 -10.79 -9.30 -33.14
C SER A 217 -10.54 -8.09 -32.23
N THR A 218 -9.32 -8.00 -31.72
CA THR A 218 -9.02 -7.06 -30.69
C THR A 218 -7.77 -6.26 -31.01
N LEU A 219 -6.86 -6.90 -31.72
CA LEU A 219 -5.59 -6.29 -32.07
C LEU A 219 -5.67 -5.66 -33.44
N ASN A 220 -4.90 -4.60 -33.63
CA ASN A 220 -4.73 -4.00 -34.95
C ASN A 220 -3.46 -3.19 -34.94
N LYS A 221 -2.38 -3.78 -35.44
CA LYS A 221 -1.10 -3.13 -35.36
C LYS A 221 -0.44 -3.13 -36.72
N ARG A 222 0.04 -1.99 -37.16
CA ARG A 222 0.80 -1.89 -38.41
C ARG A 222 2.14 -1.27 -38.10
N SER A 223 3.20 -1.84 -38.61
CA SER A 223 4.54 -1.36 -38.33
C SER A 223 5.29 -1.21 -39.64
N THR A 224 6.03 -0.12 -39.77
CA THR A 224 6.95 0.03 -40.88
C THR A 224 8.36 -0.07 -40.30
N PRO A 225 9.27 -0.67 -41.06
CA PRO A 225 10.63 -0.88 -40.57
C PRO A 225 11.41 0.42 -40.52
N ASP A 226 12.39 0.48 -39.62
CA ASP A 226 13.21 1.66 -39.47
C ASP A 226 14.61 1.37 -40.00
N ILE A 227 14.93 1.96 -41.14
CA ILE A 227 16.23 1.76 -41.76
C ILE A 227 17.15 2.90 -41.39
N ALA A 228 18.20 2.59 -40.63
CA ALA A 228 19.11 3.59 -40.12
C ALA A 228 20.36 2.94 -39.62
N THR A 229 21.44 3.70 -39.54
CA THR A 229 22.70 3.16 -39.04
C THR A 229 22.72 3.09 -37.51
N ARG A 230 23.33 2.05 -36.96
CA ARG A 230 23.35 1.88 -35.52
C ARG A 230 24.65 1.30 -35.01
N PRO A 231 24.96 1.55 -33.73
CA PRO A 231 26.08 0.89 -33.08
C PRO A 231 25.95 -0.60 -33.31
N LYS A 232 27.07 -1.30 -33.48
CA LYS A 232 27.02 -2.73 -33.75
C LYS A 232 26.84 -3.53 -32.49
N VAL A 233 25.86 -4.43 -32.48
CA VAL A 233 25.66 -5.36 -31.37
C VAL A 233 25.79 -6.78 -31.92
N ASN A 234 26.68 -7.56 -31.33
CA ASN A 234 27.03 -8.85 -31.93
C ASN A 234 27.31 -8.59 -33.40
N GLY A 235 28.14 -7.57 -33.63
CA GLY A 235 28.55 -7.18 -34.97
C GLY A 235 27.39 -6.82 -35.87
N LEU A 236 26.22 -6.58 -35.27
CA LEU A 236 25.02 -6.30 -36.03
C LEU A 236 24.47 -4.91 -35.78
N GLY A 237 24.24 -4.16 -36.84
CA GLY A 237 23.66 -2.83 -36.73
C GLY A 237 22.16 -2.91 -36.89
N SER A 238 21.72 -3.94 -37.60
CA SER A 238 20.29 -4.18 -37.76
C SER A 238 19.68 -4.56 -36.41
N ARG A 239 18.36 -4.64 -36.36
CA ARG A 239 17.66 -4.97 -35.13
C ARG A 239 16.38 -5.73 -35.41
N MET A 240 15.95 -6.55 -34.46
CA MET A 240 14.65 -7.22 -34.56
C MET A 240 13.73 -6.84 -33.39
N GLU A 241 12.55 -6.33 -33.72
CA GLU A 241 11.60 -5.85 -32.74
C GLU A 241 10.37 -6.76 -32.62
N PHE A 242 10.35 -7.57 -31.57
CA PHE A 242 9.27 -8.52 -31.36
C PHE A 242 8.11 -8.00 -30.50
N SER A 243 6.89 -8.33 -30.91
CA SER A 243 5.70 -7.97 -30.17
C SER A 243 4.90 -9.24 -29.97
N TRP A 244 3.89 -9.21 -29.11
CA TRP A 244 3.10 -10.41 -28.86
C TRP A 244 1.64 -10.08 -28.64
N THR A 245 0.76 -11.05 -28.84
CA THR A 245 -0.63 -10.90 -28.43
C THR A 245 -1.19 -12.19 -27.83
N LEU A 246 -2.34 -12.11 -27.19
CA LEU A 246 -2.99 -13.31 -26.68
C LEU A 246 -4.20 -13.62 -27.54
N LEU A 247 -4.03 -14.45 -28.56
CA LEU A 247 -5.14 -14.82 -29.45
C LEU A 247 -6.20 -15.63 -28.74
N ASP A 248 -7.43 -15.11 -28.70
CA ASP A 248 -8.51 -15.74 -27.95
C ASP A 248 -9.00 -17.04 -28.55
N MET A 249 -9.82 -17.76 -27.80
CA MET A 249 -10.45 -18.99 -28.28
C MET A 249 -11.39 -18.70 -29.45
N TRP A 250 -11.16 -19.37 -30.57
CA TRP A 250 -12.02 -19.29 -31.74
C TRP A 250 -11.81 -17.98 -32.52
N ASP A 251 -10.90 -17.15 -32.03
CA ASP A 251 -10.53 -15.95 -32.78
C ASP A 251 -9.44 -16.29 -33.80
N THR A 252 -9.20 -15.39 -34.74
CA THR A 252 -8.17 -15.61 -35.75
C THR A 252 -7.12 -14.49 -35.72
N ILE A 253 -5.91 -14.81 -36.16
CA ILE A 253 -4.88 -13.80 -36.29
C ILE A 253 -4.45 -13.69 -37.74
N ASN A 254 -4.45 -12.48 -38.29
CA ASN A 254 -4.11 -12.22 -39.69
C ASN A 254 -2.77 -11.51 -39.84
N PHE A 255 -1.78 -12.18 -40.42
CA PHE A 255 -0.53 -11.53 -40.80
C PHE A 255 -0.62 -11.05 -42.24
N GLU A 256 -0.03 -9.92 -42.54
CA GLU A 256 0.03 -9.43 -43.91
C GLU A 256 1.25 -8.54 -43.98
N SER A 257 2.07 -8.71 -45.00
CA SER A 257 3.34 -7.99 -45.04
C SER A 257 3.97 -7.95 -46.42
N THR A 258 4.56 -6.81 -46.76
CA THR A 258 5.32 -6.71 -48.01
C THR A 258 6.82 -6.82 -47.77
N GLY A 259 7.19 -7.27 -46.57
CA GLY A 259 8.59 -7.39 -46.20
C GLY A 259 8.88 -7.06 -44.74
N ASN A 260 9.95 -7.64 -44.22
CA ASN A 260 10.44 -7.34 -42.87
C ASN A 260 9.69 -8.03 -41.73
N LEU A 261 8.74 -8.90 -42.06
CA LEU A 261 8.03 -9.67 -41.04
C LEU A 261 8.84 -10.90 -40.67
N ILE A 262 8.99 -11.13 -39.38
CA ILE A 262 9.59 -12.33 -38.86
C ILE A 262 8.45 -13.10 -38.21
N ALA A 263 7.78 -13.97 -38.97
CA ALA A 263 6.55 -14.58 -38.49
C ALA A 263 6.77 -15.79 -37.60
N PRO A 264 5.75 -16.16 -36.81
CA PRO A 264 5.88 -17.31 -35.92
C PRO A 264 5.66 -18.61 -36.70
N GLU A 265 6.34 -19.67 -36.30
CA GLU A 265 5.99 -21.00 -36.76
C GLU A 265 5.05 -21.59 -35.72
N TYR A 266 5.32 -21.27 -34.46
CA TYR A 266 4.58 -21.87 -33.36
C TYR A 266 3.79 -20.87 -32.51
N GLY A 267 2.73 -21.37 -31.89
CA GLY A 267 1.99 -20.63 -30.90
C GLY A 267 2.24 -21.26 -29.55
N PHE A 268 1.55 -20.79 -28.52
CA PHE A 268 1.67 -21.39 -27.21
C PHE A 268 0.31 -21.42 -26.53
N LYS A 269 -0.29 -22.60 -26.41
CA LYS A 269 -1.54 -22.72 -25.67
C LYS A 269 -1.22 -22.39 -24.23
N ILE A 270 -1.97 -21.48 -23.63
CA ILE A 270 -1.68 -21.11 -22.26
C ILE A 270 -2.95 -20.96 -21.41
N SER A 271 -2.94 -21.62 -20.27
CA SER A 271 -4.09 -21.55 -19.38
C SER A 271 -3.61 -21.19 -17.99
N LYS A 272 -4.21 -20.16 -17.43
CA LYS A 272 -3.94 -19.78 -16.07
C LYS A 272 -5.27 -19.35 -15.47
N ARG A 273 -5.61 -19.67 -14.20
CA ARG A 273 -4.83 -20.36 -13.16
C ARG A 273 -4.78 -19.44 -11.96
N GLY A 274 -3.75 -18.61 -11.94
CA GLY A 274 -3.56 -17.62 -10.89
C GLY A 274 -2.50 -16.63 -11.35
N SER A 275 -1.45 -16.47 -10.55
CA SER A 275 -0.37 -15.55 -10.90
C SER A 275 0.74 -15.61 -9.87
N SER A 276 1.96 -15.78 -10.35
CA SER A 276 3.11 -15.89 -9.48
C SER A 276 4.06 -14.77 -9.80
N GLY A 277 5.33 -15.11 -9.97
CA GLY A 277 6.35 -14.12 -10.27
C GLY A 277 7.68 -14.75 -10.61
N ILE A 278 8.63 -13.92 -11.04
CA ILE A 278 9.94 -14.42 -11.38
C ILE A 278 10.92 -14.28 -10.22
N MET A 279 11.62 -15.37 -9.91
CA MET A 279 12.63 -15.39 -8.84
C MET A 279 14.08 -15.40 -9.37
N LYS A 280 14.79 -14.31 -9.12
CA LYS A 280 16.17 -14.19 -9.54
C LYS A 280 17.09 -15.01 -8.64
N THR A 281 17.80 -15.97 -9.21
CA THR A 281 18.70 -16.80 -8.44
C THR A 281 19.73 -17.53 -9.30
N GLU A 282 20.85 -17.91 -8.71
CA GLU A 282 21.89 -18.65 -9.43
C GLU A 282 21.68 -20.15 -9.30
N GLY A 283 20.91 -20.55 -8.30
CA GLY A 283 20.76 -21.95 -7.94
C GLY A 283 19.84 -22.74 -8.85
N THR A 284 19.68 -24.02 -8.54
CA THR A 284 18.93 -24.95 -9.38
C THR A 284 17.86 -25.67 -8.56
N LEU A 285 16.80 -26.12 -9.22
CA LEU A 285 15.72 -26.85 -8.55
C LEU A 285 16.28 -28.05 -7.80
N GLU A 286 15.61 -28.50 -6.74
CA GLU A 286 16.21 -29.55 -5.91
C GLU A 286 15.33 -30.67 -5.35
N ASN A 287 14.04 -30.67 -5.66
CA ASN A 287 13.17 -31.77 -5.22
C ASN A 287 12.89 -31.83 -3.72
N CYS A 288 12.50 -30.70 -3.15
CA CYS A 288 11.96 -30.67 -1.81
C CYS A 288 10.61 -29.99 -1.93
N GLU A 289 9.93 -29.80 -0.81
CA GLU A 289 8.63 -29.16 -0.84
C GLU A 289 8.64 -27.84 -0.08
N THR A 290 7.64 -27.00 -0.34
CA THR A 290 7.47 -25.77 0.42
C THR A 290 6.19 -25.03 0.01
N LYS A 291 5.69 -24.21 0.93
CA LYS A 291 4.58 -23.31 0.64
C LYS A 291 5.10 -21.88 0.60
N CYS A 292 6.41 -21.73 0.81
CA CYS A 292 7.04 -20.43 0.90
C CYS A 292 8.51 -20.46 0.47
N GLN A 293 8.80 -19.90 -0.71
CA GLN A 293 10.14 -19.95 -1.30
C GLN A 293 10.87 -18.60 -1.34
N THR A 294 12.08 -18.60 -0.81
CA THR A 294 12.95 -17.43 -0.93
C THR A 294 14.14 -17.75 -1.84
N PRO A 295 14.87 -16.71 -2.26
CA PRO A 295 16.02 -16.88 -3.14
C PRO A 295 17.19 -17.51 -2.38
N LEU A 296 17.12 -17.52 -1.06
CA LEU A 296 18.15 -18.12 -0.24
C LEU A 296 17.80 -19.54 0.12
N GLY A 297 16.52 -19.87 0.01
CA GLY A 297 16.04 -21.18 0.37
C GLY A 297 14.55 -21.18 0.67
N ALA A 298 14.02 -22.32 1.10
CA ALA A 298 12.60 -22.45 1.37
C ALA A 298 12.27 -22.38 2.86
N ILE A 299 11.22 -21.63 3.18
CA ILE A 299 10.80 -21.48 4.55
C ILE A 299 9.72 -22.50 4.89
N ASN A 300 9.79 -23.07 6.08
CA ASN A 300 8.75 -23.97 6.56
C ASN A 300 8.40 -23.64 8.02
N THR A 301 7.38 -22.82 8.22
CA THR A 301 7.08 -22.35 9.57
C THR A 301 5.62 -21.97 9.84
N THR A 302 5.24 -22.07 11.10
CA THR A 302 3.93 -21.66 11.53
C THR A 302 4.01 -20.26 12.11
N LEU A 303 5.23 -19.79 12.27
CA LEU A 303 5.50 -18.49 12.87
C LEU A 303 4.94 -17.33 12.06
N PRO A 304 4.51 -16.27 12.75
CA PRO A 304 3.88 -15.07 12.20
C PRO A 304 4.86 -14.15 11.46
N PHE A 305 6.14 -14.16 11.82
CA PHE A 305 7.12 -13.28 11.19
C PHE A 305 8.42 -14.00 10.80
N HIS A 306 9.16 -13.41 9.86
CA HIS A 306 10.48 -13.91 9.47
C HIS A 306 11.35 -12.77 8.92
N ASN A 307 12.64 -13.02 8.79
CA ASN A 307 13.56 -12.00 8.29
C ASN A 307 14.57 -12.63 7.33
N VAL A 308 14.18 -13.74 6.74
CA VAL A 308 15.04 -14.52 5.88
C VAL A 308 15.52 -13.75 4.64
N HIS A 309 14.58 -13.08 4.00
CA HIS A 309 14.85 -12.41 2.73
C HIS A 309 13.53 -11.83 2.27
N PRO A 310 13.57 -10.60 1.74
CA PRO A 310 12.32 -9.92 1.42
C PRO A 310 11.64 -10.47 0.16
N LEU A 311 12.41 -11.00 -0.79
CA LEU A 311 11.82 -11.43 -2.04
C LEU A 311 11.29 -12.86 -2.01
N THR A 312 10.10 -13.05 -1.47
CA THR A 312 9.53 -14.39 -1.31
C THR A 312 8.41 -14.67 -2.29
N ILE A 313 8.03 -15.94 -2.41
CA ILE A 313 6.89 -16.35 -3.22
C ILE A 313 6.15 -17.50 -2.56
N GLY A 314 4.84 -17.34 -2.41
CA GLY A 314 4.03 -18.33 -1.73
C GLY A 314 3.34 -17.73 -0.53
N GLU A 315 2.92 -18.57 0.40
CA GLU A 315 2.27 -18.13 1.62
C GLU A 315 3.32 -17.96 2.70
N CYS A 316 3.76 -16.72 2.88
CA CYS A 316 4.89 -16.46 3.74
C CYS A 316 4.52 -15.66 4.97
N PRO A 317 5.37 -15.71 5.99
CA PRO A 317 5.14 -14.88 7.18
C PRO A 317 5.45 -13.44 6.84
N LYS A 318 5.10 -12.52 7.73
CA LYS A 318 5.38 -11.12 7.50
C LYS A 318 6.89 -10.86 7.59
N TYR A 319 7.46 -10.30 6.52
CA TYR A 319 8.87 -9.99 6.55
C TYR A 319 9.06 -8.75 7.40
N VAL A 320 10.01 -8.84 8.33
CA VAL A 320 10.20 -7.83 9.36
C VAL A 320 11.70 -7.54 9.54
N LYS A 321 12.05 -6.33 9.96
CA LYS A 321 13.46 -5.98 10.18
C LYS A 321 13.88 -6.22 11.63
N SER A 322 13.87 -7.48 12.06
CA SER A 322 14.25 -7.81 13.43
C SER A 322 15.22 -8.95 13.44
N GLU A 323 15.89 -9.14 14.57
CA GLU A 323 16.84 -10.21 14.71
C GLU A 323 16.27 -11.26 15.65
N LYS A 324 15.50 -10.80 16.62
CA LYS A 324 14.82 -11.70 17.55
C LYS A 324 13.46 -11.13 17.93
N LEU A 325 12.47 -12.01 18.15
CA LEU A 325 11.14 -11.62 18.63
C LEU A 325 10.68 -12.65 19.63
N VAL A 326 11.05 -12.50 20.89
CA VAL A 326 10.86 -13.59 21.84
C VAL A 326 9.80 -13.35 22.89
N LEU A 327 8.78 -14.22 22.88
CA LEU A 327 7.75 -14.23 23.93
C LEU A 327 8.22 -14.95 25.17
N ALA A 328 8.12 -14.30 26.31
CA ALA A 328 8.21 -15.03 27.56
C ALA A 328 6.94 -15.86 27.66
N THR A 329 7.06 -17.05 28.23
CA THR A 329 5.93 -17.96 28.39
C THR A 329 5.87 -18.45 29.82
N GLY A 330 7.02 -18.87 30.34
CA GLY A 330 7.13 -19.27 31.74
C GLY A 330 7.34 -18.03 32.57
N LEU A 331 7.69 -18.19 33.84
CA LEU A 331 7.82 -17.01 34.70
C LEU A 331 9.26 -16.50 34.85
N ARG A 332 9.40 -15.34 35.50
CA ARG A 332 10.72 -14.79 35.76
C ARG A 332 11.55 -15.79 36.57
N ASN A 333 12.73 -16.14 36.06
CA ASN A 333 13.61 -17.09 36.74
C ASN A 333 14.39 -16.41 37.86
N VAL A 334 14.08 -16.77 39.10
CA VAL A 334 14.65 -16.06 40.24
C VAL A 334 15.43 -16.98 41.18
N PRO A 335 16.69 -17.26 40.82
CA PRO A 335 17.55 -18.11 41.66
C PRO A 335 17.84 -17.41 43.01
N GLY A 341 6.78 -7.52 40.81
CA GLY A 341 6.04 -7.07 39.65
C GLY A 341 4.85 -6.25 40.06
N LEU A 342 3.79 -6.27 39.25
CA LEU A 342 2.57 -5.53 39.57
C LEU A 342 1.95 -5.93 40.90
N PHE A 343 2.12 -7.20 41.26
CA PHE A 343 1.44 -7.73 42.43
C PHE A 343 2.42 -8.02 43.55
N GLY A 344 3.71 -7.86 43.24
CA GLY A 344 4.77 -7.84 44.24
C GLY A 344 5.04 -9.15 44.97
N ALA A 345 4.74 -10.26 44.28
CA ALA A 345 4.95 -11.58 44.85
C ALA A 345 6.27 -12.16 44.36
N ILE A 346 6.36 -12.41 43.06
CA ILE A 346 7.57 -12.95 42.46
C ILE A 346 8.69 -11.92 42.50
N ALA A 347 9.88 -12.36 42.90
CA ALA A 347 11.01 -11.48 43.18
C ALA A 347 10.56 -10.28 44.02
N GLY A 348 9.50 -10.49 44.79
CA GLY A 348 8.92 -9.45 45.62
C GLY A 348 8.98 -9.83 47.09
N PHE A 349 7.82 -10.07 47.70
CA PHE A 349 7.80 -10.46 49.11
C PHE A 349 8.15 -11.94 49.25
N ILE A 350 8.11 -12.66 48.13
CA ILE A 350 8.64 -14.00 48.07
C ILE A 350 9.97 -13.93 47.29
N GLU A 351 11.08 -13.83 48.05
CA GLU A 351 12.39 -13.44 47.50
C GLU A 351 12.94 -14.24 46.33
N GLY A 352 12.70 -15.55 46.33
CA GLY A 352 13.26 -16.36 45.27
C GLY A 352 12.39 -17.54 44.83
N GLY A 353 12.89 -18.28 43.85
CA GLY A 353 12.19 -19.45 43.35
C GLY A 353 12.79 -20.76 43.85
N TRP A 354 12.01 -21.83 43.74
CA TRP A 354 12.45 -23.13 44.20
C TRP A 354 12.80 -24.05 43.04
N GLN A 355 14.08 -24.44 42.98
CA GLN A 355 14.52 -25.44 42.01
C GLN A 355 13.92 -26.78 42.38
N GLY A 356 13.58 -26.93 43.67
CA GLY A 356 13.03 -28.15 44.21
C GLY A 356 11.68 -28.51 43.63
N MET A 357 10.89 -27.51 43.25
CA MET A 357 9.58 -27.79 42.66
C MET A 357 9.71 -28.05 41.16
N ILE A 358 9.19 -29.20 40.72
CA ILE A 358 9.36 -29.64 39.34
C ILE A 358 8.01 -29.96 38.69
N ASP A 359 7.00 -30.20 39.52
CA ASP A 359 5.69 -30.61 39.05
C ASP A 359 5.02 -29.53 38.19
N GLY A 360 5.22 -28.28 38.58
CA GLY A 360 4.54 -27.17 37.91
C GLY A 360 5.11 -25.79 38.21
N TRP A 361 4.34 -24.75 37.88
CA TRP A 361 4.84 -23.37 37.99
C TRP A 361 4.75 -22.82 39.40
N TYR A 362 3.69 -23.17 40.11
CA TYR A 362 3.53 -22.71 41.48
C TYR A 362 3.06 -23.86 42.35
N GLY A 363 3.25 -23.73 43.66
CA GLY A 363 2.90 -24.78 44.58
C GLY A 363 3.41 -24.46 45.97
N TYR A 364 3.41 -25.46 46.86
CA TYR A 364 3.71 -25.25 48.27
C TYR A 364 4.94 -26.01 48.76
N HIS A 365 5.31 -25.78 50.02
CA HIS A 365 6.39 -26.55 50.62
C HIS A 365 5.90 -27.43 51.78
N HIS A 366 5.58 -26.79 52.91
CA HIS A 366 5.17 -27.49 54.14
C HIS A 366 6.29 -28.27 54.84
N SER A 367 6.56 -27.89 56.08
CA SER A 367 7.54 -28.59 56.90
C SER A 367 6.81 -29.24 58.06
N ASN A 368 6.86 -30.56 58.13
CA ASN A 368 6.05 -31.31 59.08
C ASN A 368 6.93 -32.21 59.95
N ASP A 369 6.33 -32.91 60.89
CA ASP A 369 7.04 -33.92 61.67
C ASP A 369 6.86 -35.29 61.04
N GLN A 370 6.22 -35.33 59.87
CA GLN A 370 6.12 -36.55 59.08
C GLN A 370 7.02 -36.47 57.85
N GLY A 371 7.66 -35.32 57.67
CA GLY A 371 8.59 -35.10 56.58
C GLY A 371 8.39 -33.76 55.90
N SER A 372 9.41 -33.29 55.19
CA SER A 372 9.28 -32.08 54.38
C SER A 372 8.86 -32.45 52.95
N GLY A 373 8.60 -31.44 52.12
CA GLY A 373 8.21 -31.71 50.75
C GLY A 373 8.04 -30.50 49.84
N TYR A 374 7.92 -30.78 48.55
CA TYR A 374 7.48 -29.81 47.55
C TYR A 374 6.27 -30.41 46.84
N ALA A 375 5.42 -29.57 46.28
CA ALA A 375 4.26 -30.08 45.56
C ALA A 375 3.57 -28.95 44.80
N ALA A 376 3.64 -29.00 43.48
CA ALA A 376 3.03 -27.96 42.68
C ALA A 376 1.52 -27.98 42.84
N ASP A 377 0.91 -26.80 42.68
CA ASP A 377 -0.54 -26.68 42.69
C ASP A 377 -1.12 -26.97 41.31
N LYS A 378 -1.57 -28.20 41.09
CA LYS A 378 -2.00 -28.62 39.76
C LYS A 378 -2.96 -27.62 39.12
N GLU A 379 -4.05 -27.32 39.81
CA GLU A 379 -5.12 -26.50 39.23
C GLU A 379 -4.65 -25.11 38.79
N SER A 380 -3.82 -24.48 39.61
CA SER A 380 -3.29 -23.17 39.26
C SER A 380 -2.24 -23.23 38.14
N THR A 381 -1.35 -24.21 38.17
CA THR A 381 -0.37 -24.34 37.11
C THR A 381 -1.07 -24.70 35.81
N GLN A 382 -2.16 -25.45 35.90
CA GLN A 382 -2.88 -25.82 34.71
C GLN A 382 -3.52 -24.59 34.10
N LYS A 383 -4.34 -23.90 34.88
CA LYS A 383 -5.05 -22.73 34.38
C LYS A 383 -4.09 -21.72 33.75
N ALA A 384 -2.83 -21.74 34.21
CA ALA A 384 -1.83 -20.79 33.73
C ALA A 384 -1.24 -21.24 32.41
N PHE A 385 -0.79 -22.50 32.39
CA PHE A 385 -0.21 -23.09 31.20
C PHE A 385 -1.21 -23.03 30.05
N ASP A 386 -2.49 -23.18 30.36
CA ASP A 386 -3.52 -23.09 29.34
C ASP A 386 -3.60 -21.67 28.81
N GLY A 387 -3.58 -20.71 29.73
CA GLY A 387 -3.63 -19.31 29.37
C GLY A 387 -2.46 -18.90 28.48
N ILE A 388 -1.24 -19.13 28.98
CA ILE A 388 -0.04 -18.82 28.23
C ILE A 388 -0.06 -19.50 26.88
N THR A 389 -0.76 -20.63 26.81
CA THR A 389 -0.94 -21.30 25.53
C THR A 389 -1.82 -20.48 24.62
N ASN A 390 -3.01 -20.12 25.08
CA ASN A 390 -3.86 -19.25 24.29
C ASN A 390 -3.12 -18.00 23.81
N LYS A 391 -2.33 -17.38 24.68
CA LYS A 391 -1.55 -16.20 24.31
C LYS A 391 -0.71 -16.48 23.09
N VAL A 392 0.26 -17.37 23.23
CA VAL A 392 1.12 -17.70 22.10
C VAL A 392 0.29 -18.08 20.87
N ASN A 393 -0.61 -19.04 21.02
CA ASN A 393 -1.43 -19.39 19.89
C ASN A 393 -2.12 -18.19 19.26
N SER A 394 -2.73 -17.35 20.08
CA SER A 394 -3.36 -16.12 19.57
C SER A 394 -2.45 -15.21 18.74
N VAL A 395 -1.27 -14.88 19.28
CA VAL A 395 -0.25 -14.11 18.54
C VAL A 395 0.05 -14.79 17.20
N ILE A 396 0.14 -16.11 17.21
CA ILE A 396 0.43 -16.88 16.00
C ILE A 396 -0.71 -17.09 15.02
N GLU A 397 -1.86 -17.60 15.46
CA GLU A 397 -2.89 -18.01 14.51
C GLU A 397 -3.90 -16.94 14.09
N LYS A 398 -3.79 -15.73 14.61
CA LYS A 398 -4.63 -14.63 14.14
C LYS A 398 -4.02 -13.92 12.94
N MET A 399 -2.77 -14.25 12.65
CA MET A 399 -2.06 -13.65 11.52
C MET A 399 -2.66 -14.12 10.22
N ASN A 400 -3.23 -13.20 9.46
CA ASN A 400 -3.75 -13.51 8.12
C ASN A 400 -2.62 -13.63 7.10
N THR A 401 -2.65 -14.71 6.34
CA THR A 401 -1.56 -15.02 5.42
C THR A 401 -2.08 -15.49 4.06
N GLN A 402 -1.85 -14.69 3.02
CA GLN A 402 -2.19 -15.09 1.67
C GLN A 402 -0.98 -15.31 0.78
N PHE A 403 -1.23 -15.57 -0.50
CA PHE A 403 -0.16 -15.95 -1.43
C PHE A 403 0.28 -14.75 -2.24
N GLU A 404 1.57 -14.41 -2.19
CA GLU A 404 2.06 -13.25 -2.91
C GLU A 404 3.42 -13.51 -3.56
N ALA A 405 3.82 -12.60 -4.44
CA ALA A 405 5.07 -12.73 -5.21
C ALA A 405 6.18 -11.75 -4.78
N VAL A 406 5.81 -10.56 -4.33
CA VAL A 406 6.79 -9.58 -3.83
C VAL A 406 7.75 -9.08 -4.89
N GLY A 407 8.82 -9.84 -5.15
CA GLY A 407 9.75 -9.46 -6.21
C GLY A 407 8.98 -9.09 -7.47
N LYS A 408 9.34 -7.99 -8.12
CA LYS A 408 8.61 -7.57 -9.31
C LYS A 408 9.46 -7.04 -10.45
N GLU A 409 8.84 -6.90 -11.63
CA GLU A 409 9.55 -6.57 -12.86
C GLU A 409 9.08 -5.25 -13.44
N PHE A 410 10.05 -4.37 -13.68
CA PHE A 410 9.80 -3.06 -14.24
C PHE A 410 10.92 -2.67 -15.21
N SER A 411 10.54 -2.01 -16.30
CA SER A 411 11.48 -1.59 -17.34
C SER A 411 12.29 -0.38 -16.90
N ASN A 412 12.97 0.26 -17.84
CA ASN A 412 13.78 1.42 -17.48
C ASN A 412 12.97 2.70 -17.49
N LEU A 413 11.88 2.69 -18.24
CA LEU A 413 10.98 3.84 -18.30
C LEU A 413 9.88 3.67 -17.27
N GLU A 414 10.16 2.83 -16.28
CA GLU A 414 9.22 2.56 -15.21
C GLU A 414 9.85 2.73 -13.83
N ARG A 415 10.90 3.54 -13.75
CA ARG A 415 11.60 3.71 -12.49
C ARG A 415 10.67 4.24 -11.40
N ARG A 416 9.63 4.95 -11.80
CA ARG A 416 8.60 5.47 -10.88
C ARG A 416 7.63 4.39 -10.39
N LEU A 417 7.14 3.59 -11.32
CA LEU A 417 6.28 2.49 -10.97
C LEU A 417 7.05 1.61 -10.02
N GLU A 418 8.28 1.27 -10.38
CA GLU A 418 9.15 0.52 -9.50
C GLU A 418 9.26 1.18 -8.12
N ASN A 419 9.55 2.47 -8.09
CA ASN A 419 9.70 3.16 -6.82
C ASN A 419 8.43 3.21 -5.99
N LEU A 420 7.29 3.25 -6.67
CA LEU A 420 5.99 3.23 -6.02
C LEU A 420 5.79 1.90 -5.30
N ASN A 421 6.26 0.84 -5.94
CA ASN A 421 6.24 -0.47 -5.31
C ASN A 421 7.16 -0.53 -4.11
N LYS A 422 8.36 0.04 -4.22
CA LYS A 422 9.28 0.08 -3.09
C LYS A 422 8.75 0.91 -1.91
N LYS A 423 8.23 2.10 -2.16
CA LYS A 423 7.60 2.91 -1.12
C LYS A 423 6.53 2.10 -0.37
N MET A 424 5.76 1.34 -1.14
CA MET A 424 4.74 0.48 -0.55
C MET A 424 5.28 -0.72 0.23
N GLU A 425 6.24 -1.45 -0.34
CA GLU A 425 6.81 -2.62 0.32
C GLU A 425 7.49 -2.18 1.62
N ASP A 426 8.21 -1.06 1.56
CA ASP A 426 8.84 -0.48 2.74
C ASP A 426 7.81 -0.13 3.80
N GLY A 427 6.75 0.54 3.34
CA GLY A 427 5.68 0.99 4.20
C GLY A 427 5.19 -0.12 5.10
N PHE A 428 4.94 -1.28 4.50
CA PHE A 428 4.49 -2.45 5.26
C PHE A 428 5.60 -3.01 6.16
N LEU A 429 6.85 -3.00 5.68
CA LEU A 429 7.97 -3.44 6.50
C LEU A 429 8.03 -2.66 7.80
N ASP A 430 8.02 -1.33 7.69
CA ASP A 430 8.03 -0.46 8.86
C ASP A 430 6.87 -0.79 9.81
N VAL A 431 5.65 -0.87 9.26
CA VAL A 431 4.43 -1.15 10.03
C VAL A 431 4.50 -2.48 10.77
N TRP A 432 4.90 -3.53 10.07
CA TRP A 432 4.92 -4.84 10.72
C TRP A 432 6.03 -4.88 11.76
N THR A 433 7.16 -4.25 11.48
CA THR A 433 8.27 -4.34 12.40
C THR A 433 7.93 -3.63 13.70
N TYR A 434 7.45 -2.40 13.58
CA TYR A 434 7.12 -1.61 14.75
C TYR A 434 6.13 -2.37 15.58
N ASN A 435 5.15 -2.99 14.93
CA ASN A 435 4.14 -3.73 15.68
C ASN A 435 4.66 -5.00 16.35
N ALA A 436 5.25 -5.92 15.57
CA ALA A 436 5.79 -7.14 16.15
C ALA A 436 6.76 -6.86 17.32
N GLU A 437 7.66 -5.89 17.13
CA GLU A 437 8.56 -5.44 18.20
C GLU A 437 7.80 -5.12 19.48
N LEU A 438 6.92 -4.13 19.39
CA LEU A 438 6.06 -3.70 20.51
C LEU A 438 5.08 -4.76 20.99
N LEU A 439 4.59 -5.61 20.09
CA LEU A 439 3.70 -6.70 20.50
C LEU A 439 4.39 -7.62 21.51
N VAL A 440 5.56 -8.10 21.12
CA VAL A 440 6.40 -8.88 22.01
C VAL A 440 6.68 -8.13 23.31
N LEU A 441 7.19 -6.91 23.19
CA LEU A 441 7.47 -6.09 24.37
C LEU A 441 6.28 -5.97 25.32
N MET A 442 5.13 -5.54 24.80
CA MET A 442 3.98 -5.29 25.65
C MET A 442 3.45 -6.60 26.19
N GLU A 443 3.36 -7.60 25.32
CA GLU A 443 2.80 -8.88 25.76
C GLU A 443 3.68 -9.54 26.79
N ASN A 444 4.94 -9.14 26.85
CA ASN A 444 5.85 -9.77 27.79
C ASN A 444 5.79 -9.16 29.18
N GLU A 445 5.60 -7.86 29.30
CA GLU A 445 5.41 -7.33 30.64
C GLU A 445 4.12 -7.91 31.21
N ARG A 446 3.15 -8.16 30.34
CA ARG A 446 1.87 -8.75 30.74
C ARG A 446 2.05 -10.18 31.24
N THR A 447 2.80 -10.97 30.48
CA THR A 447 2.98 -12.37 30.83
C THR A 447 3.62 -12.50 32.22
N LEU A 448 4.71 -11.76 32.46
CA LEU A 448 5.35 -11.82 33.77
C LEU A 448 4.35 -11.42 34.85
N ASP A 449 3.72 -10.27 34.70
CA ASP A 449 2.72 -9.85 35.67
C ASP A 449 1.71 -10.96 35.92
N PHE A 450 1.24 -11.59 34.85
CA PHE A 450 0.31 -12.72 34.95
C PHE A 450 0.83 -13.76 35.96
N HIS A 451 2.01 -14.31 35.72
CA HIS A 451 2.61 -15.23 36.68
C HIS A 451 2.62 -14.64 38.09
N ASP A 452 3.16 -13.44 38.22
CA ASP A 452 3.22 -12.75 39.52
C ASP A 452 1.87 -12.80 40.23
N SER A 453 0.83 -12.38 39.53
CA SER A 453 -0.54 -12.43 40.05
C SER A 453 -0.93 -13.84 40.50
N ASN A 454 -0.82 -14.81 39.60
CA ASN A 454 -1.15 -16.19 39.95
C ASN A 454 -0.57 -16.62 41.30
N VAL A 455 0.74 -16.41 41.47
CA VAL A 455 1.37 -16.63 42.77
C VAL A 455 0.64 -15.85 43.87
N LYS A 456 0.64 -14.52 43.76
CA LYS A 456 -0.01 -13.69 44.76
C LYS A 456 -1.44 -14.12 45.08
N ASN A 457 -2.17 -14.62 44.09
CA ASN A 457 -3.50 -15.16 44.35
C ASN A 457 -3.44 -16.48 45.08
N LEU A 458 -2.46 -17.30 44.74
CA LEU A 458 -2.27 -18.57 45.44
C LEU A 458 -1.95 -18.30 46.90
N TYR A 459 -1.09 -17.30 47.13
CA TYR A 459 -0.72 -16.92 48.50
C TYR A 459 -1.91 -16.44 49.31
N ASP A 460 -2.70 -15.55 48.73
CA ASP A 460 -3.89 -15.02 49.38
C ASP A 460 -4.94 -16.08 49.63
N LYS A 461 -5.03 -17.08 48.75
CA LYS A 461 -6.06 -18.11 48.87
C LYS A 461 -5.83 -18.97 50.12
N VAL A 462 -4.56 -19.11 50.48
CA VAL A 462 -4.17 -19.82 51.69
C VAL A 462 -4.28 -18.91 52.91
N ARG A 463 -3.73 -17.71 52.83
CA ARG A 463 -3.82 -16.76 53.95
C ARG A 463 -5.25 -16.55 54.41
N MET A 464 -6.19 -16.50 53.46
CA MET A 464 -7.60 -16.28 53.78
C MET A 464 -8.24 -17.49 54.49
N GLN A 465 -7.76 -18.69 54.18
CA GLN A 465 -8.24 -19.89 54.87
C GLN A 465 -7.69 -19.95 56.28
N LEU A 466 -6.37 -19.99 56.37
CA LEU A 466 -5.68 -20.16 57.65
C LEU A 466 -6.06 -19.11 58.69
N ARG A 467 -6.25 -17.87 58.26
CA ARG A 467 -6.71 -16.82 59.16
C ARG A 467 -5.88 -16.68 60.43
N ASP A 468 -6.56 -17.02 61.52
CA ASP A 468 -6.14 -16.77 62.90
C ASP A 468 -5.10 -17.77 63.42
N ASN A 469 -5.08 -18.95 62.82
CA ASN A 469 -4.35 -20.07 63.39
C ASN A 469 -2.90 -20.17 62.95
N VAL A 470 -2.41 -19.14 62.28
CA VAL A 470 -1.02 -19.13 61.83
C VAL A 470 -0.38 -17.76 61.97
N LYS A 471 0.91 -17.76 62.32
CA LYS A 471 1.70 -16.55 62.31
C LYS A 471 2.05 -16.32 60.84
N GLU A 472 1.95 -15.07 60.39
CA GLU A 472 2.26 -14.75 59.01
C GLU A 472 3.70 -14.27 58.90
N LEU A 473 4.61 -15.20 58.62
CA LEU A 473 6.05 -14.90 58.63
C LEU A 473 6.44 -13.69 57.78
N GLY A 474 6.09 -13.72 56.49
CA GLY A 474 6.36 -12.58 55.62
C GLY A 474 7.22 -12.92 54.44
N ASN A 475 7.76 -14.14 54.42
CA ASN A 475 8.57 -14.60 53.31
C ASN A 475 7.72 -15.43 52.36
N GLY A 476 6.42 -15.47 52.63
CA GLY A 476 5.50 -16.21 51.82
C GLY A 476 5.13 -17.52 52.48
N CYS A 477 5.51 -17.64 53.75
CA CYS A 477 5.24 -18.84 54.52
C CYS A 477 4.31 -18.56 55.71
N PHE A 478 3.64 -19.60 56.17
CA PHE A 478 2.77 -19.45 57.32
C PHE A 478 3.18 -20.47 58.35
N GLU A 479 3.41 -20.02 59.59
CA GLU A 479 3.78 -20.90 60.69
C GLU A 479 2.56 -21.24 61.55
N PHE A 480 2.14 -22.49 61.47
CA PHE A 480 0.96 -22.95 62.20
C PHE A 480 1.14 -22.92 63.71
N TYR A 481 0.18 -22.32 64.41
CA TYR A 481 0.15 -22.46 65.85
C TYR A 481 -0.17 -23.91 66.18
N HIS A 482 -1.32 -24.40 65.73
CA HIS A 482 -1.65 -25.80 65.94
C HIS A 482 -0.80 -26.71 65.05
N LYS A 483 -0.71 -27.99 65.42
CA LYS A 483 0.03 -28.95 64.60
C LYS A 483 -0.78 -29.39 63.38
N CYS A 484 -0.11 -29.46 62.23
CA CYS A 484 -0.79 -29.63 60.96
C CYS A 484 -0.27 -30.85 60.20
N ASP A 485 -0.74 -32.03 60.57
CA ASP A 485 -0.33 -33.27 59.93
C ASP A 485 -0.66 -33.30 58.44
N ASP A 486 -0.21 -34.36 57.78
CA ASP A 486 -0.38 -34.49 56.34
C ASP A 486 -1.81 -34.18 55.88
N GLU A 487 -2.79 -34.85 56.48
CA GLU A 487 -4.20 -34.62 56.13
C GLU A 487 -4.48 -33.13 56.15
N CYS A 488 -4.21 -32.50 57.30
CA CYS A 488 -4.39 -31.07 57.47
C CYS A 488 -3.77 -30.25 56.34
N MET A 489 -2.49 -30.49 56.07
CA MET A 489 -1.81 -29.81 54.98
C MET A 489 -2.69 -29.92 53.75
N ASN A 490 -2.98 -31.14 53.35
CA ASN A 490 -3.80 -31.39 52.18
C ASN A 490 -5.10 -30.60 52.16
N SER A 491 -5.68 -30.33 53.33
CA SER A 491 -6.90 -29.53 53.39
C SER A 491 -6.58 -28.08 53.02
N VAL A 492 -5.36 -27.65 53.37
CA VAL A 492 -4.92 -26.28 53.06
C VAL A 492 -4.79 -26.08 51.55
N LYS A 493 -4.28 -27.11 50.88
CA LYS A 493 -4.12 -27.11 49.43
C LYS A 493 -5.42 -27.54 48.73
N ASN A 494 -6.21 -28.38 49.40
CA ASN A 494 -7.57 -28.71 48.99
C ASN A 494 -8.38 -27.44 48.76
N GLY A 495 -8.68 -26.77 49.86
CA GLY A 495 -9.62 -25.66 49.85
C GLY A 495 -10.56 -25.89 51.00
N THR A 496 -10.34 -27.01 51.68
CA THR A 496 -11.07 -27.38 52.88
C THR A 496 -10.56 -26.55 54.04
N TYR A 497 -9.82 -27.21 54.95
CA TYR A 497 -9.28 -26.58 56.15
C TYR A 497 -10.30 -25.78 56.97
N ASP A 498 -10.39 -26.08 58.26
CA ASP A 498 -11.31 -25.39 59.13
C ASP A 498 -11.26 -26.04 60.51
N ASP B 16 -25.06 -10.63 62.63
CA ASP B 16 -25.14 -9.53 61.67
C ASP B 16 -24.00 -9.65 60.67
N GLN B 17 -24.24 -9.18 59.45
CA GLN B 17 -23.22 -9.22 58.41
C GLN B 17 -23.42 -8.23 57.26
N ILE B 18 -22.36 -8.01 56.50
CA ILE B 18 -22.39 -7.22 55.27
C ILE B 18 -21.48 -7.84 54.20
N CYS B 19 -22.00 -7.93 52.98
CA CYS B 19 -21.28 -8.60 51.90
C CYS B 19 -20.92 -7.77 50.70
N ILE B 20 -19.86 -8.21 50.04
CA ILE B 20 -19.39 -7.57 48.83
C ILE B 20 -19.53 -8.52 47.63
N GLY B 21 -20.27 -8.06 46.62
CA GLY B 21 -20.55 -8.91 45.48
C GLY B 21 -20.70 -8.15 44.19
N TYR B 22 -20.90 -8.89 43.11
CA TYR B 22 -21.00 -8.31 41.78
C TYR B 22 -22.21 -8.85 41.01
N HIS B 23 -22.62 -8.10 40.00
CA HIS B 23 -23.80 -8.41 39.22
C HIS B 23 -23.65 -9.70 38.40
N ALA B 24 -24.76 -10.31 38.05
CA ALA B 24 -24.73 -11.46 37.16
C ALA B 24 -26.12 -11.72 36.59
N ASN B 25 -26.32 -11.39 35.32
CA ASN B 25 -27.62 -11.63 34.69
C ASN B 25 -27.68 -12.98 33.99
N ASN B 26 -28.62 -13.12 33.06
CA ASN B 26 -28.86 -14.40 32.40
C ASN B 26 -28.33 -14.42 30.98
N SER B 27 -27.32 -13.58 30.72
CA SER B 27 -26.75 -13.48 29.38
C SER B 27 -26.03 -14.75 28.96
N THR B 28 -25.94 -14.97 27.64
CA THR B 28 -25.18 -16.10 27.12
C THR B 28 -24.10 -15.62 26.14
N GLU B 29 -23.99 -14.29 26.02
CA GLU B 29 -23.02 -13.66 25.14
C GLU B 29 -21.59 -14.09 25.46
N LYS B 30 -20.88 -14.54 24.44
CA LYS B 30 -19.51 -15.02 24.61
C LYS B 30 -18.48 -14.09 23.99
N VAL B 31 -17.36 -13.86 24.68
CA VAL B 31 -16.25 -13.10 24.11
C VAL B 31 -15.00 -13.93 24.28
N ASP B 32 -13.93 -13.53 23.59
CA ASP B 32 -12.62 -14.16 23.75
C ASP B 32 -11.65 -13.16 24.36
N THR B 33 -10.68 -13.65 25.12
CA THR B 33 -9.62 -12.80 25.65
C THR B 33 -8.27 -13.42 25.27
N ILE B 34 -7.19 -12.69 25.47
CA ILE B 34 -5.88 -13.24 25.13
C ILE B 34 -5.70 -14.59 25.81
N LEU B 35 -6.07 -14.66 27.09
CA LEU B 35 -5.79 -15.86 27.89
C LEU B 35 -6.86 -16.98 27.86
N GLU B 36 -8.10 -16.64 27.56
CA GLU B 36 -9.16 -17.65 27.47
C GLU B 36 -10.07 -17.41 26.29
N ARG B 37 -10.97 -18.35 26.02
CA ARG B 37 -11.95 -18.21 24.96
C ARG B 37 -13.28 -18.79 25.38
N ASN B 38 -14.34 -18.44 24.66
CA ASN B 38 -15.69 -18.84 25.03
C ASN B 38 -16.07 -18.34 26.42
N VAL B 39 -15.58 -17.16 26.78
CA VAL B 39 -15.87 -16.56 28.07
C VAL B 39 -17.19 -15.81 28.06
N THR B 40 -18.04 -16.13 29.02
CA THR B 40 -19.38 -15.57 29.07
C THR B 40 -19.38 -14.30 29.90
N VAL B 41 -19.91 -13.22 29.33
CA VAL B 41 -19.97 -11.96 30.05
C VAL B 41 -21.39 -11.47 30.17
N THR B 42 -21.62 -10.51 31.06
CA THR B 42 -22.96 -10.03 31.30
C THR B 42 -23.50 -9.15 30.16
N HIS B 43 -22.62 -8.32 29.59
CA HIS B 43 -22.98 -7.48 28.45
C HIS B 43 -21.77 -7.31 27.53
N ALA B 44 -22.03 -7.23 26.21
CA ALA B 44 -20.94 -7.09 25.24
C ALA B 44 -21.35 -6.22 24.05
N LYS B 45 -20.38 -5.59 23.41
CA LYS B 45 -20.63 -4.75 22.25
C LYS B 45 -19.90 -5.38 21.06
N ASP B 46 -20.54 -5.40 19.90
CA ASP B 46 -19.88 -5.84 18.68
C ASP B 46 -19.46 -4.58 17.94
N ILE B 47 -18.21 -4.56 17.48
CA ILE B 47 -17.71 -3.40 16.76
C ILE B 47 -17.42 -3.73 15.30
N LEU B 48 -17.87 -4.91 14.87
CA LEU B 48 -17.74 -5.30 13.46
C LEU B 48 -19.05 -5.25 12.72
N GLU B 49 -19.16 -4.33 11.76
CA GLU B 49 -20.37 -4.15 10.99
C GLU B 49 -20.43 -5.20 9.90
N LYS B 50 -21.58 -5.86 9.77
CA LYS B 50 -21.74 -6.93 8.77
C LYS B 50 -23.06 -6.90 7.99
N THR B 51 -23.83 -5.83 8.16
CA THR B 51 -25.14 -5.74 7.56
C THR B 51 -25.26 -4.60 6.57
N HIS B 52 -26.06 -4.81 5.53
CA HIS B 52 -26.34 -3.81 4.51
C HIS B 52 -27.82 -3.75 4.20
N ASN B 53 -28.25 -2.69 3.52
CA ASN B 53 -29.67 -2.52 3.20
C ASN B 53 -29.99 -2.97 1.78
N GLY B 54 -29.10 -3.76 1.19
CA GLY B 54 -29.36 -4.39 -0.09
C GLY B 54 -29.75 -3.45 -1.21
N LYS B 55 -29.57 -2.15 -0.98
CA LYS B 55 -29.92 -1.15 -1.98
C LYS B 55 -28.70 -0.41 -2.51
N LEU B 56 -28.74 -0.04 -3.78
CA LEU B 56 -27.78 0.93 -4.28
C LEU B 56 -28.41 2.28 -4.02
N CYS B 57 -27.60 3.26 -3.60
CA CYS B 57 -28.15 4.49 -3.05
C CYS B 57 -27.43 5.74 -3.49
N LYS B 58 -27.99 6.87 -3.09
CA LYS B 58 -27.34 8.16 -3.30
C LYS B 58 -26.18 8.22 -2.32
N LEU B 59 -25.09 8.86 -2.73
CA LEU B 59 -23.89 8.91 -1.92
C LEU B 59 -23.64 10.35 -1.48
N ASN B 60 -23.82 10.62 -0.20
CA ASN B 60 -23.73 11.99 0.32
C ASN B 60 -24.73 12.91 -0.38
N GLY B 61 -25.91 12.37 -0.70
CA GLY B 61 -27.00 13.15 -1.24
C GLY B 61 -27.10 13.19 -2.75
N ILE B 62 -26.01 12.83 -3.41
CA ILE B 62 -25.99 12.93 -4.87
C ILE B 62 -26.10 11.52 -5.46
N PRO B 63 -26.86 11.37 -6.55
CA PRO B 63 -27.08 10.07 -7.21
C PRO B 63 -25.87 9.59 -8.02
N PRO B 64 -25.90 8.31 -8.40
CA PRO B 64 -24.92 7.72 -9.29
C PRO B 64 -25.44 7.75 -10.72
N LEU B 65 -24.56 7.95 -11.69
CA LEU B 65 -24.92 7.78 -13.09
C LEU B 65 -25.27 6.31 -13.29
N GLU B 66 -26.51 6.05 -13.71
CA GLU B 66 -26.91 4.67 -14.00
C GLU B 66 -26.74 4.44 -15.48
N LEU B 67 -25.94 3.46 -15.84
CA LEU B 67 -25.64 3.23 -17.24
C LEU B 67 -26.52 2.12 -17.83
N GLY B 68 -27.15 1.32 -16.96
CA GLY B 68 -27.97 0.22 -17.40
C GLY B 68 -27.09 -0.80 -18.11
N ASP B 69 -27.44 -1.14 -19.34
CA ASP B 69 -26.62 -2.09 -20.09
C ASP B 69 -25.49 -1.44 -20.89
N CYS B 70 -25.38 -0.12 -20.81
CA CYS B 70 -24.40 0.61 -21.59
C CYS B 70 -23.04 0.69 -20.92
N SER B 71 -22.01 0.88 -21.75
CA SER B 71 -20.67 1.19 -21.27
C SER B 71 -20.40 2.67 -21.39
N ILE B 72 -19.48 3.17 -20.60
CA ILE B 72 -19.17 4.59 -20.64
C ILE B 72 -18.89 5.00 -22.08
N ALA B 73 -18.16 4.16 -22.80
CA ALA B 73 -17.85 4.47 -24.19
C ALA B 73 -19.15 4.57 -25.01
N GLY B 74 -20.03 3.59 -24.84
CA GLY B 74 -21.28 3.58 -25.56
C GLY B 74 -22.11 4.81 -25.26
N TRP B 75 -22.16 5.18 -24.00
CA TRP B 75 -22.90 6.35 -23.57
C TRP B 75 -22.33 7.61 -24.26
N LEU B 76 -21.04 7.86 -24.08
CA LEU B 76 -20.39 9.07 -24.61
C LEU B 76 -20.51 9.18 -26.11
N LEU B 77 -20.27 8.07 -26.82
CA LEU B 77 -20.26 8.09 -28.26
C LEU B 77 -21.68 8.25 -28.82
N GLY B 78 -22.67 7.92 -28.02
CA GLY B 78 -24.03 7.96 -28.50
C GLY B 78 -24.43 6.68 -29.23
N ASN B 79 -24.05 5.53 -28.69
CA ASN B 79 -24.58 4.30 -29.21
C ASN B 79 -26.09 4.46 -29.17
N PRO B 80 -26.78 4.15 -30.28
CA PRO B 80 -28.23 4.29 -30.32
C PRO B 80 -28.90 3.42 -29.25
N GLU B 81 -28.21 2.34 -28.86
CA GLU B 81 -28.76 1.42 -27.89
C GLU B 81 -28.69 2.04 -26.48
N CYS B 82 -28.15 3.24 -26.38
CA CYS B 82 -27.96 3.90 -25.10
C CYS B 82 -28.83 5.14 -24.95
N ASP B 83 -29.95 5.15 -25.65
CA ASP B 83 -30.83 6.32 -25.65
C ASP B 83 -31.73 6.37 -24.41
N ARG B 84 -32.03 5.21 -23.84
CA ARG B 84 -32.92 5.16 -22.68
C ARG B 84 -32.25 5.66 -21.40
N LEU B 85 -31.10 6.30 -21.52
CA LEU B 85 -30.34 6.69 -20.33
C LEU B 85 -30.83 7.99 -19.70
N LEU B 86 -30.92 8.00 -18.37
CA LEU B 86 -31.46 9.14 -17.62
C LEU B 86 -30.68 10.43 -17.89
N SER B 87 -29.38 10.41 -17.60
CA SER B 87 -28.49 11.53 -17.91
C SER B 87 -28.66 12.70 -16.95
N VAL B 88 -28.18 12.50 -15.72
CA VAL B 88 -28.11 13.53 -14.70
C VAL B 88 -27.02 14.56 -14.97
N PRO B 89 -27.13 15.75 -14.36
CA PRO B 89 -26.14 16.81 -14.51
C PRO B 89 -24.97 16.62 -13.57
N GLU B 90 -25.23 15.94 -12.46
CA GLU B 90 -24.21 15.77 -11.43
C GLU B 90 -24.39 14.40 -10.82
N TRP B 91 -23.32 13.60 -10.79
CA TRP B 91 -23.35 12.31 -10.12
C TRP B 91 -22.13 12.09 -9.23
N SER B 92 -22.19 11.07 -8.37
CA SER B 92 -21.19 10.86 -7.32
C SER B 92 -20.39 9.56 -7.48
N TYR B 93 -20.99 8.57 -8.12
CA TYR B 93 -20.25 7.41 -8.62
C TYR B 93 -20.91 6.88 -9.91
N ILE B 94 -20.41 5.78 -10.46
CA ILE B 94 -20.98 5.28 -11.70
C ILE B 94 -21.37 3.83 -11.57
N MET B 95 -22.64 3.55 -11.87
CA MET B 95 -23.12 2.16 -11.97
C MET B 95 -22.96 1.59 -13.38
N GLU B 96 -22.02 0.66 -13.53
CA GLU B 96 -21.78 0.01 -14.80
C GLU B 96 -22.01 -1.46 -14.53
N LYS B 97 -22.08 -2.27 -15.57
CA LYS B 97 -22.19 -3.70 -15.37
C LYS B 97 -20.87 -4.41 -15.61
N GLU B 98 -20.76 -5.65 -15.11
CA GLU B 98 -19.66 -6.49 -15.51
C GLU B 98 -20.05 -7.02 -16.88
N ASN B 99 -19.35 -6.58 -17.92
CA ASN B 99 -19.65 -7.00 -19.30
C ASN B 99 -20.94 -6.37 -19.83
N PRO B 100 -20.89 -5.07 -20.13
CA PRO B 100 -22.02 -4.29 -20.64
C PRO B 100 -22.33 -4.68 -22.06
N ARG B 101 -23.60 -4.85 -22.36
CA ARG B 101 -24.04 -5.31 -23.68
C ARG B 101 -23.74 -4.32 -24.83
N ASP B 102 -23.92 -3.04 -24.58
CA ASP B 102 -23.84 -2.04 -25.64
C ASP B 102 -22.73 -1.02 -25.40
N GLY B 103 -21.63 -1.20 -26.12
CA GLY B 103 -20.51 -0.30 -26.05
C GLY B 103 -20.24 0.19 -27.44
N LEU B 104 -19.10 -0.17 -27.99
CA LEU B 104 -18.75 0.22 -29.35
C LEU B 104 -19.55 -0.62 -30.34
N CYS B 105 -20.75 -0.18 -30.68
CA CYS B 105 -21.55 -0.91 -31.65
C CYS B 105 -20.68 -1.20 -32.88
N TYR B 106 -19.98 -0.18 -33.37
CA TYR B 106 -19.02 -0.33 -34.45
C TYR B 106 -17.69 -0.78 -33.86
N PRO B 107 -17.17 -1.94 -34.31
CA PRO B 107 -15.98 -2.52 -33.68
C PRO B 107 -14.79 -1.58 -33.70
N GLY B 108 -13.91 -1.69 -32.71
CA GLY B 108 -12.75 -0.83 -32.65
C GLY B 108 -12.23 -0.72 -31.23
N SER B 109 -11.82 0.48 -30.83
CA SER B 109 -11.15 0.65 -29.54
C SER B 109 -11.21 2.09 -29.09
N PHE B 110 -10.77 2.32 -27.86
CA PHE B 110 -10.86 3.63 -27.26
C PHE B 110 -9.57 3.87 -26.48
N ASN B 111 -8.75 4.79 -26.96
CA ASN B 111 -7.45 5.02 -26.31
C ASN B 111 -7.56 5.60 -24.90
N ASP B 112 -6.66 5.25 -24.01
CA ASP B 112 -6.70 5.81 -22.67
C ASP B 112 -8.10 5.74 -22.09
N TYR B 113 -8.74 4.59 -22.26
CA TYR B 113 -10.13 4.45 -21.83
C TYR B 113 -10.30 4.44 -20.30
N GLU B 114 -9.50 3.64 -19.59
CA GLU B 114 -9.56 3.60 -18.13
C GLU B 114 -9.50 5.00 -17.53
N GLU B 115 -8.42 5.72 -17.84
CA GLU B 115 -8.28 7.10 -17.43
C GLU B 115 -9.55 7.92 -17.64
N LEU B 116 -10.17 7.81 -18.82
CA LEU B 116 -11.45 8.49 -19.05
C LEU B 116 -12.50 8.10 -18.02
N LYS B 117 -12.70 6.81 -17.80
CA LYS B 117 -13.68 6.37 -16.82
C LYS B 117 -13.33 6.92 -15.45
N HIS B 118 -12.04 6.90 -15.10
CA HIS B 118 -11.64 7.45 -13.81
C HIS B 118 -12.10 8.91 -13.71
N LEU B 119 -11.89 9.66 -14.79
CA LEU B 119 -12.27 11.07 -14.84
C LEU B 119 -13.75 11.22 -14.63
N LEU B 120 -14.51 10.45 -15.39
CA LEU B 120 -15.95 10.57 -15.41
C LEU B 120 -16.58 9.93 -14.19
N SER B 121 -15.76 9.30 -13.35
CA SER B 121 -16.33 8.52 -12.26
C SER B 121 -17.14 9.37 -11.28
N SER B 122 -16.96 10.68 -11.33
CA SER B 122 -17.65 11.58 -10.42
C SER B 122 -17.60 13.01 -10.93
N VAL B 123 -18.76 13.56 -11.22
CA VAL B 123 -18.81 14.89 -11.80
C VAL B 123 -19.64 15.85 -10.99
N LYS B 124 -19.19 17.10 -10.87
CA LYS B 124 -19.95 18.15 -10.20
C LYS B 124 -20.97 18.80 -11.13
N HIS B 125 -20.58 18.98 -12.38
CA HIS B 125 -21.51 19.42 -13.40
C HIS B 125 -21.06 18.85 -14.73
N PHE B 126 -22.02 18.35 -15.51
CA PHE B 126 -21.72 17.64 -16.76
C PHE B 126 -22.86 17.90 -17.74
N GLU B 127 -22.55 18.53 -18.85
CA GLU B 127 -23.58 18.99 -19.79
C GLU B 127 -23.11 18.96 -21.26
N LYS B 128 -23.90 18.29 -22.10
CA LYS B 128 -23.57 18.16 -23.51
C LYS B 128 -23.83 19.46 -24.29
N VAL B 129 -22.91 19.83 -25.18
CA VAL B 129 -23.11 21.03 -26.01
C VAL B 129 -22.61 20.85 -27.44
N LYS B 130 -23.43 21.24 -28.41
CA LYS B 130 -23.10 21.10 -29.82
C LYS B 130 -21.94 22.06 -30.20
N ILE B 131 -20.86 21.55 -30.78
CA ILE B 131 -19.65 22.34 -31.05
C ILE B 131 -19.17 22.34 -32.51
N LEU B 132 -19.58 21.32 -33.26
CA LEU B 132 -19.31 21.27 -34.68
C LEU B 132 -20.56 20.73 -35.35
N PRO B 133 -21.62 21.55 -35.42
CA PRO B 133 -22.93 21.15 -35.96
C PRO B 133 -22.81 20.38 -37.29
N LYS B 134 -23.59 19.30 -37.41
CA LYS B 134 -23.50 18.36 -38.52
C LYS B 134 -23.68 19.07 -39.85
N ASP B 135 -24.61 20.03 -39.89
CA ASP B 135 -24.98 20.75 -41.10
C ASP B 135 -23.81 21.44 -41.74
N ARG B 136 -22.98 22.08 -40.93
CA ARG B 136 -21.93 22.95 -41.46
C ARG B 136 -20.86 22.24 -42.27
N TRP B 137 -20.80 20.91 -42.17
CA TRP B 137 -19.87 20.15 -42.99
C TRP B 137 -20.39 20.05 -44.44
N THR B 138 -20.56 21.18 -45.12
CA THR B 138 -20.90 21.10 -46.53
C THR B 138 -19.66 20.51 -47.18
N GLN B 139 -19.70 20.24 -48.47
CA GLN B 139 -18.51 19.70 -49.14
C GLN B 139 -18.01 18.38 -48.55
N HIS B 140 -18.85 17.74 -47.75
CA HIS B 140 -18.56 16.44 -47.21
C HIS B 140 -19.85 15.68 -46.94
N THR B 141 -19.88 14.37 -47.23
CA THR B 141 -21.07 13.60 -46.93
C THR B 141 -21.11 13.30 -45.43
N THR B 142 -22.27 13.54 -44.83
CA THR B 142 -22.40 13.55 -43.37
C THR B 142 -23.32 12.47 -42.81
N THR B 143 -23.92 11.65 -43.69
CA THR B 143 -25.07 10.82 -43.35
C THR B 143 -24.75 9.34 -43.23
N GLY B 144 -23.47 8.99 -43.42
CA GLY B 144 -23.02 7.61 -43.36
C GLY B 144 -23.31 6.91 -42.04
N GLY B 145 -23.90 5.73 -42.14
CA GLY B 145 -24.15 4.93 -40.96
C GLY B 145 -23.57 3.54 -41.14
N SER B 146 -24.05 2.59 -40.34
CA SER B 146 -23.66 1.18 -40.48
C SER B 146 -24.68 0.29 -39.80
N ARG B 147 -25.01 -0.82 -40.46
CA ARG B 147 -25.91 -1.81 -39.86
C ARG B 147 -25.34 -2.39 -38.56
N ALA B 148 -24.09 -2.06 -38.24
CA ALA B 148 -23.54 -2.46 -36.96
C ALA B 148 -24.06 -1.55 -35.86
N CYS B 149 -24.62 -0.41 -36.27
CA CYS B 149 -25.24 0.51 -35.32
C CYS B 149 -26.68 0.69 -35.69
N ALA B 150 -27.31 -0.41 -36.09
CA ALA B 150 -28.63 -0.35 -36.70
C ALA B 150 -29.74 0.02 -35.73
N VAL B 151 -30.50 1.04 -36.10
CA VAL B 151 -31.77 1.35 -35.44
C VAL B 151 -32.92 1.03 -36.40
N SER B 152 -33.64 -0.06 -36.12
CA SER B 152 -34.76 -0.50 -36.94
C SER B 152 -34.27 -1.08 -38.25
N GLY B 153 -33.35 -2.04 -38.18
CA GLY B 153 -32.84 -2.72 -39.36
C GLY B 153 -32.09 -1.82 -40.34
N ASN B 154 -32.25 -0.51 -40.19
CA ASN B 154 -31.56 0.47 -41.03
C ASN B 154 -30.23 0.90 -40.44
N PRO B 155 -29.24 1.14 -41.31
CA PRO B 155 -27.90 1.59 -40.87
C PRO B 155 -27.96 2.91 -40.11
N SER B 156 -27.31 2.97 -38.95
CA SER B 156 -27.23 4.21 -38.20
C SER B 156 -25.82 4.42 -37.63
N PHE B 157 -25.67 5.36 -36.70
CA PHE B 157 -24.34 5.68 -36.21
C PHE B 157 -24.38 6.37 -34.86
N PHE B 158 -23.28 6.25 -34.11
CA PHE B 158 -23.12 6.97 -32.86
C PHE B 158 -23.74 8.36 -32.99
N ARG B 159 -24.78 8.64 -32.21
CA ARG B 159 -25.49 9.91 -32.33
C ARG B 159 -24.55 11.09 -32.12
N ASN B 160 -23.65 10.97 -31.15
CA ASN B 160 -22.82 12.12 -30.81
C ASN B 160 -21.68 12.42 -31.79
N MET B 161 -21.45 11.51 -32.72
CA MET B 161 -20.35 11.62 -33.67
C MET B 161 -20.84 11.85 -35.11
N VAL B 162 -19.90 12.11 -36.01
CA VAL B 162 -20.25 12.35 -37.39
C VAL B 162 -19.24 11.68 -38.33
N TRP B 163 -19.73 10.84 -39.25
CA TRP B 163 -18.87 10.15 -40.20
C TRP B 163 -18.65 10.92 -41.50
N LEU B 164 -17.66 11.80 -41.52
CA LEU B 164 -17.26 12.50 -42.74
C LEU B 164 -16.77 11.55 -43.85
N THR B 165 -17.47 11.55 -45.00
CA THR B 165 -17.09 10.75 -46.18
C THR B 165 -17.17 11.58 -47.46
N GLU B 166 -16.60 11.05 -48.54
CA GLU B 166 -16.53 11.75 -49.82
C GLU B 166 -17.89 12.28 -50.25
N LYS B 167 -17.92 13.52 -50.71
CA LYS B 167 -19.11 14.13 -51.32
C LYS B 167 -18.86 14.56 -52.78
N GLY B 168 -19.83 14.28 -53.66
CA GLY B 168 -19.59 14.34 -55.09
C GLY B 168 -18.73 13.13 -55.36
N SER B 169 -17.51 13.39 -55.84
CA SER B 169 -16.48 12.35 -55.86
C SER B 169 -15.17 13.00 -55.44
N ASN B 170 -15.29 13.75 -54.36
CA ASN B 170 -14.27 14.68 -53.94
C ASN B 170 -14.30 14.79 -52.43
N TYR B 171 -13.14 14.62 -51.79
CA TYR B 171 -13.00 14.77 -50.33
C TYR B 171 -12.03 15.90 -50.06
N PRO B 172 -12.53 17.14 -50.03
CA PRO B 172 -11.67 18.30 -49.82
C PRO B 172 -11.09 18.20 -48.44
N VAL B 173 -9.94 18.84 -48.23
CA VAL B 173 -9.33 18.84 -46.90
C VAL B 173 -10.34 19.26 -45.84
N ALA B 174 -10.71 18.32 -44.98
CA ALA B 174 -11.73 18.63 -43.98
C ALA B 174 -11.12 19.44 -42.86
N LYS B 175 -11.57 20.68 -42.68
CA LYS B 175 -11.11 21.49 -41.56
C LYS B 175 -12.25 21.93 -40.65
N GLY B 176 -12.00 21.94 -39.35
CA GLY B 176 -13.03 22.33 -38.42
C GLY B 176 -12.38 22.59 -37.08
N SER B 177 -12.64 23.76 -36.51
CA SER B 177 -12.13 24.03 -35.17
C SER B 177 -13.26 24.43 -34.23
N TYR B 178 -12.91 24.57 -32.95
CA TYR B 178 -13.87 25.01 -31.94
C TYR B 178 -13.21 25.69 -30.74
N ASN B 179 -13.53 26.97 -30.53
CA ASN B 179 -13.02 27.70 -29.37
C ASN B 179 -13.93 27.44 -28.19
N ASN B 180 -13.38 26.89 -27.12
CA ASN B 180 -14.18 26.53 -25.94
C ASN B 180 -14.50 27.72 -25.06
N THR B 181 -15.74 28.16 -25.14
CA THR B 181 -16.16 29.38 -24.46
C THR B 181 -17.16 29.11 -23.35
N SER B 182 -17.66 27.87 -23.28
CA SER B 182 -18.67 27.47 -22.30
C SER B 182 -18.22 27.60 -20.84
N GLY B 183 -17.02 28.15 -20.64
CA GLY B 183 -16.56 28.46 -19.31
C GLY B 183 -16.28 27.27 -18.39
N GLU B 184 -16.20 26.09 -18.97
CA GLU B 184 -15.73 24.94 -18.21
C GLU B 184 -14.85 24.09 -19.09
N GLN B 185 -13.95 23.32 -18.47
CA GLN B 185 -13.18 22.32 -19.20
C GLN B 185 -14.12 21.49 -20.07
N MET B 186 -13.72 21.17 -21.29
CA MET B 186 -14.60 20.37 -22.15
C MET B 186 -13.97 19.07 -22.66
N LEU B 187 -14.64 17.97 -22.37
CA LEU B 187 -14.23 16.67 -22.87
C LEU B 187 -14.66 16.57 -24.32
N ILE B 188 -13.75 16.19 -25.20
CA ILE B 188 -14.03 16.05 -26.63
C ILE B 188 -13.45 14.74 -27.15
N ILE B 189 -14.29 13.95 -27.82
CA ILE B 189 -13.89 12.64 -28.33
C ILE B 189 -13.82 12.68 -29.86
N TRP B 190 -12.82 12.03 -30.46
CA TRP B 190 -12.79 11.87 -31.91
C TRP B 190 -12.38 10.45 -32.38
N GLY B 191 -12.40 10.21 -33.71
CA GLY B 191 -12.15 8.86 -34.18
C GLY B 191 -11.44 8.77 -35.50
N VAL B 192 -10.80 7.62 -35.75
CA VAL B 192 -10.14 7.35 -37.01
C VAL B 192 -10.56 5.99 -37.52
N HIS B 193 -11.07 5.94 -38.75
CA HIS B 193 -11.65 4.73 -39.30
C HIS B 193 -10.61 3.89 -40.05
N HIS B 194 -10.55 2.60 -39.72
CA HIS B 194 -9.61 1.68 -40.33
C HIS B 194 -10.34 0.67 -41.22
N PRO B 195 -10.40 0.95 -42.53
CA PRO B 195 -11.08 0.17 -43.57
C PRO B 195 -10.49 -1.23 -43.73
N ASN B 196 -11.28 -2.14 -44.31
CA ASN B 196 -10.89 -3.53 -44.49
C ASN B 196 -9.99 -3.73 -45.70
N ASP B 197 -10.11 -2.82 -46.66
CA ASP B 197 -9.38 -2.95 -47.92
C ASP B 197 -9.33 -1.62 -48.67
N GLU B 198 -8.32 -1.49 -49.52
CA GLU B 198 -8.06 -0.22 -50.22
C GLU B 198 -9.23 0.27 -51.05
N THR B 199 -10.10 -0.64 -51.45
CA THR B 199 -11.28 -0.25 -52.22
C THR B 199 -12.22 0.54 -51.32
N GLU B 200 -12.64 -0.09 -50.23
CA GLU B 200 -13.50 0.53 -49.24
C GLU B 200 -13.00 1.94 -48.92
N GLN B 201 -11.70 2.06 -48.77
CA GLN B 201 -11.08 3.34 -48.47
C GLN B 201 -11.38 4.34 -49.53
N ARG B 202 -11.28 3.91 -50.79
CA ARG B 202 -11.51 4.82 -51.89
C ARG B 202 -13.00 5.16 -52.02
N THR B 203 -13.86 4.15 -51.94
CA THR B 203 -15.29 4.40 -52.15
C THR B 203 -15.89 5.14 -50.96
N LEU B 204 -15.04 5.44 -49.98
CA LEU B 204 -15.48 6.22 -48.83
C LEU B 204 -14.84 7.62 -48.78
N TYR B 205 -13.65 7.76 -49.35
CA TYR B 205 -12.90 8.97 -49.16
C TYR B 205 -12.14 9.47 -50.39
N GLN B 206 -12.17 8.70 -51.49
CA GLN B 206 -11.42 9.04 -52.71
C GLN B 206 -9.91 8.94 -52.55
N ASN B 207 -9.39 9.64 -51.55
CA ASN B 207 -7.95 9.74 -51.33
C ASN B 207 -7.36 8.48 -50.72
N VAL B 208 -6.05 8.32 -50.86
CA VAL B 208 -5.40 7.13 -50.31
C VAL B 208 -4.33 7.41 -49.23
N GLY B 209 -3.61 8.50 -49.38
CA GLY B 209 -2.61 8.85 -48.39
C GLY B 209 -3.16 9.75 -47.30
N THR B 210 -4.19 9.29 -46.59
CA THR B 210 -4.92 10.20 -45.71
C THR B 210 -4.34 10.22 -44.31
N TYR B 211 -4.80 11.20 -43.54
CA TYR B 211 -4.35 11.42 -42.16
C TYR B 211 -5.40 12.20 -41.40
N VAL B 212 -5.40 12.03 -40.08
CA VAL B 212 -6.34 12.72 -39.20
C VAL B 212 -5.56 13.48 -38.14
N SER B 213 -5.73 14.79 -38.13
CA SER B 213 -4.90 15.63 -37.30
C SER B 213 -5.70 16.40 -36.27
N VAL B 214 -5.32 16.23 -35.01
CA VAL B 214 -6.02 16.90 -33.91
C VAL B 214 -5.04 17.73 -33.04
N GLY B 215 -5.38 18.99 -32.77
CA GLY B 215 -4.43 19.83 -32.06
C GLY B 215 -5.05 20.76 -31.03
N THR B 216 -4.32 21.04 -29.96
CA THR B 216 -4.71 22.06 -28.99
C THR B 216 -3.49 22.83 -28.48
N SER B 217 -3.65 23.64 -27.45
CA SER B 217 -2.48 24.31 -26.90
C SER B 217 -1.55 23.28 -26.30
N THR B 218 -2.05 22.07 -26.18
CA THR B 218 -1.34 21.06 -25.42
C THR B 218 -1.26 19.73 -26.16
N LEU B 219 -2.27 19.48 -26.98
CA LEU B 219 -2.34 18.25 -27.74
C LEU B 219 -1.75 18.45 -29.12
N ASN B 220 -1.16 17.39 -29.67
CA ASN B 220 -0.75 17.38 -31.06
C ASN B 220 -0.68 15.95 -31.49
N LYS B 221 -1.71 15.48 -32.16
CA LYS B 221 -1.74 14.10 -32.53
C LYS B 221 -2.09 13.95 -34.02
N ARG B 222 -1.31 13.17 -34.76
CA ARG B 222 -1.60 12.90 -36.16
C ARG B 222 -1.70 11.40 -36.30
N SER B 223 -2.73 10.92 -37.00
CA SER B 223 -2.95 9.49 -37.16
C SER B 223 -3.16 9.23 -38.62
N THR B 224 -2.57 8.13 -39.09
CA THR B 224 -2.87 7.59 -40.42
C THR B 224 -3.68 6.32 -40.25
N PRO B 225 -4.64 6.08 -41.13
CA PRO B 225 -5.49 4.90 -40.98
C PRO B 225 -4.72 3.63 -41.35
N ASP B 226 -5.14 2.51 -40.77
CA ASP B 226 -4.50 1.22 -41.05
C ASP B 226 -5.44 0.37 -41.86
N ILE B 227 -5.08 0.16 -43.13
CA ILE B 227 -5.89 -0.63 -44.04
C ILE B 227 -5.34 -2.04 -44.10
N ALA B 228 -6.12 -2.99 -43.59
CA ALA B 228 -5.67 -4.37 -43.50
C ALA B 228 -6.88 -5.27 -43.28
N THR B 229 -6.73 -6.56 -43.61
CA THR B 229 -7.81 -7.50 -43.39
C THR B 229 -7.88 -7.94 -41.93
N ARG B 230 -9.10 -8.15 -41.42
CA ARG B 230 -9.24 -8.54 -40.03
C ARG B 230 -10.37 -9.51 -39.80
N PRO B 231 -10.28 -10.27 -38.71
CA PRO B 231 -11.44 -11.06 -38.28
C PRO B 231 -12.69 -10.19 -38.27
N LYS B 232 -13.83 -10.75 -38.62
CA LYS B 232 -15.05 -9.96 -38.65
C LYS B 232 -15.66 -9.83 -37.27
N VAL B 233 -15.98 -8.60 -36.89
CA VAL B 233 -16.70 -8.34 -35.65
C VAL B 233 -18.01 -7.63 -35.99
N ASN B 234 -19.13 -8.17 -35.54
CA ASN B 234 -20.42 -7.69 -36.01
C ASN B 234 -20.30 -7.58 -37.51
N GLY B 235 -19.79 -8.66 -38.09
CA GLY B 235 -19.65 -8.79 -39.52
C GLY B 235 -18.79 -7.73 -40.12
N LEU B 236 -18.01 -7.07 -39.28
CA LEU B 236 -17.20 -5.97 -39.75
C LEU B 236 -15.72 -6.21 -39.56
N GLY B 237 -14.95 -6.01 -40.62
CA GLY B 237 -13.52 -6.21 -40.57
C GLY B 237 -12.83 -4.89 -40.33
N SER B 238 -13.52 -3.83 -40.73
CA SER B 238 -13.04 -2.49 -40.45
C SER B 238 -13.08 -2.22 -38.94
N ARG B 239 -12.48 -1.10 -38.53
CA ARG B 239 -12.44 -0.74 -37.11
C ARG B 239 -12.50 0.77 -36.92
N MET B 240 -13.00 1.22 -35.77
CA MET B 240 -12.96 2.66 -35.40
C MET B 240 -12.19 2.89 -34.11
N GLU B 241 -11.17 3.72 -34.19
CA GLU B 241 -10.28 3.98 -33.05
C GLU B 241 -10.49 5.38 -32.49
N PHE B 242 -11.19 5.46 -31.37
CA PHE B 242 -11.51 6.74 -30.74
C PHE B 242 -10.48 7.19 -29.70
N SER B 243 -10.17 8.49 -29.72
CA SER B 243 -9.29 9.09 -28.73
C SER B 243 -10.03 10.26 -28.15
N TRP B 244 -9.49 10.82 -27.07
CA TRP B 244 -10.14 11.98 -26.42
C TRP B 244 -9.15 12.95 -25.82
N THR B 245 -9.57 14.20 -25.66
CA THR B 245 -8.76 15.16 -24.92
C THR B 245 -9.63 16.04 -24.02
N LEU B 246 -9.01 16.76 -23.10
CA LEU B 246 -9.76 17.72 -22.29
C LEU B 246 -9.46 19.15 -22.72
N LEU B 247 -10.29 19.70 -23.58
CA LEU B 247 -10.03 21.05 -24.10
C LEU B 247 -10.21 22.08 -23.01
N ASP B 248 -9.14 22.83 -22.72
CA ASP B 248 -9.18 23.80 -21.64
C ASP B 248 -10.09 24.99 -21.88
N MET B 249 -10.30 25.79 -20.84
CA MET B 249 -11.06 27.04 -20.98
C MET B 249 -10.35 28.05 -21.89
N TRP B 250 -11.06 28.50 -22.91
CA TRP B 250 -10.55 29.52 -23.81
C TRP B 250 -9.52 29.00 -24.78
N ASP B 251 -9.24 27.70 -24.70
CA ASP B 251 -8.37 27.05 -25.67
C ASP B 251 -9.18 26.60 -26.88
N THR B 252 -8.51 26.30 -27.99
CA THR B 252 -9.21 25.85 -29.18
C THR B 252 -8.76 24.46 -29.57
N ILE B 253 -9.61 23.74 -30.29
CA ILE B 253 -9.23 22.46 -30.82
C ILE B 253 -9.35 22.49 -32.35
N ASN B 254 -8.27 22.12 -33.04
CA ASN B 254 -8.22 22.14 -34.50
C ASN B 254 -8.26 20.73 -35.10
N PHE B 255 -9.33 20.41 -35.86
CA PHE B 255 -9.36 19.18 -36.65
C PHE B 255 -8.90 19.48 -38.08
N GLU B 256 -8.15 18.55 -38.67
CA GLU B 256 -7.75 18.66 -40.05
C GLU B 256 -7.58 17.25 -40.58
N SER B 257 -8.12 16.96 -41.76
CA SER B 257 -8.12 15.60 -42.23
C SER B 257 -8.34 15.52 -43.72
N THR B 258 -7.65 14.58 -44.36
CA THR B 258 -7.93 14.27 -45.77
C THR B 258 -8.81 13.01 -45.94
N GLY B 259 -9.38 12.53 -44.85
CA GLY B 259 -10.14 11.30 -44.86
C GLY B 259 -10.01 10.50 -43.57
N ASN B 260 -11.06 9.74 -43.25
CA ASN B 260 -11.01 8.76 -42.19
C ASN B 260 -11.22 9.35 -40.80
N LEU B 261 -11.53 10.64 -40.75
CA LEU B 261 -11.87 11.26 -39.47
C LEU B 261 -13.34 11.05 -39.13
N ILE B 262 -13.61 10.64 -37.90
CA ILE B 262 -14.96 10.53 -37.37
C ILE B 262 -15.05 11.61 -36.33
N ALA B 263 -15.53 12.80 -36.73
CA ALA B 263 -15.47 13.98 -35.87
C ALA B 263 -16.65 14.10 -34.92
N PRO B 264 -16.48 14.88 -33.85
CA PRO B 264 -17.54 15.04 -32.85
C PRO B 264 -18.56 16.05 -33.34
N GLU B 265 -19.82 15.85 -32.98
CA GLU B 265 -20.82 16.90 -33.14
C GLU B 265 -20.88 17.65 -31.82
N TYR B 266 -20.73 16.90 -30.73
CA TYR B 266 -20.90 17.44 -29.41
C TYR B 266 -19.66 17.36 -28.55
N GLY B 267 -19.57 18.30 -27.62
CA GLY B 267 -18.58 18.26 -26.56
C GLY B 267 -19.25 17.92 -25.24
N PHE B 268 -18.49 17.96 -24.15
CA PHE B 268 -19.08 17.73 -22.84
C PHE B 268 -18.40 18.67 -21.82
N LYS B 269 -19.15 19.66 -21.34
CA LYS B 269 -18.67 20.56 -20.30
C LYS B 269 -18.55 19.70 -19.07
N ILE B 270 -17.40 19.70 -18.42
CA ILE B 270 -17.25 18.85 -17.25
C ILE B 270 -16.48 19.55 -16.16
N SER B 271 -17.05 19.54 -14.96
CA SER B 271 -16.44 20.19 -13.84
C SER B 271 -16.36 19.22 -12.69
N LYS B 272 -15.17 19.08 -12.14
CA LYS B 272 -14.95 18.25 -10.97
C LYS B 272 -13.92 18.99 -10.14
N ARG B 273 -14.02 19.03 -8.80
CA ARG B 273 -15.00 18.38 -7.89
C ARG B 273 -14.23 17.53 -6.90
N GLY B 274 -13.99 16.28 -7.28
CA GLY B 274 -13.26 15.34 -6.48
C GLY B 274 -12.91 14.14 -7.34
N SER B 275 -13.29 12.95 -6.90
CA SER B 275 -12.99 11.75 -7.66
C SER B 275 -13.57 10.53 -6.96
N SER B 276 -14.31 9.75 -7.70
CA SER B 276 -14.96 8.57 -7.15
C SER B 276 -14.43 7.34 -7.88
N GLY B 277 -15.35 6.49 -8.33
CA GLY B 277 -15.00 5.28 -9.04
C GLY B 277 -16.21 4.58 -9.66
N ILE B 278 -15.94 3.53 -10.43
CA ILE B 278 -17.01 2.77 -11.06
C ILE B 278 -17.36 1.54 -10.25
N MET B 279 -18.66 1.38 -9.97
CA MET B 279 -19.15 0.24 -9.20
C MET B 279 -19.86 -0.81 -10.07
N LYS B 280 -19.25 -1.99 -10.18
CA LYS B 280 -19.82 -3.07 -10.98
C LYS B 280 -20.97 -3.75 -10.24
N THR B 281 -22.16 -3.70 -10.84
CA THR B 281 -23.33 -4.32 -10.23
C THR B 281 -24.46 -4.54 -11.22
N GLU B 282 -25.35 -5.48 -10.91
CA GLU B 282 -26.50 -5.79 -11.75
C GLU B 282 -27.71 -4.95 -11.36
N GLY B 283 -27.65 -4.40 -10.14
CA GLY B 283 -28.82 -3.77 -9.54
C GLY B 283 -29.08 -2.39 -10.04
N THR B 284 -30.15 -1.78 -9.53
CA THR B 284 -30.57 -0.45 -9.95
C THR B 284 -30.69 0.53 -8.76
N LEU B 285 -30.55 1.82 -9.05
CA LEU B 285 -30.65 2.86 -8.03
C LEU B 285 -31.97 2.72 -7.29
N GLU B 286 -32.04 3.16 -6.03
CA GLU B 286 -33.26 2.90 -5.26
C GLU B 286 -33.82 3.98 -4.33
N ASN B 287 -33.20 5.15 -4.27
CA ASN B 287 -33.74 6.25 -3.45
C ASN B 287 -33.66 6.05 -1.93
N CYS B 288 -32.47 5.69 -1.44
CA CYS B 288 -32.19 5.71 -0.02
C CYS B 288 -30.93 6.54 0.11
N GLU B 289 -30.44 6.69 1.32
CA GLU B 289 -29.24 7.49 1.54
C GLU B 289 -28.10 6.62 2.07
N THR B 290 -26.88 7.14 1.95
CA THR B 290 -25.72 6.47 2.54
C THR B 290 -24.46 7.30 2.40
N LYS B 291 -23.50 7.04 3.28
CA LYS B 291 -22.18 7.66 3.20
C LYS B 291 -21.18 6.59 2.80
N CYS B 292 -21.68 5.37 2.62
CA CYS B 292 -20.83 4.24 2.33
C CYS B 292 -21.56 3.14 1.53
N GLN B 293 -21.24 3.02 0.24
CA GLN B 293 -21.94 2.09 -0.65
C GLN B 293 -21.13 0.87 -1.08
N THR B 294 -21.72 -0.29 -0.93
CA THR B 294 -21.12 -1.52 -1.44
C THR B 294 -21.96 -2.10 -2.58
N PRO B 295 -21.39 -3.06 -3.32
CA PRO B 295 -22.10 -3.67 -4.45
C PRO B 295 -23.19 -4.57 -3.94
N LEU B 296 -23.16 -4.89 -2.66
CA LEU B 296 -24.19 -5.73 -2.08
C LEU B 296 -25.28 -4.88 -1.46
N GLY B 297 -24.97 -3.63 -1.16
CA GLY B 297 -25.88 -2.75 -0.46
C GLY B 297 -25.15 -1.63 0.25
N ALA B 298 -25.89 -0.79 0.96
CA ALA B 298 -25.29 0.37 1.60
C ALA B 298 -25.08 0.15 3.09
N ILE B 299 -23.93 0.57 3.58
CA ILE B 299 -23.60 0.42 4.99
C ILE B 299 -23.97 1.69 5.74
N ASN B 300 -24.51 1.54 6.94
CA ASN B 300 -24.78 2.69 7.79
C ASN B 300 -24.32 2.42 9.20
N THR B 301 -23.10 2.83 9.55
CA THR B 301 -22.54 2.44 10.83
C THR B 301 -21.50 3.40 11.43
N THR B 302 -21.40 3.36 12.75
CA THR B 302 -20.40 4.14 13.48
C THR B 302 -19.24 3.25 13.83
N LEU B 303 -19.41 1.95 13.54
CA LEU B 303 -18.41 0.92 13.84
C LEU B 303 -17.13 1.10 13.04
N PRO B 304 -16.00 0.75 13.64
CA PRO B 304 -14.65 0.90 13.12
C PRO B 304 -14.32 -0.11 12.02
N PHE B 305 -14.94 -1.29 12.07
CA PHE B 305 -14.64 -2.33 11.08
C PHE B 305 -15.91 -2.94 10.47
N HIS B 306 -15.77 -3.52 9.28
CA HIS B 306 -16.82 -4.28 8.60
C HIS B 306 -16.22 -5.34 7.66
N ASN B 307 -17.06 -6.26 7.21
CA ASN B 307 -16.63 -7.36 6.36
C ASN B 307 -17.66 -7.61 5.27
N VAL B 308 -18.45 -6.59 4.98
CA VAL B 308 -19.56 -6.71 4.05
C VAL B 308 -19.11 -7.10 2.64
N HIS B 309 -18.06 -6.43 2.15
CA HIS B 309 -17.62 -6.56 0.77
C HIS B 309 -16.46 -5.59 0.62
N PRO B 310 -15.40 -6.01 -0.06
CA PRO B 310 -14.19 -5.18 -0.14
C PRO B 310 -14.35 -3.98 -1.08
N LEU B 311 -15.16 -4.09 -2.13
CA LEU B 311 -15.29 -3.01 -3.11
C LEU B 311 -16.29 -1.93 -2.71
N THR B 312 -15.89 -1.03 -1.83
CA THR B 312 -16.80 -0.01 -1.33
C THR B 312 -16.53 1.37 -1.95
N ILE B 313 -17.49 2.29 -1.83
CA ILE B 313 -17.26 3.70 -2.19
C ILE B 313 -17.86 4.64 -1.17
N GLY B 314 -17.08 5.60 -0.69
CA GLY B 314 -17.53 6.55 0.31
C GLY B 314 -16.68 6.48 1.55
N GLU B 315 -17.23 6.95 2.68
CA GLU B 315 -16.54 6.91 3.96
C GLU B 315 -16.89 5.62 4.69
N CYS B 316 -16.02 4.64 4.57
CA CYS B 316 -16.35 3.30 5.02
C CYS B 316 -15.47 2.86 6.16
N PRO B 317 -15.92 1.83 6.87
CA PRO B 317 -15.09 1.28 7.94
C PRO B 317 -13.97 0.47 7.33
N LYS B 318 -12.97 0.10 8.12
CA LYS B 318 -11.89 -0.73 7.64
C LYS B 318 -12.41 -2.12 7.31
N TYR B 319 -12.19 -2.55 6.08
CA TYR B 319 -12.62 -3.87 5.67
C TYR B 319 -11.64 -4.89 6.23
N VAL B 320 -12.18 -5.91 6.86
CA VAL B 320 -11.38 -6.83 7.65
C VAL B 320 -11.86 -8.26 7.39
N LYS B 321 -10.98 -9.26 7.54
CA LYS B 321 -11.36 -10.66 7.31
C LYS B 321 -11.77 -11.35 8.60
N SER B 322 -12.86 -10.91 9.20
CA SER B 322 -13.32 -11.49 10.45
C SER B 322 -14.80 -11.77 10.36
N GLU B 323 -15.28 -12.58 11.29
CA GLU B 323 -16.70 -12.90 11.34
C GLU B 323 -17.34 -12.25 12.55
N LYS B 324 -16.55 -12.11 13.61
CA LYS B 324 -16.98 -11.39 14.80
C LYS B 324 -15.81 -10.63 15.43
N LEU B 325 -16.13 -9.47 16.03
CA LEU B 325 -15.16 -8.69 16.78
C LEU B 325 -15.84 -8.15 18.01
N VAL B 326 -15.90 -8.94 19.09
CA VAL B 326 -16.75 -8.54 20.22
C VAL B 326 -15.99 -8.08 21.47
N LEU B 327 -16.27 -6.84 21.89
CA LEU B 327 -15.78 -6.26 23.13
C LEU B 327 -16.62 -6.71 24.31
N ALA B 328 -15.98 -7.25 25.34
CA ALA B 328 -16.69 -7.41 26.57
C ALA B 328 -16.82 -6.00 27.11
N THR B 329 -17.95 -5.70 27.75
CA THR B 329 -18.16 -4.42 28.39
C THR B 329 -18.57 -4.58 29.86
N GLY B 330 -19.47 -5.51 30.11
CA GLY B 330 -19.85 -5.83 31.47
C GLY B 330 -18.87 -6.83 32.02
N LEU B 331 -19.17 -7.43 33.16
CA LEU B 331 -18.24 -8.35 33.78
C LEU B 331 -18.49 -9.83 33.46
N ARG B 332 -17.57 -10.68 33.88
CA ARG B 332 -17.72 -12.10 33.70
C ARG B 332 -18.99 -12.55 34.38
N ASN B 333 -19.87 -13.24 33.63
CA ASN B 333 -21.13 -13.73 34.19
C ASN B 333 -20.89 -15.02 34.96
N VAL B 334 -21.09 -14.99 36.28
CA VAL B 334 -20.74 -16.16 37.10
C VAL B 334 -21.94 -16.66 37.91
N PRO B 335 -22.80 -17.44 37.28
CA PRO B 335 -23.95 -18.04 37.98
C PRO B 335 -23.50 -19.00 39.10
N GLY B 341 -9.43 -13.71 38.52
CA GLY B 341 -8.71 -12.95 37.52
C GLY B 341 -7.39 -12.46 38.08
N LEU B 342 -6.92 -11.32 37.60
CA LEU B 342 -5.68 -10.77 38.11
C LEU B 342 -5.73 -10.46 39.59
N PHE B 343 -6.92 -10.13 40.07
CA PHE B 343 -7.05 -9.68 41.45
C PHE B 343 -7.75 -10.73 42.32
N GLY B 344 -8.28 -11.77 41.67
CA GLY B 344 -8.75 -12.96 42.36
C GLY B 344 -10.03 -12.78 43.16
N ALA B 345 -10.83 -11.81 42.76
CA ALA B 345 -12.10 -11.53 43.42
C ALA B 345 -13.23 -12.23 42.70
N ILE B 346 -13.50 -11.80 41.47
CA ILE B 346 -14.58 -12.38 40.66
C ILE B 346 -14.21 -13.79 40.24
N ALA B 347 -15.18 -14.70 40.40
CA ALA B 347 -14.98 -16.13 40.22
C ALA B 347 -13.70 -16.57 40.93
N GLY B 348 -13.37 -15.83 41.98
CA GLY B 348 -12.18 -16.08 42.77
C GLY B 348 -12.54 -16.40 44.20
N PHE B 349 -12.18 -15.52 45.13
CA PHE B 349 -12.51 -15.74 46.53
C PHE B 349 -13.97 -15.37 46.80
N ILE B 350 -14.56 -14.63 45.88
CA ILE B 350 -16.00 -14.48 45.83
C ILE B 350 -16.59 -15.40 44.75
N GLU B 351 -17.05 -16.59 45.15
CA GLU B 351 -17.33 -17.70 44.22
C GLU B 351 -18.30 -17.43 43.07
N GLY B 352 -19.31 -16.62 43.32
CA GLY B 352 -20.30 -16.37 42.29
C GLY B 352 -20.93 -14.99 42.32
N GLY B 353 -21.82 -14.75 41.37
CA GLY B 353 -22.51 -13.48 41.26
C GLY B 353 -23.94 -13.53 41.75
N TRP B 354 -24.51 -12.36 41.99
CA TRP B 354 -25.87 -12.27 42.52
C TRP B 354 -26.84 -11.80 41.45
N GLN B 355 -27.80 -12.66 41.13
CA GLN B 355 -28.86 -12.27 40.22
C GLN B 355 -29.75 -11.25 40.91
N GLY B 356 -29.70 -11.28 42.24
CA GLY B 356 -30.51 -10.42 43.09
C GLY B 356 -30.17 -8.95 42.97
N MET B 357 -28.91 -8.65 42.64
CA MET B 357 -28.51 -7.26 42.47
C MET B 357 -28.78 -6.78 41.05
N ILE B 358 -29.55 -5.69 40.95
CA ILE B 358 -30.03 -5.20 39.67
C ILE B 358 -29.66 -3.74 39.47
N ASP B 359 -29.40 -3.04 40.57
CA ASP B 359 -29.12 -1.61 40.53
C ASP B 359 -27.86 -1.29 39.72
N GLY B 360 -26.85 -2.16 39.82
CA GLY B 360 -25.54 -1.89 39.21
C GLY B 360 -24.62 -3.09 39.11
N TRP B 361 -23.33 -2.85 38.86
CA TRP B 361 -22.37 -3.94 38.65
C TRP B 361 -21.83 -4.55 39.93
N TYR B 362 -21.62 -3.72 40.95
CA TYR B 362 -21.14 -4.20 42.24
C TYR B 362 -21.90 -3.52 43.37
N GLY B 363 -21.90 -4.14 44.54
CA GLY B 363 -22.66 -3.66 45.67
C GLY B 363 -22.62 -4.66 46.81
N TYR B 364 -23.53 -4.49 47.77
CA TYR B 364 -23.50 -5.24 49.03
C TYR B 364 -24.74 -6.07 49.27
N HIS B 365 -24.72 -6.88 50.33
CA HIS B 365 -25.90 -7.62 50.75
C HIS B 365 -26.43 -7.18 52.11
N HIS B 366 -25.72 -7.53 53.18
CA HIS B 366 -26.13 -7.24 54.57
C HIS B 366 -27.37 -8.02 55.02
N SER B 367 -27.17 -8.80 56.08
CA SER B 367 -28.25 -9.54 56.72
C SER B 367 -28.43 -8.97 58.12
N ASN B 368 -29.61 -8.45 58.38
CA ASN B 368 -29.88 -7.72 59.61
C ASN B 368 -31.09 -8.29 60.33
N ASP B 369 -31.41 -7.74 61.49
CA ASP B 369 -32.64 -8.10 62.19
C ASP B 369 -33.77 -7.12 61.85
N GLN B 370 -33.48 -6.22 60.91
CA GLN B 370 -34.50 -5.33 60.35
C GLN B 370 -34.86 -5.74 58.92
N GLY B 371 -34.17 -6.74 58.40
CA GLY B 371 -34.45 -7.29 57.08
C GLY B 371 -33.19 -7.54 56.29
N SER B 372 -33.27 -8.39 55.27
CA SER B 372 -32.15 -8.62 54.36
C SER B 372 -32.26 -7.66 53.18
N GLY B 373 -31.24 -7.65 52.32
CA GLY B 373 -31.27 -6.78 51.16
C GLY B 373 -30.12 -6.90 50.17
N TYR B 374 -30.32 -6.28 49.01
CA TYR B 374 -29.27 -6.09 48.01
C TYR B 374 -29.22 -4.59 47.75
N ALA B 375 -28.07 -4.07 47.32
CA ALA B 375 -27.95 -2.65 47.02
C ALA B 375 -26.64 -2.37 46.29
N ALA B 376 -26.72 -2.02 45.02
CA ALA B 376 -25.51 -1.74 44.26
C ALA B 376 -24.79 -0.52 44.83
N ASP B 377 -23.47 -0.48 44.66
CA ASP B 377 -22.65 0.66 45.07
C ASP B 377 -22.63 1.69 43.95
N LYS B 378 -23.48 2.70 44.05
CA LYS B 378 -23.63 3.67 42.97
C LYS B 378 -22.28 4.19 42.47
N GLU B 379 -21.49 4.76 43.36
CA GLU B 379 -20.26 5.44 42.96
C GLU B 379 -19.30 4.52 42.19
N SER B 380 -19.14 3.29 42.66
CA SER B 380 -18.23 2.37 42.01
C SER B 380 -18.78 1.86 40.67
N THR B 381 -20.08 1.58 40.60
CA THR B 381 -20.67 1.12 39.34
C THR B 381 -20.67 2.27 38.34
N GLN B 382 -20.73 3.49 38.84
CA GLN B 382 -20.73 4.63 37.95
C GLN B 382 -19.34 4.79 37.36
N LYS B 383 -18.34 4.91 38.23
CA LYS B 383 -16.99 5.12 37.76
C LYS B 383 -16.56 4.04 36.76
N ALA B 384 -17.17 2.85 36.86
CA ALA B 384 -16.83 1.73 35.98
C ALA B 384 -17.54 1.84 34.63
N PHE B 385 -18.84 2.04 34.69
CA PHE B 385 -19.64 2.23 33.49
C PHE B 385 -19.10 3.38 32.65
N ASP B 386 -18.61 4.41 33.31
CA ASP B 386 -18.05 5.56 32.60
C ASP B 386 -16.77 5.13 31.91
N GLY B 387 -15.94 4.40 32.64
CA GLY B 387 -14.69 3.91 32.08
C GLY B 387 -14.93 3.03 30.87
N ILE B 388 -15.74 1.98 31.06
CA ILE B 388 -15.98 1.03 29.98
C ILE B 388 -16.54 1.77 28.78
N THR B 389 -17.16 2.89 29.06
CA THR B 389 -17.71 3.72 27.99
C THR B 389 -16.56 4.36 27.24
N ASN B 390 -15.66 5.02 27.97
CA ASN B 390 -14.51 5.60 27.32
C ASN B 390 -13.77 4.57 26.48
N LYS B 391 -13.61 3.35 27.01
CA LYS B 391 -12.98 2.26 26.27
C LYS B 391 -13.63 2.07 24.92
N VAL B 392 -14.87 1.58 24.92
CA VAL B 392 -15.57 1.38 23.66
C VAL B 392 -15.51 2.62 22.78
N ASN B 393 -15.94 3.76 23.29
CA ASN B 393 -15.83 4.97 22.50
C ASN B 393 -14.43 5.19 21.91
N SER B 394 -13.39 4.98 22.72
CA SER B 394 -12.01 5.14 22.23
C SER B 394 -11.69 4.23 21.06
N VAL B 395 -11.99 2.94 21.21
CA VAL B 395 -11.78 1.98 20.12
C VAL B 395 -12.53 2.40 18.86
N ILE B 396 -13.72 2.96 19.03
CA ILE B 396 -14.53 3.44 17.90
C ILE B 396 -14.14 4.81 17.31
N GLU B 397 -14.06 5.86 18.13
CA GLU B 397 -13.92 7.20 17.56
C GLU B 397 -12.48 7.68 17.25
N LYS B 398 -11.47 6.87 17.55
CA LYS B 398 -10.10 7.22 17.19
C LYS B 398 -9.79 6.72 15.79
N MET B 399 -10.71 5.94 15.23
CA MET B 399 -10.53 5.43 13.88
C MET B 399 -10.65 6.53 12.84
N ASN B 400 -9.54 6.80 12.15
CA ASN B 400 -9.55 7.77 11.05
C ASN B 400 -10.21 7.21 9.80
N THR B 401 -11.14 7.97 9.24
CA THR B 401 -11.95 7.49 8.12
C THR B 401 -12.10 8.55 7.04
N GLN B 402 -11.51 8.30 5.88
CA GLN B 402 -11.69 9.18 4.73
C GLN B 402 -12.49 8.54 3.60
N PHE B 403 -12.63 9.26 2.50
CA PHE B 403 -13.46 8.82 1.39
C PHE B 403 -12.64 8.18 0.29
N GLU B 404 -12.94 6.94 -0.03
CA GLU B 404 -12.17 6.20 -1.02
C GLU B 404 -13.06 5.39 -1.98
N ALA B 405 -12.46 4.88 -3.05
CA ALA B 405 -13.18 4.16 -4.10
C ALA B 405 -12.88 2.66 -4.13
N VAL B 406 -11.64 2.27 -3.82
CA VAL B 406 -11.26 0.85 -3.72
C VAL B 406 -11.27 0.13 -5.06
N GLY B 407 -12.45 -0.33 -5.50
CA GLY B 407 -12.57 -0.97 -6.80
C GLY B 407 -11.89 -0.11 -7.84
N LYS B 408 -11.09 -0.70 -8.73
CA LYS B 408 -10.34 0.09 -9.72
C LYS B 408 -10.30 -0.52 -11.12
N GLU B 409 -9.87 0.29 -12.09
CA GLU B 409 -9.94 -0.08 -13.50
C GLU B 409 -8.55 -0.12 -14.14
N PHE B 410 -8.24 -1.26 -14.75
CA PHE B 410 -6.95 -1.48 -15.39
C PHE B 410 -7.16 -2.29 -16.65
N SER B 411 -6.37 -1.98 -17.67
CA SER B 411 -6.51 -2.62 -19.00
C SER B 411 -5.86 -3.99 -19.00
N ASN B 412 -5.64 -4.56 -20.16
CA ASN B 412 -5.00 -5.87 -20.24
C ASN B 412 -3.48 -5.81 -20.25
N LEU B 413 -2.95 -4.67 -20.65
CA LEU B 413 -1.53 -4.44 -20.62
C LEU B 413 -1.13 -3.76 -19.30
N GLU B 414 -1.99 -3.91 -18.31
CA GLU B 414 -1.79 -3.30 -17.01
C GLU B 414 -1.97 -4.32 -15.89
N ARG B 415 -1.78 -5.60 -16.21
CA ARG B 415 -1.94 -6.65 -15.21
C ARG B 415 -1.01 -6.48 -14.01
N ARG B 416 0.15 -5.85 -14.22
CA ARG B 416 1.05 -5.50 -13.11
C ARG B 416 0.55 -4.33 -12.27
N LEU B 417 0.11 -3.26 -12.93
CA LEU B 417 -0.44 -2.14 -12.21
C LEU B 417 -1.57 -2.65 -11.36
N GLU B 418 -2.45 -3.43 -11.99
CA GLU B 418 -3.54 -4.07 -11.26
C GLU B 418 -3.04 -4.88 -10.06
N ASN B 419 -2.04 -5.72 -10.29
CA ASN B 419 -1.49 -6.57 -9.24
C ASN B 419 -0.81 -5.78 -8.12
N LEU B 420 -0.20 -4.66 -8.47
CA LEU B 420 0.38 -3.76 -7.49
C LEU B 420 -0.74 -3.25 -6.59
N ASN B 421 -1.87 -2.92 -7.18
CA ASN B 421 -3.01 -2.48 -6.40
C ASN B 421 -3.49 -3.58 -5.45
N LYS B 422 -3.58 -4.81 -5.96
CA LYS B 422 -4.00 -5.92 -5.13
C LYS B 422 -3.02 -6.23 -3.99
N LYS B 423 -1.72 -6.28 -4.27
CA LYS B 423 -0.72 -6.47 -3.23
C LYS B 423 -0.92 -5.44 -2.13
N MET B 424 -1.24 -4.20 -2.52
CA MET B 424 -1.48 -3.11 -1.58
C MET B 424 -2.79 -3.22 -0.83
N GLU B 425 -3.87 -3.54 -1.52
CA GLU B 425 -5.16 -3.71 -0.85
C GLU B 425 -5.15 -4.89 0.13
N ASP B 426 -4.47 -5.96 -0.26
CA ASP B 426 -4.28 -7.10 0.63
C ASP B 426 -3.47 -6.73 1.85
N GLY B 427 -2.35 -6.05 1.61
CA GLY B 427 -1.46 -5.65 2.69
C GLY B 427 -2.20 -4.97 3.83
N PHE B 428 -3.07 -4.04 3.46
CA PHE B 428 -3.87 -3.34 4.47
C PHE B 428 -4.92 -4.28 5.12
N LEU B 429 -5.54 -5.14 4.32
CA LEU B 429 -6.45 -6.15 4.86
C LEU B 429 -5.80 -6.95 6.01
N ASP B 430 -4.63 -7.54 5.72
CA ASP B 430 -3.90 -8.31 6.71
C ASP B 430 -3.60 -7.46 7.94
N VAL B 431 -3.10 -6.24 7.72
CA VAL B 431 -2.73 -5.34 8.82
C VAL B 431 -3.93 -5.00 9.70
N TRP B 432 -5.05 -4.62 9.09
CA TRP B 432 -6.21 -4.25 9.89
C TRP B 432 -6.83 -5.45 10.59
N THR B 433 -6.85 -6.59 9.91
CA THR B 433 -7.42 -7.77 10.54
C THR B 433 -6.62 -8.22 11.75
N TYR B 434 -5.32 -8.41 11.58
CA TYR B 434 -4.47 -8.82 12.69
C TYR B 434 -4.64 -7.87 13.89
N ASN B 435 -4.69 -6.57 13.61
CA ASN B 435 -4.84 -5.60 14.68
C ASN B 435 -6.21 -5.68 15.36
N ALA B 436 -7.27 -5.55 14.58
CA ALA B 436 -8.62 -5.59 15.17
C ALA B 436 -8.87 -6.86 15.99
N GLU B 437 -8.45 -7.99 15.44
CA GLU B 437 -8.49 -9.27 16.16
C GLU B 437 -7.82 -9.16 17.53
N LEU B 438 -6.53 -8.85 17.52
CA LEU B 438 -5.77 -8.70 18.76
C LEU B 438 -6.25 -7.54 19.64
N LEU B 439 -6.69 -6.44 19.03
CA LEU B 439 -7.23 -5.33 19.81
C LEU B 439 -8.35 -5.83 20.72
N VAL B 440 -9.35 -6.45 20.10
CA VAL B 440 -10.43 -7.06 20.85
C VAL B 440 -9.90 -8.04 21.91
N LEU B 441 -9.07 -8.98 21.49
CA LEU B 441 -8.49 -9.95 22.43
C LEU B 441 -7.79 -9.31 23.62
N MET B 442 -6.88 -8.38 23.38
CA MET B 442 -6.12 -7.78 24.46
C MET B 442 -7.03 -6.90 25.29
N GLU B 443 -7.82 -6.07 24.64
CA GLU B 443 -8.70 -5.17 25.40
C GLU B 443 -9.71 -5.94 26.23
N ASN B 444 -9.96 -7.19 25.90
CA ASN B 444 -10.94 -7.96 26.64
C ASN B 444 -10.38 -8.59 27.92
N GLU B 445 -9.15 -9.05 27.90
CA GLU B 445 -8.61 -9.57 29.15
C GLU B 445 -8.49 -8.41 30.12
N ARG B 446 -8.24 -7.22 29.59
CA ARG B 446 -8.13 -6.01 30.41
C ARG B 446 -9.48 -5.65 31.04
N THR B 447 -10.53 -5.68 30.23
CA THR B 447 -11.83 -5.27 30.72
C THR B 447 -12.22 -6.15 31.89
N LEU B 448 -12.11 -7.47 31.71
CA LEU B 448 -12.47 -8.39 32.78
C LEU B 448 -11.65 -8.06 34.02
N ASP B 449 -10.34 -8.05 33.87
CA ASP B 449 -9.49 -7.68 34.99
C ASP B 449 -9.97 -6.40 35.66
N PHE B 450 -10.32 -5.41 34.86
CA PHE B 450 -10.85 -4.14 35.38
C PHE B 450 -12.00 -4.39 36.37
N HIS B 451 -13.06 -5.06 35.90
CA HIS B 451 -14.16 -5.42 36.78
C HIS B 451 -13.66 -6.13 38.05
N ASP B 452 -12.86 -7.19 37.86
CA ASP B 452 -12.29 -7.96 38.97
C ASP B 452 -11.67 -7.05 40.03
N SER B 453 -10.79 -6.15 39.58
CA SER B 453 -10.17 -5.15 40.44
C SER B 453 -11.22 -4.32 41.19
N ASN B 454 -12.12 -3.67 40.44
CA ASN B 454 -13.17 -2.88 41.06
C ASN B 454 -13.83 -3.57 42.25
N VAL B 455 -14.24 -4.82 42.07
CA VAL B 455 -14.78 -5.61 43.16
C VAL B 455 -13.77 -5.72 44.26
N LYS B 456 -12.61 -6.30 43.96
CA LYS B 456 -11.54 -6.43 44.96
C LYS B 456 -11.23 -5.14 45.72
N ASN B 457 -11.30 -4.00 45.04
CA ASN B 457 -11.11 -2.73 45.74
C ASN B 457 -12.32 -2.40 46.60
N LEU B 458 -13.51 -2.74 46.15
CA LEU B 458 -14.69 -2.51 46.94
C LEU B 458 -14.64 -3.38 48.19
N TYR B 459 -14.20 -4.63 48.03
CA TYR B 459 -14.03 -5.51 49.18
C TYR B 459 -13.02 -4.95 50.20
N ASP B 460 -11.85 -4.57 49.72
CA ASP B 460 -10.82 -4.00 50.56
C ASP B 460 -11.21 -2.70 51.24
N LYS B 461 -12.07 -1.91 50.60
CA LYS B 461 -12.46 -0.62 51.16
C LYS B 461 -13.33 -0.80 52.40
N VAL B 462 -14.07 -1.91 52.43
CA VAL B 462 -14.87 -2.28 53.59
C VAL B 462 -14.01 -2.96 54.64
N ARG B 463 -13.24 -3.97 54.23
CA ARG B 463 -12.36 -4.66 55.19
C ARG B 463 -11.49 -3.70 55.98
N MET B 464 -11.01 -2.66 55.33
CA MET B 464 -10.13 -1.68 55.97
C MET B 464 -10.85 -0.80 56.99
N GLN B 465 -12.14 -0.55 56.75
CA GLN B 465 -12.95 0.19 57.71
C GLN B 465 -13.29 -0.67 58.92
N LEU B 466 -13.93 -1.79 58.66
CA LEU B 466 -14.43 -2.67 59.71
C LEU B 466 -13.33 -3.12 60.64
N ARG B 467 -12.16 -3.46 60.10
CA ARG B 467 -11.01 -3.83 60.94
C ARG B 467 -11.30 -4.96 61.91
N ASP B 468 -11.25 -4.58 63.18
CA ASP B 468 -11.24 -5.48 64.33
C ASP B 468 -12.62 -6.02 64.69
N ASN B 469 -13.66 -5.32 64.27
CA ASN B 469 -15.00 -5.56 64.78
C ASN B 469 -15.79 -6.58 63.99
N VAL B 470 -15.13 -7.27 63.06
CA VAL B 470 -15.81 -8.29 62.29
C VAL B 470 -14.93 -9.52 62.07
N LYS B 471 -15.56 -10.69 62.05
CA LYS B 471 -14.89 -11.89 61.64
C LYS B 471 -14.84 -11.82 60.13
N GLU B 472 -13.71 -12.19 59.53
CA GLU B 472 -13.58 -12.18 58.08
C GLU B 472 -13.87 -13.56 57.53
N LEU B 473 -15.11 -13.80 57.14
CA LEU B 473 -15.55 -15.14 56.74
C LEU B 473 -14.69 -15.76 55.62
N GLY B 474 -14.53 -15.04 54.51
CA GLY B 474 -13.67 -15.49 53.44
C GLY B 474 -14.39 -15.73 52.13
N ASN B 475 -15.71 -15.63 52.16
CA ASN B 475 -16.51 -15.75 50.96
C ASN B 475 -16.81 -14.38 50.40
N GLY B 476 -16.18 -13.37 51.00
CA GLY B 476 -16.40 -11.99 50.60
C GLY B 476 -17.35 -11.28 51.55
N CYS B 477 -17.67 -11.94 52.66
CA CYS B 477 -18.60 -11.39 53.63
C CYS B 477 -17.90 -11.11 54.93
N PHE B 478 -18.49 -10.22 55.72
CA PHE B 478 -17.94 -9.90 57.03
C PHE B 478 -19.02 -10.09 58.09
N GLU B 479 -18.74 -10.90 59.11
CA GLU B 479 -19.69 -11.13 60.20
C GLU B 479 -19.37 -10.21 61.38
N PHE B 480 -20.25 -9.24 61.61
CA PHE B 480 -20.08 -8.28 62.68
C PHE B 480 -20.16 -8.90 64.07
N TYR B 481 -19.16 -8.60 64.89
CA TYR B 481 -19.26 -8.92 66.29
C TYR B 481 -20.36 -8.09 66.92
N HIS B 482 -20.25 -6.77 66.85
CA HIS B 482 -21.33 -5.93 67.36
C HIS B 482 -22.51 -5.92 66.42
N LYS B 483 -23.67 -5.50 66.92
CA LYS B 483 -24.89 -5.44 66.11
C LYS B 483 -24.89 -4.18 65.24
N CYS B 484 -25.28 -4.34 63.98
CA CYS B 484 -25.08 -3.30 62.98
C CYS B 484 -26.38 -2.95 62.30
N ASP B 485 -27.16 -2.09 62.94
CA ASP B 485 -28.46 -1.73 62.41
C ASP B 485 -28.35 -1.00 61.07
N ASP B 486 -29.49 -0.68 60.47
CA ASP B 486 -29.52 -0.04 59.16
C ASP B 486 -28.57 1.14 59.08
N GLU B 487 -28.69 2.08 60.01
CA GLU B 487 -27.80 3.24 60.00
C GLU B 487 -26.36 2.79 59.89
N CYS B 488 -25.95 1.92 60.81
CA CYS B 488 -24.60 1.37 60.81
C CYS B 488 -24.19 0.84 59.44
N MET B 489 -25.02 -0.05 58.88
CA MET B 489 -24.76 -0.61 57.56
C MET B 489 -24.43 0.54 56.62
N ASN B 490 -25.34 1.49 56.53
CA ASN B 490 -25.15 2.63 55.65
C ASN B 490 -23.83 3.36 55.89
N SER B 491 -23.33 3.36 57.11
CA SER B 491 -22.04 3.99 57.37
C SER B 491 -20.93 3.18 56.71
N VAL B 492 -21.10 1.86 56.68
CA VAL B 492 -20.10 0.98 56.07
C VAL B 492 -20.01 1.24 54.57
N LYS B 493 -21.17 1.47 53.94
CA LYS B 493 -21.26 1.76 52.51
C LYS B 493 -21.01 3.25 52.24
N ASN B 494 -21.37 4.09 53.22
CA ASN B 494 -20.98 5.51 53.25
C ASN B 494 -19.49 5.68 53.04
N GLY B 495 -18.74 5.30 54.07
CA GLY B 495 -17.32 5.58 54.14
C GLY B 495 -17.08 6.11 55.54
N THR B 496 -18.16 6.25 56.29
CA THR B 496 -18.11 6.64 57.69
C THR B 496 -17.64 5.46 58.56
N TYR B 497 -18.58 4.87 59.30
CA TYR B 497 -18.30 3.75 60.21
C TYR B 497 -17.12 4.00 61.12
N ASP B 498 -17.34 3.83 62.41
CA ASP B 498 -16.27 4.01 63.36
C ASP B 498 -16.81 3.86 64.74
N TYR B 499 -16.16 3.06 65.55
CA TYR B 499 -15.18 2.03 65.21
C TYR B 499 -14.70 1.92 66.63
N PRO B 500 -14.36 3.10 67.19
CA PRO B 500 -14.75 3.33 68.58
C PRO B 500 -16.17 2.75 68.82
N LYS B 501 -16.18 1.61 69.52
CA LYS B 501 -17.29 0.66 69.71
C LYS B 501 -17.06 -0.70 68.98
N TYR B 502 -16.62 -1.80 69.63
CA TYR B 502 -15.85 -1.88 70.90
C TYR B 502 -16.34 -2.45 72.29
N GLU B 503 -17.20 -3.47 72.46
CA GLU B 503 -18.20 -4.07 71.56
C GLU B 503 -17.77 -4.48 70.13
N GLU B 504 -17.06 -5.59 70.04
CA GLU B 504 -16.76 -6.43 71.17
C GLU B 504 -15.78 -7.42 70.56
N GLU B 505 -14.75 -7.85 71.29
CA GLU B 505 -14.54 -7.49 72.68
C GLU B 505 -15.47 -8.29 73.59
N SER B 506 -16.51 -7.63 74.11
CA SER B 506 -17.40 -8.22 75.09
C SER B 506 -18.60 -9.04 74.49
N ILE C 18 4.71 5.99 61.01
CA ILE C 18 5.32 5.98 59.68
C ILE C 18 4.25 5.97 58.60
N CYS C 19 4.51 6.72 57.53
CA CYS C 19 3.53 6.91 56.44
C CYS C 19 4.01 6.43 55.08
N ILE C 20 3.09 5.91 54.26
CA ILE C 20 3.39 5.53 52.88
C ILE C 20 2.64 6.46 51.94
N GLY C 21 3.38 7.19 51.11
CA GLY C 21 2.77 8.14 50.20
C GLY C 21 3.49 8.31 48.88
N TYR C 22 2.94 9.15 48.02
CA TYR C 22 3.50 9.37 46.69
C TYR C 22 3.61 10.85 46.36
N HIS C 23 4.44 11.15 45.37
CA HIS C 23 4.74 12.52 44.98
C HIS C 23 3.55 13.22 44.36
N ALA C 24 3.53 14.55 44.44
CA ALA C 24 2.51 15.33 43.76
C ALA C 24 2.95 16.78 43.62
N ASN C 25 3.33 17.18 42.41
CA ASN C 25 3.75 18.56 42.19
C ASN C 25 2.60 19.46 41.78
N ASN C 26 2.93 20.59 41.17
CA ASN C 26 1.93 21.58 40.79
C ASN C 26 1.64 21.56 39.29
N SER C 27 1.86 20.41 38.65
CA SER C 27 1.68 20.29 37.21
C SER C 27 0.21 20.42 36.81
N THR C 28 -0.01 20.85 35.57
CA THR C 28 -1.36 20.91 35.02
C THR C 28 -1.46 20.10 33.73
N GLU C 29 -0.37 19.42 33.38
CA GLU C 29 -0.29 18.59 32.19
C GLU C 29 -1.35 17.48 32.18
N LYS C 30 -2.12 17.43 31.10
CA LYS C 30 -3.20 16.45 30.97
C LYS C 30 -2.89 15.35 29.94
N VAL C 31 -3.22 14.11 30.28
CA VAL C 31 -3.11 13.01 29.34
C VAL C 31 -4.44 12.28 29.28
N ASP C 32 -4.61 11.42 28.29
CA ASP C 32 -5.79 10.58 28.20
C ASP C 32 -5.38 9.13 28.37
N THR C 33 -6.29 8.32 28.91
CA THR C 33 -6.06 6.88 29.00
C THR C 33 -7.23 6.15 28.38
N ILE C 34 -7.13 4.86 28.15
CA ILE C 34 -8.26 4.13 27.58
C ILE C 34 -9.55 4.38 28.38
N LEU C 35 -9.43 4.42 29.71
CA LEU C 35 -10.58 4.45 30.60
C LEU C 35 -11.04 5.85 31.01
N GLU C 36 -10.13 6.83 31.01
CA GLU C 36 -10.50 8.19 31.37
C GLU C 36 -9.85 9.19 30.44
N ARG C 37 -10.24 10.45 30.57
CA ARG C 37 -9.64 11.52 29.79
C ARG C 37 -9.52 12.78 30.62
N ASN C 38 -8.70 13.71 30.16
CA ASN C 38 -8.39 14.91 30.94
C ASN C 38 -7.77 14.56 32.29
N VAL C 39 -6.95 13.50 32.32
CA VAL C 39 -6.30 13.08 33.54
C VAL C 39 -5.00 13.85 33.76
N THR C 40 -4.85 14.40 34.97
CA THR C 40 -3.71 15.22 35.27
C THR C 40 -2.59 14.39 35.86
N VAL C 41 -1.40 14.52 35.30
CA VAL C 41 -0.28 13.75 35.79
C VAL C 41 0.86 14.69 36.23
N THR C 42 1.81 14.16 36.99
CA THR C 42 2.89 14.98 37.50
C THR C 42 3.90 15.37 36.40
N HIS C 43 4.20 14.43 35.51
CA HIS C 43 5.11 14.69 34.39
C HIS C 43 4.67 13.88 33.17
N ALA C 44 4.86 14.44 31.98
CA ALA C 44 4.45 13.80 30.74
C ALA C 44 5.39 14.11 29.56
N LYS C 45 5.46 13.20 28.60
CA LYS C 45 6.32 13.34 27.44
C LYS C 45 5.41 13.39 26.22
N ASP C 46 5.69 14.30 25.30
CA ASP C 46 4.98 14.32 24.02
C ASP C 46 5.87 13.62 23.01
N ILE C 47 5.29 12.71 22.23
CA ILE C 47 6.06 11.99 21.24
C ILE C 47 5.61 12.34 19.85
N LEU C 48 4.80 13.38 19.72
CA LEU C 48 4.40 13.88 18.41
C LEU C 48 5.11 15.17 18.03
N GLU C 49 5.93 15.12 17.00
CA GLU C 49 6.67 16.30 16.56
C GLU C 49 5.77 17.17 15.70
N LYS C 50 5.74 18.46 15.99
CA LYS C 50 4.87 19.40 15.24
C LYS C 50 5.56 20.72 14.84
N THR C 51 6.86 20.81 15.04
CA THR C 51 7.58 22.04 14.80
C THR C 51 8.63 21.92 13.71
N HIS C 52 8.82 23.00 12.97
CA HIS C 52 9.83 23.05 11.91
C HIS C 52 10.59 24.35 12.00
N ASN C 53 11.72 24.43 11.30
CA ASN C 53 12.55 25.62 11.33
C ASN C 53 12.31 26.55 10.14
N GLY C 54 11.19 26.32 9.45
CA GLY C 54 10.74 27.21 8.38
C GLY C 54 11.76 27.46 7.28
N LYS C 55 12.81 26.66 7.25
CA LYS C 55 13.86 26.84 6.26
C LYS C 55 13.94 25.63 5.35
N LEU C 56 14.28 25.84 4.10
CA LEU C 56 14.60 24.71 3.23
C LEU C 56 16.08 24.52 3.44
N CYS C 57 16.56 23.29 3.44
CA CYS C 57 17.90 23.02 3.93
C CYS C 57 18.65 21.98 3.14
N LYS C 58 19.93 21.83 3.45
CA LYS C 58 20.74 20.77 2.88
C LYS C 58 20.23 19.48 3.48
N LEU C 59 20.28 18.39 2.72
CA LEU C 59 19.75 17.13 3.19
C LEU C 59 20.88 16.12 3.35
N ASN C 60 21.20 15.75 4.58
CA ASN C 60 22.34 14.88 4.83
C ASN C 60 23.62 15.50 4.29
N GLY C 61 23.73 16.82 4.38
CA GLY C 61 24.94 17.54 4.02
C GLY C 61 25.00 18.07 2.60
N ILE C 62 24.16 17.53 1.74
CA ILE C 62 24.21 17.90 0.33
C ILE C 62 23.02 18.82 -0.01
N PRO C 63 23.26 19.84 -0.85
CA PRO C 63 22.24 20.84 -1.20
C PRO C 63 21.24 20.30 -2.19
N PRO C 64 20.12 21.00 -2.34
CA PRO C 64 19.11 20.74 -3.38
C PRO C 64 19.40 21.61 -4.60
N LEU C 65 19.13 21.07 -5.78
CA LEU C 65 19.19 21.89 -6.99
C LEU C 65 18.10 22.93 -6.86
N GLU C 66 18.45 24.21 -6.90
CA GLU C 66 17.42 25.25 -6.86
C GLU C 66 17.13 25.66 -8.28
N LEU C 67 15.87 25.56 -8.68
CA LEU C 67 15.51 25.87 -10.04
C LEU C 67 14.99 27.30 -10.17
N GLY C 68 14.57 27.88 -9.05
CA GLY C 68 13.99 29.22 -9.10
C GLY C 68 12.67 29.22 -9.86
N ASP C 69 12.56 30.07 -10.88
CA ASP C 69 11.35 30.02 -11.68
C ASP C 69 11.38 29.03 -12.85
N CYS C 70 12.47 28.29 -12.99
CA CYS C 70 12.62 27.37 -14.12
C CYS C 70 12.04 26.00 -13.85
N SER C 71 11.71 25.29 -14.93
CA SER C 71 11.30 23.89 -14.86
C SER C 71 12.46 23.04 -15.28
N ILE C 72 12.45 21.78 -14.88
CA ILE C 72 13.54 20.90 -15.21
C ILE C 72 13.78 20.92 -16.70
N ALA C 73 12.69 20.95 -17.46
CA ALA C 73 12.82 20.94 -18.90
C ALA C 73 13.53 22.22 -19.35
N GLY C 74 13.10 23.36 -18.83
CA GLY C 74 13.69 24.63 -19.19
C GLY C 74 15.17 24.65 -18.86
N TRP C 75 15.50 24.11 -17.70
CA TRP C 75 16.89 24.06 -17.28
C TRP C 75 17.71 23.24 -18.29
N LEU C 76 17.30 22.00 -18.51
CA LEU C 76 18.07 21.06 -19.35
C LEU C 76 18.21 21.55 -20.78
N LEU C 77 17.13 22.08 -21.34
CA LEU C 77 17.15 22.50 -22.73
C LEU C 77 17.95 23.79 -22.90
N GLY C 78 18.16 24.52 -21.81
CA GLY C 78 18.82 25.80 -21.93
C GLY C 78 17.90 26.95 -22.33
N ASN C 79 16.72 27.00 -21.74
CA ASN C 79 15.89 28.18 -21.88
C ASN C 79 16.77 29.35 -21.48
N PRO C 80 16.80 30.40 -22.29
CA PRO C 80 17.62 31.56 -21.98
C PRO C 80 17.20 32.16 -20.66
N GLU C 81 15.93 31.96 -20.32
CA GLU C 81 15.40 32.54 -19.10
C GLU C 81 15.94 31.80 -17.86
N CYS C 82 16.71 30.74 -18.09
CA CYS C 82 17.20 29.90 -16.99
C CYS C 82 18.71 30.00 -16.84
N ASP C 83 19.27 31.15 -17.20
CA ASP C 83 20.71 31.33 -17.16
C ASP C 83 21.19 31.67 -15.73
N ARG C 84 20.32 32.28 -14.94
CA ARG C 84 20.68 32.69 -13.59
C ARG C 84 20.79 31.54 -12.63
N LEU C 85 20.81 30.30 -13.14
CA LEU C 85 20.80 29.13 -12.27
C LEU C 85 22.17 28.72 -11.75
N LEU C 86 22.23 28.39 -10.46
CA LEU C 86 23.51 28.12 -9.79
C LEU C 86 24.26 26.96 -10.44
N SER C 87 23.61 25.80 -10.51
CA SER C 87 24.19 24.64 -11.20
C SER C 87 25.28 23.91 -10.43
N VAL C 88 24.86 23.23 -9.36
CA VAL C 88 25.75 22.40 -8.56
C VAL C 88 26.12 21.11 -9.27
N PRO C 89 27.20 20.46 -8.82
CA PRO C 89 27.63 19.20 -9.41
C PRO C 89 26.91 18.02 -8.78
N GLU C 90 26.41 18.20 -7.57
CA GLU C 90 25.81 17.11 -6.83
C GLU C 90 24.71 17.68 -5.98
N TRP C 91 23.50 17.15 -6.12
CA TRP C 91 22.38 17.57 -5.28
C TRP C 91 21.57 16.39 -4.73
N SER C 92 20.73 16.65 -3.73
CA SER C 92 20.07 15.60 -2.95
C SER C 92 18.55 15.59 -3.09
N TYR C 93 17.95 16.74 -3.39
CA TYR C 93 16.59 16.78 -3.91
C TYR C 93 16.44 17.90 -4.94
N ILE C 94 15.23 18.18 -5.41
CA ILE C 94 15.05 19.29 -6.34
C ILE C 94 13.99 20.29 -5.87
N MET C 95 14.36 21.57 -5.77
CA MET C 95 13.38 22.62 -5.54
C MET C 95 12.81 23.18 -6.83
N GLU C 96 11.54 22.87 -7.09
CA GLU C 96 10.83 23.37 -8.26
C GLU C 96 9.67 24.16 -7.70
N LYS C 97 9.00 24.94 -8.55
CA LYS C 97 7.81 25.62 -8.09
C LYS C 97 6.55 24.91 -8.59
N GLU C 98 5.43 25.22 -7.96
CA GLU C 98 4.14 24.84 -8.51
C GLU C 98 3.86 25.84 -9.64
N ASN C 99 3.93 25.37 -10.88
CA ASN C 99 3.70 26.26 -12.02
C ASN C 99 4.85 27.19 -12.27
N PRO C 100 5.95 26.63 -12.78
CA PRO C 100 7.17 27.36 -13.10
C PRO C 100 6.98 28.24 -14.32
N ARG C 101 7.42 29.49 -14.23
CA ARG C 101 7.24 30.47 -15.29
C ARG C 101 7.97 30.11 -16.59
N ASP C 102 9.16 29.55 -16.48
CA ASP C 102 9.99 29.35 -17.67
C ASP C 102 10.31 27.89 -17.89
N GLY C 103 9.64 27.29 -18.86
CA GLY C 103 9.92 25.91 -19.24
C GLY C 103 10.23 25.88 -20.72
N LEU C 104 9.36 25.25 -21.50
CA LEU C 104 9.55 25.23 -22.95
C LEU C 104 9.17 26.59 -23.53
N CYS C 105 10.12 27.51 -23.61
CA CYS C 105 9.84 28.80 -24.23
C CYS C 105 9.18 28.59 -25.59
N TYR C 106 9.72 27.67 -26.38
CA TYR C 106 9.13 27.27 -27.64
C TYR C 106 8.08 26.19 -27.37
N PRO C 107 6.82 26.45 -27.73
CA PRO C 107 5.74 25.54 -27.32
C PRO C 107 6.00 24.10 -27.80
N GLY C 108 5.54 23.12 -27.05
CA GLY C 108 5.67 21.74 -27.45
C GLY C 108 5.52 20.78 -26.27
N SER C 109 6.35 19.77 -26.22
CA SER C 109 6.18 18.75 -25.22
C SER C 109 7.47 18.00 -25.00
N PHE C 110 7.47 17.18 -23.97
CA PHE C 110 8.66 16.46 -23.55
C PHE C 110 8.21 15.04 -23.20
N ASN C 111 8.68 14.05 -23.96
CA ASN C 111 8.24 12.67 -23.77
C ASN C 111 8.82 12.04 -22.52
N ASP C 112 8.04 11.20 -21.84
CA ASP C 112 8.55 10.58 -20.62
C ASP C 112 9.17 11.58 -19.67
N TYR C 113 8.48 12.71 -19.48
CA TYR C 113 9.05 13.80 -18.72
C TYR C 113 9.14 13.44 -17.25
N GLU C 114 8.05 12.90 -16.68
CA GLU C 114 8.02 12.57 -15.26
C GLU C 114 9.22 11.70 -14.90
N GLU C 115 9.34 10.59 -15.60
CA GLU C 115 10.49 9.69 -15.43
C GLU C 115 11.83 10.42 -15.42
N LEU C 116 12.03 11.31 -16.38
CA LEU C 116 13.25 12.12 -16.36
C LEU C 116 13.40 12.83 -15.01
N LYS C 117 12.36 13.55 -14.57
CA LYS C 117 12.41 14.32 -13.33
C LYS C 117 12.78 13.40 -12.18
N HIS C 118 12.16 12.22 -12.18
CA HIS C 118 12.45 11.24 -11.14
C HIS C 118 13.93 10.89 -11.17
N LEU C 119 14.46 10.70 -12.37
CA LEU C 119 15.86 10.37 -12.51
C LEU C 119 16.76 11.46 -11.94
N LEU C 120 16.49 12.70 -12.36
CA LEU C 120 17.29 13.85 -11.99
C LEU C 120 17.05 14.31 -10.56
N SER C 121 16.09 13.67 -9.90
CA SER C 121 15.67 14.14 -8.58
C SER C 121 16.83 14.16 -7.55
N SER C 122 17.87 13.40 -7.85
CA SER C 122 18.99 13.26 -6.94
C SER C 122 20.21 12.71 -7.64
N VAL C 123 21.26 13.51 -7.71
CA VAL C 123 22.43 13.12 -8.48
C VAL C 123 23.69 13.12 -7.62
N LYS C 124 24.55 12.14 -7.83
CA LYS C 124 25.84 12.10 -7.14
C LYS C 124 26.90 12.93 -7.85
N HIS C 125 26.86 12.89 -9.18
CA HIS C 125 27.70 13.76 -9.98
C HIS C 125 26.99 14.08 -11.28
N PHE C 126 27.01 15.34 -11.70
CA PHE C 126 26.23 15.79 -12.85
C PHE C 126 27.02 16.91 -13.50
N GLU C 127 27.39 16.71 -14.76
CA GLU C 127 28.29 17.64 -15.44
C GLU C 127 28.04 17.73 -16.94
N LYS C 128 27.85 18.95 -17.44
CA LYS C 128 27.55 19.15 -18.85
C LYS C 128 28.81 19.01 -19.71
N VAL C 129 28.69 18.34 -20.85
CA VAL C 129 29.82 18.22 -21.79
C VAL C 129 29.41 18.34 -23.26
N LYS C 130 30.16 19.12 -24.03
CA LYS C 130 29.87 19.33 -25.46
C LYS C 130 30.14 18.06 -26.27
N ILE C 131 29.15 17.59 -27.02
CA ILE C 131 29.26 16.30 -27.70
C ILE C 131 29.00 16.36 -29.23
N LEU C 132 28.32 17.40 -29.67
CA LEU C 132 28.12 17.62 -31.10
C LEU C 132 28.25 19.11 -31.33
N PRO C 133 29.49 19.62 -31.28
CA PRO C 133 29.76 21.07 -31.34
C PRO C 133 29.05 21.73 -32.51
N LYS C 134 28.46 22.90 -32.24
CA LYS C 134 27.63 23.62 -33.19
C LYS C 134 28.32 23.86 -34.52
N ASP C 135 29.61 24.19 -34.46
CA ASP C 135 30.40 24.54 -35.64
C ASP C 135 30.41 23.43 -36.66
N ARG C 136 30.59 22.20 -36.20
CA ARG C 136 30.85 21.08 -37.11
C ARG C 136 29.69 20.78 -38.06
N TRP C 137 28.52 21.34 -37.79
CA TRP C 137 27.37 21.17 -38.68
C TRP C 137 27.51 22.07 -39.90
N THR C 138 28.58 21.92 -40.67
CA THR C 138 28.67 22.63 -41.93
C THR C 138 27.55 22.07 -42.79
N GLN C 139 27.35 22.62 -43.98
CA GLN C 139 26.30 22.12 -44.87
C GLN C 139 24.91 22.17 -44.25
N HIS C 140 24.77 22.91 -43.15
CA HIS C 140 23.48 23.08 -42.50
C HIS C 140 23.47 24.41 -41.77
N THR C 141 22.33 25.12 -41.84
CA THR C 141 22.23 26.39 -41.11
C THR C 141 21.99 26.12 -39.64
N THR C 142 22.77 26.80 -38.80
CA THR C 142 22.86 26.43 -37.40
C THR C 142 22.36 27.53 -36.46
N THR C 143 21.95 28.65 -37.03
CA THR C 143 21.75 29.88 -36.26
C THR C 143 20.30 30.25 -35.99
N GLY C 144 19.38 29.39 -36.44
CA GLY C 144 17.95 29.63 -36.27
C GLY C 144 17.51 29.81 -34.82
N GLY C 145 16.76 30.87 -34.58
CA GLY C 145 16.19 31.10 -33.26
C GLY C 145 14.69 31.34 -33.38
N SER C 146 14.09 31.92 -32.35
CA SER C 146 12.67 32.30 -32.39
C SER C 146 12.35 33.36 -31.35
N ARG C 147 11.53 34.32 -31.71
CA ARG C 147 11.15 35.34 -30.73
C ARG C 147 10.37 34.76 -29.56
N ALA C 148 10.07 33.47 -29.63
CA ALA C 148 9.44 32.81 -28.51
C ALA C 148 10.50 32.47 -27.47
N CYS C 149 11.76 32.55 -27.87
CA CYS C 149 12.87 32.32 -26.96
C CYS C 149 13.73 33.56 -26.98
N ALA C 150 13.08 34.71 -27.00
CA ALA C 150 13.76 35.97 -27.23
C ALA C 150 14.63 36.44 -26.05
N VAL C 151 15.90 36.71 -26.37
CA VAL C 151 16.79 37.42 -25.44
C VAL C 151 17.09 38.82 -26.00
N SER C 152 16.45 39.83 -25.41
CA SER C 152 16.61 41.21 -25.85
C SER C 152 15.86 41.48 -27.14
N GLY C 153 14.57 41.13 -27.17
CA GLY C 153 13.73 41.38 -28.33
C GLY C 153 14.13 40.61 -29.58
N ASN C 154 15.37 40.12 -29.59
CA ASN C 154 15.88 39.36 -30.73
C ASN C 154 15.63 37.88 -30.59
N PRO C 155 15.35 37.19 -31.72
CA PRO C 155 15.11 35.75 -31.72
C PRO C 155 16.30 34.97 -31.16
N SER C 156 16.03 34.04 -30.23
CA SER C 156 17.06 33.14 -29.73
C SER C 156 16.53 31.71 -29.58
N PHE C 157 17.27 30.87 -28.86
CA PHE C 157 16.92 29.45 -28.82
C PHE C 157 17.56 28.76 -27.64
N PHE C 158 16.94 27.67 -27.20
CA PHE C 158 17.50 26.84 -26.14
C PHE C 158 19.00 26.74 -26.34
N ARG C 159 19.77 27.20 -25.35
CA ARG C 159 21.22 27.26 -25.47
C ARG C 159 21.83 25.89 -25.71
N ASN C 160 21.32 24.88 -25.02
CA ASN C 160 21.91 23.55 -25.08
C ASN C 160 21.58 22.78 -26.36
N MET C 161 20.67 23.31 -27.16
CA MET C 161 20.22 22.63 -28.36
C MET C 161 20.65 23.37 -29.63
N VAL C 162 20.44 22.75 -30.79
CA VAL C 162 20.79 23.35 -32.07
C VAL C 162 19.71 23.10 -33.12
N TRP C 163 19.24 24.18 -33.76
CA TRP C 163 18.18 24.08 -34.76
C TRP C 163 18.71 23.93 -36.20
N LEU C 164 19.01 22.70 -36.60
CA LEU C 164 19.45 22.44 -37.97
C LEU C 164 18.37 22.85 -38.98
N THR C 165 18.72 23.77 -39.89
CA THR C 165 17.84 24.16 -40.99
C THR C 165 18.58 24.23 -42.34
N GLU C 166 17.81 24.33 -43.42
CA GLU C 166 18.37 24.37 -44.76
C GLU C 166 19.48 25.41 -44.89
N LYS C 167 20.59 25.01 -45.53
CA LYS C 167 21.70 25.91 -45.88
C LYS C 167 21.92 25.93 -47.40
N GLY C 168 22.14 27.13 -47.93
CA GLY C 168 22.04 27.34 -49.36
C GLY C 168 20.55 27.25 -49.65
N SER C 169 20.17 26.25 -50.44
CA SER C 169 18.77 25.85 -50.55
C SER C 169 18.75 24.34 -50.64
N ASN C 170 19.48 23.74 -49.72
CA ASN C 170 19.82 22.34 -49.75
C ASN C 170 19.91 21.84 -48.31
N TYR C 171 19.19 20.78 -47.97
CA TYR C 171 19.30 20.17 -46.66
C TYR C 171 19.81 18.74 -46.84
N PRO C 172 21.13 18.57 -46.84
CA PRO C 172 21.72 17.26 -47.03
C PRO C 172 21.37 16.38 -45.86
N VAL C 173 21.30 15.07 -46.07
CA VAL C 173 21.04 14.16 -44.98
C VAL C 173 21.94 14.52 -43.81
N ALA C 174 21.33 15.01 -42.73
CA ALA C 174 22.09 15.40 -41.56
C ALA C 174 22.50 14.17 -40.76
N LYS C 175 23.80 13.95 -40.62
CA LYS C 175 24.28 12.83 -39.83
C LYS C 175 25.21 13.33 -38.73
N GLY C 176 25.11 12.70 -37.56
CA GLY C 176 25.96 13.06 -36.44
C GLY C 176 25.88 11.98 -35.39
N SER C 177 27.04 11.52 -34.94
CA SER C 177 27.08 10.53 -33.88
C SER C 177 27.97 11.00 -32.74
N TYR C 178 27.95 10.26 -31.64
CA TYR C 178 28.80 10.55 -30.50
C TYR C 178 29.06 9.29 -29.64
N ASN C 179 30.33 8.90 -29.55
CA ASN C 179 30.72 7.80 -28.68
C ASN C 179 30.94 8.32 -27.25
N ASN C 180 30.16 7.78 -26.32
CA ASN C 180 30.25 8.23 -24.94
C ASN C 180 31.49 7.67 -24.20
N THR C 181 32.47 8.54 -24.00
CA THR C 181 33.73 8.12 -23.43
C THR C 181 33.98 8.73 -22.05
N SER C 182 33.12 9.68 -21.66
CA SER C 182 33.29 10.42 -20.44
C SER C 182 33.21 9.55 -19.19
N GLY C 183 33.16 8.23 -19.39
CA GLY C 183 33.18 7.27 -18.29
C GLY C 183 32.01 7.31 -17.31
N GLU C 184 30.91 7.96 -17.70
CA GLU C 184 29.69 7.89 -16.93
C GLU C 184 28.50 7.81 -17.87
N GLN C 185 27.40 7.22 -17.42
CA GLN C 185 26.15 7.29 -18.16
C GLN C 185 25.90 8.73 -18.61
N MET C 186 25.45 8.90 -19.85
CA MET C 186 25.16 10.24 -20.30
C MET C 186 23.70 10.50 -20.75
N LEU C 187 23.07 11.47 -20.10
CA LEU C 187 21.74 11.89 -20.50
C LEU C 187 21.88 12.70 -21.78
N ILE C 188 21.05 12.39 -22.77
CA ILE C 188 21.04 13.15 -24.03
C ILE C 188 19.60 13.45 -24.48
N ILE C 189 19.32 14.72 -24.79
CA ILE C 189 17.98 15.15 -25.18
C ILE C 189 17.98 15.58 -26.65
N TRP C 190 16.94 15.22 -27.40
CA TRP C 190 16.79 15.71 -28.78
C TRP C 190 15.35 16.15 -29.10
N GLY C 191 15.14 16.68 -30.28
CA GLY C 191 13.83 17.23 -30.61
C GLY C 191 13.38 17.08 -32.05
N VAL C 192 12.07 17.12 -32.25
CA VAL C 192 11.48 17.11 -33.59
C VAL C 192 10.48 18.25 -33.73
N HIS C 193 10.69 19.08 -34.76
CA HIS C 193 9.91 20.30 -34.95
C HIS C 193 8.66 20.03 -35.77
N HIS C 194 7.52 20.48 -35.26
CA HIS C 194 6.27 20.33 -35.97
C HIS C 194 5.76 21.67 -36.48
N PRO C 195 6.06 21.99 -37.76
CA PRO C 195 5.67 23.24 -38.43
C PRO C 195 4.14 23.46 -38.52
N ASN C 196 3.74 24.71 -38.71
CA ASN C 196 2.33 25.07 -38.83
C ASN C 196 1.72 24.79 -40.21
N ASP C 197 2.55 24.73 -41.24
CA ASP C 197 2.07 24.58 -42.61
C ASP C 197 3.19 24.14 -43.53
N GLU C 198 2.82 23.51 -44.65
CA GLU C 198 3.78 22.90 -45.56
C GLU C 198 4.78 23.93 -46.09
N THR C 199 4.40 25.20 -46.10
CA THR C 199 5.30 26.25 -46.57
C THR C 199 6.46 26.42 -45.60
N GLU C 200 6.13 26.73 -44.36
CA GLU C 200 7.10 26.80 -43.28
C GLU C 200 8.08 25.63 -43.33
N GLN C 201 7.53 24.43 -43.49
CA GLN C 201 8.35 23.23 -43.62
C GLN C 201 9.38 23.37 -44.74
N ARG C 202 8.94 23.86 -45.89
CA ARG C 202 9.83 24.01 -47.03
C ARG C 202 10.85 25.12 -46.80
N THR C 203 10.40 26.28 -46.32
CA THR C 203 11.31 27.40 -46.15
C THR C 203 12.22 27.22 -44.96
N LEU C 204 12.11 26.06 -44.32
CA LEU C 204 13.03 25.71 -43.24
C LEU C 204 13.94 24.52 -43.59
N TYR C 205 13.50 23.66 -44.51
CA TYR C 205 14.19 22.39 -44.71
C TYR C 205 14.21 21.92 -46.15
N GLN C 206 13.54 22.65 -47.04
CA GLN C 206 13.44 22.24 -48.44
C GLN C 206 12.62 20.97 -48.65
N ASN C 207 13.01 19.91 -47.96
CA ASN C 207 12.43 18.60 -48.17
C ASN C 207 11.04 18.51 -47.56
N VAL C 208 10.25 17.51 -47.95
CA VAL C 208 8.92 17.36 -47.41
C VAL C 208 8.66 16.01 -46.73
N GLY C 209 9.26 14.94 -47.26
CA GLY C 209 9.11 13.62 -46.66
C GLY C 209 10.20 13.37 -45.64
N THR C 210 10.29 14.22 -44.63
CA THR C 210 11.41 14.14 -43.71
C THR C 210 11.16 13.24 -42.50
N TYR C 211 12.24 12.90 -41.82
CA TYR C 211 12.19 12.02 -40.68
C TYR C 211 13.38 12.34 -39.77
N VAL C 212 13.27 11.98 -38.49
CA VAL C 212 14.36 12.15 -37.56
C VAL C 212 14.64 10.82 -36.89
N SER C 213 15.88 10.36 -37.00
CA SER C 213 16.19 9.01 -36.58
C SER C 213 17.26 9.00 -35.51
N VAL C 214 16.98 8.34 -34.39
CA VAL C 214 17.90 8.31 -33.26
C VAL C 214 18.11 6.85 -32.84
N GLY C 215 19.37 6.43 -32.68
CA GLY C 215 19.66 5.04 -32.35
C GLY C 215 20.78 4.82 -31.33
N THR C 216 20.67 3.75 -30.56
CA THR C 216 21.77 3.33 -29.70
C THR C 216 21.86 1.80 -29.69
N SER C 217 22.67 1.22 -28.81
CA SER C 217 22.65 -0.22 -28.65
C SER C 217 21.29 -0.68 -28.13
N THR C 218 20.48 0.27 -27.69
CA THR C 218 19.26 -0.06 -26.99
C THR C 218 18.06 0.68 -27.53
N LEU C 219 18.33 1.88 -28.03
CA LEU C 219 17.29 2.75 -28.54
C LEU C 219 17.20 2.61 -30.05
N ASN C 220 15.98 2.77 -30.56
CA ASN C 220 15.74 2.83 -31.99
C ASN C 220 14.42 3.57 -32.22
N LYS C 221 14.52 4.85 -32.52
CA LYS C 221 13.32 5.64 -32.62
C LYS C 221 13.37 6.42 -33.93
N ARG C 222 12.28 6.38 -34.69
CA ARG C 222 12.19 7.19 -35.90
C ARG C 222 10.93 8.01 -35.80
N SER C 223 11.03 9.29 -36.10
CA SER C 223 9.89 10.19 -36.00
C SER C 223 9.72 10.94 -37.30
N THR C 224 8.48 11.09 -37.74
CA THR C 224 8.17 12.02 -38.82
C THR C 224 7.45 13.23 -38.22
N PRO C 225 7.69 14.41 -38.78
CA PRO C 225 7.07 15.61 -38.25
C PRO C 225 5.59 15.68 -38.58
N ASP C 226 4.82 16.37 -37.74
CA ASP C 226 3.39 16.51 -37.97
C ASP C 226 3.08 17.92 -38.39
N ILE C 227 2.73 18.09 -39.66
CA ILE C 227 2.43 19.41 -40.18
C ILE C 227 0.93 19.64 -40.18
N ALA C 228 0.50 20.58 -39.33
CA ALA C 228 -0.93 20.82 -39.14
C ALA C 228 -1.14 22.15 -38.47
N THR C 229 -2.32 22.71 -38.63
CA THR C 229 -2.63 23.99 -38.00
C THR C 229 -2.97 23.79 -36.54
N ARG C 230 -2.55 24.72 -35.70
CA ARG C 230 -2.81 24.61 -34.28
C ARG C 230 -3.11 25.94 -33.61
N PRO C 231 -3.77 25.89 -32.45
CA PRO C 231 -3.95 27.07 -31.61
C PRO C 231 -2.60 27.70 -31.37
N LYS C 232 -2.53 29.03 -31.34
CA LYS C 232 -1.26 29.71 -31.19
C LYS C 232 -0.84 29.71 -29.72
N VAL C 233 0.39 29.28 -29.47
CA VAL C 233 0.97 29.40 -28.14
C VAL C 233 2.25 30.24 -28.20
N ASN C 234 2.31 31.31 -27.42
CA ASN C 234 3.34 32.31 -27.62
C ASN C 234 3.37 32.65 -29.09
N GLY C 235 2.19 32.92 -29.63
CA GLY C 235 2.00 33.30 -31.02
C GLY C 235 2.51 32.24 -31.98
N LEU C 236 2.73 31.04 -31.47
CA LEU C 236 3.29 30.00 -32.29
C LEU C 236 2.34 28.81 -32.47
N GLY C 237 2.10 28.45 -33.71
CA GLY C 237 1.26 27.29 -33.98
C GLY C 237 2.13 26.05 -34.08
N SER C 238 3.39 26.25 -34.45
CA SER C 238 4.31 25.15 -34.56
C SER C 238 4.58 24.61 -33.16
N ARG C 239 5.26 23.48 -33.08
CA ARG C 239 5.57 22.85 -31.80
C ARG C 239 6.89 22.10 -31.86
N MET C 240 7.53 21.94 -30.71
CA MET C 240 8.74 21.17 -30.58
C MET C 240 8.56 20.01 -29.59
N GLU C 241 8.83 18.79 -30.06
CA GLU C 241 8.64 17.58 -29.28
C GLU C 241 9.96 16.94 -28.91
N PHE C 242 10.36 17.13 -27.66
CA PHE C 242 11.64 16.63 -27.18
C PHE C 242 11.55 15.25 -26.51
N SER C 243 12.52 14.40 -26.82
CA SER C 243 12.64 13.07 -26.23
C SER C 243 14.04 12.93 -25.66
N TRP C 244 14.26 11.92 -24.84
CA TRP C 244 15.58 11.76 -24.24
C TRP C 244 16.00 10.28 -24.14
N THR C 245 17.30 10.02 -24.05
CA THR C 245 17.75 8.68 -23.71
C THR C 245 18.93 8.73 -22.75
N LEU C 246 19.24 7.60 -22.13
CA LEU C 246 20.44 7.49 -21.28
C LEU C 246 21.54 6.72 -22.00
N LEU C 247 22.38 7.42 -22.74
CA LEU C 247 23.46 6.77 -23.48
C LEU C 247 24.46 6.12 -22.54
N ASP C 248 24.65 4.80 -22.67
CA ASP C 248 25.51 4.03 -21.78
C ASP C 248 26.99 4.32 -21.93
N MET C 249 27.78 3.85 -20.99
CA MET C 249 29.26 3.89 -21.10
C MET C 249 29.77 3.11 -22.30
N TRP C 250 30.55 3.79 -23.15
CA TRP C 250 31.17 3.18 -24.32
C TRP C 250 30.19 2.87 -25.46
N ASP C 251 28.92 3.19 -25.25
CA ASP C 251 27.93 3.06 -26.32
C ASP C 251 27.95 4.32 -27.20
N THR C 252 27.34 4.25 -28.37
CA THR C 252 27.26 5.42 -29.25
C THR C 252 25.83 5.80 -29.58
N ILE C 253 25.61 7.06 -29.90
CA ILE C 253 24.29 7.51 -30.31
C ILE C 253 24.40 8.02 -31.74
N ASN C 254 23.51 7.55 -32.61
CA ASN C 254 23.52 7.95 -34.02
C ASN C 254 22.30 8.81 -34.38
N PHE C 255 22.53 10.07 -34.73
CA PHE C 255 21.47 10.90 -35.29
C PHE C 255 21.50 10.82 -36.81
N GLU C 256 20.32 10.84 -37.42
CA GLU C 256 20.22 10.88 -38.88
C GLU C 256 18.91 11.53 -39.20
N SER C 257 18.90 12.47 -40.14
CA SER C 257 17.71 13.26 -40.38
C SER C 257 17.73 14.02 -41.71
N THR C 258 16.57 14.07 -42.37
CA THR C 258 16.44 14.84 -43.61
C THR C 258 15.72 16.15 -43.34
N GLY C 259 15.60 16.50 -42.06
CA GLY C 259 14.90 17.70 -41.68
C GLY C 259 14.12 17.58 -40.38
N ASN C 260 13.94 18.71 -39.71
CA ASN C 260 13.10 18.79 -38.52
C ASN C 260 13.74 18.28 -37.21
N LEU C 261 15.00 17.87 -37.28
CA LEU C 261 15.73 17.47 -36.07
C LEU C 261 16.26 18.70 -35.34
N ILE C 262 16.06 18.72 -34.03
CA ILE C 262 16.62 19.76 -33.16
C ILE C 262 17.66 19.04 -32.34
N ALA C 263 18.91 19.01 -32.80
CA ALA C 263 19.90 18.14 -32.17
C ALA C 263 20.58 18.77 -30.97
N PRO C 264 21.18 17.94 -30.12
CA PRO C 264 21.82 18.45 -28.89
C PRO C 264 23.20 18.98 -29.22
N GLU C 265 23.64 20.02 -28.52
CA GLU C 265 25.04 20.42 -28.55
C GLU C 265 25.74 19.72 -27.39
N TYR C 266 25.03 19.61 -26.29
CA TYR C 266 25.60 19.08 -25.07
C TYR C 266 24.93 17.80 -24.57
N GLY C 267 25.70 17.02 -23.82
CA GLY C 267 25.18 15.89 -23.09
C GLY C 267 25.25 16.20 -21.61
N PHE C 268 24.91 15.22 -20.78
CA PHE C 268 25.00 15.41 -19.34
C PHE C 268 25.49 14.11 -18.69
N LYS C 269 26.73 14.11 -18.22
CA LYS C 269 27.27 12.99 -17.48
C LYS C 269 26.48 12.90 -16.19
N ILE C 270 25.94 11.72 -15.90
CA ILE C 270 25.11 11.61 -14.71
C ILE C 270 25.36 10.33 -13.95
N SER C 271 25.63 10.47 -12.67
CA SER C 271 25.89 9.32 -11.84
C SER C 271 25.00 9.36 -10.63
N LYS C 272 24.31 8.25 -10.40
CA LYS C 272 23.48 8.10 -9.21
C LYS C 272 23.63 6.65 -8.78
N ARG C 273 23.73 6.32 -7.48
CA ARG C 273 23.64 7.17 -6.27
C ARG C 273 22.52 6.59 -5.41
N GLY C 274 21.32 7.07 -5.68
CA GLY C 274 20.13 6.64 -4.96
C GLY C 274 18.91 7.18 -5.69
N SER C 275 18.06 7.91 -4.97
CA SER C 275 16.85 8.47 -5.56
C SER C 275 16.10 9.31 -4.55
N SER C 276 15.77 10.54 -4.96
CA SER C 276 15.06 11.47 -4.11
C SER C 276 13.73 11.81 -4.78
N GLY C 277 13.43 13.10 -4.85
CA GLY C 277 12.16 13.56 -5.36
C GLY C 277 12.11 15.07 -5.53
N ILE C 278 11.07 15.55 -6.18
CA ILE C 278 10.94 16.98 -6.38
C ILE C 278 10.05 17.60 -5.31
N MET C 279 10.53 18.68 -4.70
CA MET C 279 9.77 19.37 -3.65
C MET C 279 9.20 20.70 -4.14
N LYS C 280 7.88 20.77 -4.21
CA LYS C 280 7.24 21.99 -4.63
C LYS C 280 7.22 23.05 -3.54
N THR C 281 7.80 24.22 -3.81
CA THR C 281 7.84 25.29 -2.81
C THR C 281 8.17 26.65 -3.42
N GLU C 282 7.78 27.72 -2.72
CA GLU C 282 8.07 29.07 -3.18
C GLU C 282 9.40 29.56 -2.64
N GLY C 283 9.85 28.92 -1.56
CA GLY C 283 10.99 29.39 -0.79
C GLY C 283 12.34 29.09 -1.41
N THR C 284 13.40 29.57 -0.73
CA THR C 284 14.75 29.45 -1.26
C THR C 284 15.63 28.72 -0.25
N LEU C 285 16.68 28.05 -0.75
CA LEU C 285 17.66 27.36 0.10
C LEU C 285 18.21 28.34 1.16
N GLU C 286 18.64 27.83 2.32
CA GLU C 286 19.00 28.73 3.41
C GLU C 286 20.22 28.42 4.27
N ASN C 287 20.92 27.33 4.01
CA ASN C 287 22.16 27.03 4.74
C ASN C 287 21.95 26.60 6.20
N CYS C 288 21.05 25.63 6.40
CA CYS C 288 20.96 24.95 7.66
C CYS C 288 21.07 23.48 7.33
N GLU C 289 20.98 22.62 8.34
CA GLU C 289 21.10 21.20 8.11
C GLU C 289 19.79 20.47 8.43
N THR C 290 19.65 19.26 7.92
CA THR C 290 18.53 18.41 8.28
C THR C 290 18.62 17.01 7.67
N LYS C 291 17.94 16.07 8.31
CA LYS C 291 17.83 14.72 7.80
C LYS C 291 16.40 14.50 7.32
N CYS C 292 15.57 15.53 7.47
CA CYS C 292 14.16 15.45 7.15
C CYS C 292 13.56 16.79 6.73
N GLN C 293 13.27 16.95 5.44
CA GLN C 293 12.81 18.22 4.91
C GLN C 293 11.35 18.24 4.46
N THR C 294 10.59 19.21 4.94
CA THR C 294 9.22 19.43 4.49
C THR C 294 9.16 20.76 3.74
N PRO C 295 8.06 20.98 3.02
CA PRO C 295 7.87 22.20 2.24
C PRO C 295 7.59 23.39 3.15
N LEU C 296 7.28 23.11 4.41
CA LEU C 296 7.06 24.15 5.38
C LEU C 296 8.34 24.50 6.13
N GLY C 297 9.27 23.55 6.13
CA GLY C 297 10.51 23.72 6.88
C GLY C 297 11.16 22.38 7.18
N ALA C 298 12.24 22.40 7.95
CA ALA C 298 12.97 21.17 8.21
C ALA C 298 12.69 20.63 9.61
N ILE C 299 12.50 19.32 9.69
CA ILE C 299 12.22 18.65 10.95
C ILE C 299 13.49 18.14 11.58
N ASN C 300 13.64 18.31 12.89
CA ASN C 300 14.78 17.76 13.63
C ASN C 300 14.29 17.08 14.90
N THR C 301 14.04 15.78 14.84
CA THR C 301 13.45 15.10 15.99
C THR C 301 13.78 13.62 16.11
N THR C 302 13.74 13.14 17.35
CA THR C 302 13.94 11.73 17.66
C THR C 302 12.58 11.06 17.80
N LEU C 303 11.54 11.88 17.77
CA LEU C 303 10.17 11.44 17.99
C LEU C 303 9.71 10.53 16.87
N PRO C 304 8.86 9.55 17.21
CA PRO C 304 8.32 8.53 16.31
C PRO C 304 7.26 9.04 15.34
N PHE C 305 6.51 10.09 15.70
CA PHE C 305 5.45 10.64 14.84
C PHE C 305 5.49 12.17 14.68
N HIS C 306 4.94 12.67 13.58
CA HIS C 306 4.81 14.12 13.36
C HIS C 306 3.60 14.43 12.48
N ASN C 307 3.20 15.69 12.42
CA ASN C 307 2.02 16.08 11.65
C ASN C 307 2.28 17.36 10.90
N VAL C 308 3.56 17.62 10.67
CA VAL C 308 4.02 18.89 10.10
C VAL C 308 3.46 19.14 8.72
N HIS C 309 3.57 18.12 7.88
CA HIS C 309 3.20 18.22 6.48
C HIS C 309 3.46 16.86 5.85
N PRO C 310 2.55 16.41 4.99
CA PRO C 310 2.68 15.04 4.49
C PRO C 310 3.80 14.89 3.46
N LEU C 311 4.14 15.93 2.70
CA LEU C 311 5.10 15.77 1.63
C LEU C 311 6.53 15.98 2.09
N THR C 312 7.14 14.95 2.64
CA THR C 312 8.48 15.10 3.20
C THR C 312 9.53 14.43 2.35
N ILE C 313 10.81 14.70 2.62
CA ILE C 313 11.93 13.99 1.98
C ILE C 313 13.10 13.80 2.94
N GLY C 314 13.59 12.58 3.03
CA GLY C 314 14.61 12.24 4.01
C GLY C 314 14.12 11.17 4.97
N GLU C 315 14.79 11.08 6.13
CA GLU C 315 14.40 10.10 7.15
C GLU C 315 13.47 10.76 8.15
N CYS C 316 12.19 10.55 7.93
CA CYS C 316 11.18 11.29 8.67
C CYS C 316 10.38 10.42 9.62
N PRO C 317 9.75 11.04 10.61
CA PRO C 317 8.86 10.30 11.48
C PRO C 317 7.57 9.94 10.73
N LYS C 318 6.76 9.06 11.29
CA LYS C 318 5.52 8.67 10.64
C LYS C 318 4.55 9.84 10.65
N TYR C 319 4.08 10.23 9.47
CA TYR C 319 3.08 11.29 9.39
C TYR C 319 1.72 10.78 9.83
N VAL C 320 1.11 11.51 10.73
CA VAL C 320 -0.08 11.04 11.42
C VAL C 320 -1.10 12.19 11.51
N LYS C 321 -2.39 11.88 11.55
CA LYS C 321 -3.42 12.90 11.65
C LYS C 321 -3.79 13.18 13.10
N SER C 322 -2.89 13.74 13.87
CA SER C 322 -3.17 13.99 15.28
C SER C 322 -2.71 15.36 15.65
N GLU C 323 -3.16 15.86 16.80
CA GLU C 323 -2.75 17.17 17.25
C GLU C 323 -1.86 17.01 18.45
N LYS C 324 -2.11 15.97 19.23
CA LYS C 324 -1.28 15.65 20.38
C LYS C 324 -1.19 14.13 20.56
N LEU C 325 -0.03 13.66 21.03
CA LEU C 325 0.17 12.25 21.39
C LEU C 325 0.99 12.18 22.67
N VAL C 326 0.35 12.27 23.83
CA VAL C 326 1.11 12.47 25.06
C VAL C 326 1.18 11.28 25.99
N LEU C 327 2.40 10.81 26.25
CA LEU C 327 2.65 9.75 27.22
C LEU C 327 2.67 10.30 28.64
N ALA C 328 1.88 9.71 29.54
CA ALA C 328 2.11 9.99 30.93
C ALA C 328 3.40 9.28 31.27
N THR C 329 4.21 9.88 32.14
CA THR C 329 5.45 9.26 32.60
C THR C 329 5.50 9.23 34.12
N GLY C 330 5.14 10.36 34.73
CA GLY C 330 5.03 10.43 36.18
C GLY C 330 3.68 9.87 36.60
N LEU C 331 3.31 10.04 37.86
CA LEU C 331 2.05 9.46 38.33
C LEU C 331 0.90 10.46 38.29
N ARG C 332 -0.30 9.97 38.58
CA ARG C 332 -1.47 10.83 38.69
C ARG C 332 -1.25 11.90 39.77
N ASN C 333 -1.43 13.17 39.41
CA ASN C 333 -1.22 14.27 40.34
C ASN C 333 -2.47 14.44 41.20
N VAL C 334 -2.34 14.18 42.50
CA VAL C 334 -3.52 14.19 43.35
C VAL C 334 -3.42 15.17 44.52
N PRO C 335 -3.75 16.44 44.29
CA PRO C 335 -3.69 17.46 45.33
C PRO C 335 -4.79 17.33 46.36
N GLY C 341 -6.89 3.25 41.33
CA GLY C 341 -6.57 2.58 40.07
C GLY C 341 -6.78 1.10 40.20
N LEU C 342 -6.05 0.31 39.42
CA LEU C 342 -6.15 -1.14 39.53
C LEU C 342 -5.86 -1.67 40.93
N PHE C 343 -4.97 -0.99 41.63
CA PHE C 343 -4.49 -1.49 42.92
C PHE C 343 -5.05 -0.70 44.09
N GLY C 344 -5.75 0.39 43.76
CA GLY C 344 -6.54 1.14 44.71
C GLY C 344 -5.77 1.87 45.79
N ALA C 345 -4.53 2.21 45.48
CA ALA C 345 -3.68 2.94 46.40
C ALA C 345 -3.72 4.44 46.12
N ILE C 346 -3.21 4.84 44.95
CA ILE C 346 -3.19 6.24 44.56
C ILE C 346 -4.61 6.74 44.27
N ALA C 347 -4.93 7.91 44.80
CA ALA C 347 -6.28 8.45 44.81
C ALA C 347 -7.26 7.38 45.23
N GLY C 348 -6.77 6.44 46.04
CA GLY C 348 -7.55 5.30 46.49
C GLY C 348 -7.68 5.30 48.00
N PHE C 349 -7.08 4.31 48.66
CA PHE C 349 -7.12 4.28 50.12
C PHE C 349 -6.10 5.25 50.71
N ILE C 350 -5.18 5.72 49.87
CA ILE C 350 -4.32 6.85 50.21
C ILE C 350 -4.83 8.09 49.47
N GLU C 351 -5.66 8.87 50.15
CA GLU C 351 -6.50 9.89 49.49
C GLU C 351 -5.78 10.92 48.62
N GLY C 352 -4.58 11.31 49.00
CA GLY C 352 -3.89 12.35 48.26
C GLY C 352 -2.39 12.22 48.21
N GLY C 353 -1.76 13.15 47.50
CA GLY C 353 -0.31 13.16 47.36
C GLY C 353 0.35 14.23 48.22
N TRP C 354 1.64 14.07 48.43
CA TRP C 354 2.39 15.00 49.27
C TRP C 354 3.29 15.92 48.45
N GLN C 355 3.00 17.22 48.51
CA GLN C 355 3.86 18.20 47.87
C GLN C 355 5.18 18.24 48.63
N GLY C 356 5.12 17.84 49.89
CA GLY C 356 6.27 17.85 50.77
C GLY C 356 7.38 16.93 50.32
N MET C 357 7.03 15.84 49.65
CA MET C 357 8.06 14.92 49.17
C MET C 357 8.61 15.38 47.83
N ILE C 358 9.93 15.53 47.76
CA ILE C 358 10.58 16.08 46.58
C ILE C 358 11.68 15.16 46.06
N ASP C 359 12.17 14.28 46.93
CA ASP C 359 13.28 13.40 46.61
C ASP C 359 12.95 12.45 45.45
N GLY C 360 11.70 11.97 45.41
CA GLY C 360 11.30 10.95 44.44
C GLY C 360 9.79 10.78 44.30
N TRP C 361 9.38 9.68 43.68
CA TRP C 361 7.95 9.43 43.40
C TRP C 361 7.17 8.88 44.59
N TYR C 362 7.78 8.00 45.37
CA TYR C 362 7.14 7.44 46.54
C TYR C 362 8.10 7.43 47.72
N GLY C 363 7.55 7.35 48.92
CA GLY C 363 8.35 7.41 50.12
C GLY C 363 7.48 7.49 51.36
N TYR C 364 8.09 7.85 52.49
CA TYR C 364 7.42 7.78 53.79
C TYR C 364 7.30 9.15 54.48
N ALA C 375 10.66 11.60 53.19
CA ALA C 375 11.83 10.92 52.65
C ALA C 375 11.43 9.91 51.58
N ALA C 376 11.78 10.20 50.34
CA ALA C 376 11.43 9.29 49.25
C ALA C 376 12.16 7.97 49.40
N ASP C 377 11.54 6.90 48.90
CA ASP C 377 12.14 5.58 48.91
C ASP C 377 13.02 5.42 47.67
N LYS C 378 14.32 5.64 47.83
CA LYS C 378 15.23 5.64 46.69
C LYS C 378 15.05 4.43 45.77
N GLU C 379 15.15 3.23 46.33
CA GLU C 379 15.15 2.01 45.52
C GLU C 379 13.88 1.86 44.68
N SER C 380 12.73 2.17 45.27
CA SER C 380 11.46 2.05 44.55
C SER C 380 11.27 3.15 43.52
N THR C 381 11.66 4.39 43.85
CA THR C 381 11.56 5.46 42.86
C THR C 381 12.54 5.23 41.73
N GLN C 382 13.67 4.60 42.03
CA GLN C 382 14.64 4.33 41.00
C GLN C 382 14.11 3.26 40.06
N LYS C 383 13.72 2.12 40.61
CA LYS C 383 13.24 1.03 39.77
C LYS C 383 12.09 1.48 38.86
N ALA C 384 11.36 2.50 39.29
CA ALA C 384 10.21 3.02 38.54
C ALA C 384 10.63 3.97 37.43
N PHE C 385 11.44 4.95 37.79
CA PHE C 385 11.99 5.89 36.83
C PHE C 385 12.72 5.16 35.71
N ASP C 386 13.40 4.08 36.06
CA ASP C 386 14.10 3.28 35.06
C ASP C 386 13.09 2.62 34.14
N GLY C 387 12.07 2.03 34.73
CA GLY C 387 11.02 1.41 33.95
C GLY C 387 10.34 2.36 33.00
N ILE C 388 9.78 3.45 33.53
CA ILE C 388 9.12 4.45 32.70
C ILE C 388 10.06 4.95 31.60
N THR C 389 11.36 4.90 31.88
CA THR C 389 12.34 5.26 30.88
C THR C 389 12.32 4.24 29.75
N ASN C 390 12.49 2.97 30.10
CA ASN C 390 12.41 1.92 29.10
C ASN C 390 11.13 2.05 28.26
N LYS C 391 10.00 2.33 28.91
CA LYS C 391 8.74 2.51 28.20
C LYS C 391 8.86 3.55 27.10
N VAL C 392 9.05 4.81 27.49
CA VAL C 392 9.20 5.88 26.52
C VAL C 392 10.26 5.54 25.47
N ASN C 393 11.46 5.17 25.90
CA ASN C 393 12.48 4.79 24.93
C ASN C 393 12.00 3.69 23.96
N SER C 394 11.32 2.69 24.49
CA SER C 394 10.79 1.61 23.64
C SER C 394 9.82 2.12 22.58
N VAL C 395 8.84 2.92 22.99
CA VAL C 395 7.87 3.50 22.05
C VAL C 395 8.62 4.27 20.97
N ILE C 396 9.67 5.00 21.36
CA ILE C 396 10.47 5.82 20.43
C ILE C 396 11.48 5.04 19.55
N GLU C 397 12.34 4.21 20.15
CA GLU C 397 13.45 3.66 19.38
C GLU C 397 13.16 2.35 18.64
N LYS C 398 11.97 1.79 18.81
CA LYS C 398 11.61 0.61 18.02
C LYS C 398 11.05 0.99 16.66
N MET C 399 10.79 2.27 16.48
CA MET C 399 10.22 2.76 15.25
C MET C 399 11.24 2.66 14.13
N ASN C 400 10.95 1.84 13.12
CA ASN C 400 11.81 1.74 11.96
C ASN C 400 11.63 2.94 11.03
N THR C 401 12.75 3.54 10.62
CA THR C 401 12.72 4.77 9.85
C THR C 401 13.72 4.74 8.69
N GLN C 402 13.21 4.72 7.46
CA GLN C 402 14.07 4.81 6.29
C GLN C 402 13.88 6.09 5.50
N PHE C 403 14.53 6.19 4.35
CA PHE C 403 14.56 7.43 3.61
C PHE C 403 13.61 7.38 2.43
N GLU C 404 12.67 8.32 2.39
CA GLU C 404 11.66 8.31 1.34
C GLU C 404 11.38 9.72 0.81
N ALA C 405 10.62 9.78 -0.29
CA ALA C 405 10.34 11.02 -0.99
C ALA C 405 8.87 11.48 -0.87
N VAL C 406 7.95 10.53 -0.80
CA VAL C 406 6.53 10.85 -0.62
C VAL C 406 5.93 11.64 -1.78
N GLY C 407 6.11 12.96 -1.80
CA GLY C 407 5.61 13.75 -2.91
C GLY C 407 5.99 13.08 -4.22
N LYS C 408 5.06 12.96 -5.18
CA LYS C 408 5.38 12.29 -6.45
C LYS C 408 4.83 12.96 -7.71
N GLU C 409 5.33 12.52 -8.85
CA GLU C 409 5.04 13.16 -10.13
C GLU C 409 4.31 12.24 -11.11
N PHE C 410 3.18 12.71 -11.60
CA PHE C 410 2.35 11.95 -12.52
C PHE C 410 1.72 12.87 -13.53
N SER C 411 1.64 12.40 -14.78
CA SER C 411 1.12 13.19 -15.89
C SER C 411 -0.40 13.28 -15.83
N ASN C 412 -1.03 13.72 -16.91
CA ASN C 412 -2.48 13.82 -16.94
C ASN C 412 -3.15 12.52 -17.34
N LEU C 413 -2.40 11.68 -18.05
CA LEU C 413 -2.90 10.38 -18.45
C LEU C 413 -2.50 9.35 -17.42
N GLU C 414 -2.19 9.84 -16.22
CA GLU C 414 -1.78 8.98 -15.13
C GLU C 414 -2.59 9.24 -13.85
N ARG C 415 -3.78 9.80 -14.01
CA ARG C 415 -4.61 10.11 -12.86
C ARG C 415 -4.88 8.88 -11.97
N ARG C 416 -4.84 7.70 -12.58
CA ARG C 416 -5.04 6.44 -11.85
C ARG C 416 -3.80 6.04 -11.08
N LEU C 417 -2.66 6.09 -11.76
CA LEU C 417 -1.40 5.81 -11.10
C LEU C 417 -1.28 6.74 -9.90
N GLU C 418 -1.50 8.03 -10.13
CA GLU C 418 -1.54 9.03 -9.06
C GLU C 418 -2.52 8.64 -7.93
N ASN C 419 -3.73 8.24 -8.30
CA ASN C 419 -4.74 7.85 -7.32
C ASN C 419 -4.38 6.59 -6.53
N LEU C 420 -3.69 5.67 -7.19
CA LEU C 420 -3.18 4.46 -6.56
C LEU C 420 -2.17 4.84 -5.48
N ASN C 421 -1.31 5.80 -5.78
CA ASN C 421 -0.39 6.33 -4.78
C ASN C 421 -1.13 6.97 -3.60
N LYS C 422 -2.14 7.78 -3.89
CA LYS C 422 -2.93 8.40 -2.83
C LYS C 422 -3.67 7.38 -1.95
N LYS C 423 -4.31 6.39 -2.56
CA LYS C 423 -4.97 5.33 -1.81
C LYS C 423 -3.97 4.67 -0.86
N MET C 424 -2.75 4.48 -1.35
CA MET C 424 -1.70 3.89 -0.53
C MET C 424 -1.15 4.81 0.57
N GLU C 425 -0.88 6.07 0.24
CA GLU C 425 -0.36 7.00 1.24
C GLU C 425 -1.40 7.23 2.35
N ASP C 426 -2.67 7.34 1.96
CA ASP C 426 -3.78 7.43 2.91
C ASP C 426 -3.87 6.20 3.82
N GLY C 427 -3.83 5.02 3.19
CA GLY C 427 -3.89 3.77 3.91
C GLY C 427 -2.93 3.75 5.07
N PHE C 428 -1.68 4.10 4.81
CA PHE C 428 -0.70 4.14 5.89
C PHE C 428 -1.02 5.22 6.92
N LEU C 429 -1.51 6.38 6.44
CA LEU C 429 -1.91 7.46 7.35
C LEU C 429 -2.93 6.94 8.38
N ASP C 430 -3.97 6.29 7.87
CA ASP C 430 -5.01 5.76 8.73
C ASP C 430 -4.44 4.74 9.72
N VAL C 431 -3.63 3.80 9.21
CA VAL C 431 -2.98 2.77 10.04
C VAL C 431 -2.09 3.39 11.15
N TRP C 432 -1.19 4.30 10.79
CA TRP C 432 -0.33 4.85 11.81
C TRP C 432 -1.10 5.71 12.81
N THR C 433 -2.09 6.45 12.34
CA THR C 433 -2.82 7.29 13.26
C THR C 433 -3.58 6.47 14.26
N TYR C 434 -4.39 5.54 13.78
CA TYR C 434 -5.14 4.69 14.68
C TYR C 434 -4.24 4.03 15.70
N ASN C 435 -3.06 3.57 15.26
CA ASN C 435 -2.16 2.92 16.19
C ASN C 435 -1.55 3.88 17.23
N ALA C 436 -0.93 4.94 16.76
CA ALA C 436 -0.28 5.87 17.69
C ALA C 436 -1.30 6.40 18.72
N GLU C 437 -2.49 6.78 18.24
CA GLU C 437 -3.56 7.20 19.14
C GLU C 437 -3.81 6.19 20.26
N LEU C 438 -4.19 4.97 19.88
CA LEU C 438 -4.41 3.87 20.83
C LEU C 438 -3.16 3.47 21.61
N LEU C 439 -1.97 3.52 20.97
CA LEU C 439 -0.73 3.22 21.69
C LEU C 439 -0.62 4.11 22.91
N VAL C 440 -0.63 5.42 22.69
CA VAL C 440 -0.65 6.37 23.77
C VAL C 440 -1.76 6.04 24.80
N LEU C 441 -3.00 5.89 24.33
CA LEU C 441 -4.12 5.60 25.23
C LEU C 441 -3.93 4.37 26.08
N MET C 442 -3.57 3.26 25.46
CA MET C 442 -3.38 2.00 26.20
C MET C 442 -2.17 2.08 27.11
N GLU C 443 -1.05 2.57 26.59
CA GLU C 443 0.17 2.66 27.39
C GLU C 443 0.01 3.60 28.56
N ASN C 444 -0.96 4.51 28.47
CA ASN C 444 -1.18 5.45 29.57
C ASN C 444 -2.02 4.89 30.72
N GLU C 445 -3.04 4.10 30.43
CA GLU C 445 -3.72 3.49 31.57
C GLU C 445 -2.73 2.56 32.28
N ARG C 446 -1.81 1.95 31.52
CA ARG C 446 -0.82 1.05 32.10
C ARG C 446 0.15 1.80 32.99
N THR C 447 0.64 2.93 32.52
CA THR C 447 1.63 3.70 33.28
C THR C 447 1.07 4.10 34.64
N LEU C 448 -0.13 4.69 34.64
CA LEU C 448 -0.76 5.06 35.89
C LEU C 448 -0.88 3.83 36.80
N ASP C 449 -1.50 2.77 36.32
CA ASP C 449 -1.60 1.55 37.11
C ASP C 449 -0.25 1.15 37.68
N PHE C 450 0.79 1.23 36.85
CA PHE C 450 2.17 0.93 37.28
C PHE C 450 2.51 1.70 38.56
N HIS C 451 2.45 3.02 38.48
CA HIS C 451 2.63 3.85 39.68
C HIS C 451 1.78 3.37 40.85
N ASP C 452 0.47 3.25 40.64
CA ASP C 452 -0.47 2.79 41.66
C ASP C 452 0.04 1.53 42.36
N SER C 453 0.40 0.53 41.57
CA SER C 453 0.98 -0.71 42.09
C SER C 453 2.23 -0.47 42.94
N ASN C 454 3.23 0.19 42.37
CA ASN C 454 4.44 0.52 43.11
C ASN C 454 4.17 1.04 44.53
N VAL C 455 3.31 2.05 44.65
CA VAL C 455 2.85 2.51 45.95
C VAL C 455 2.25 1.35 46.75
N LYS C 456 1.17 0.76 46.26
CA LYS C 456 0.52 -0.35 46.95
C LYS C 456 1.51 -1.43 47.39
N ASN C 457 2.55 -1.66 46.60
CA ASN C 457 3.57 -2.63 46.99
C ASN C 457 4.46 -2.08 48.07
N LEU C 458 4.74 -0.79 48.01
CA LEU C 458 5.51 -0.14 49.06
C LEU C 458 4.75 -0.18 50.38
N TYR C 459 3.44 0.08 50.32
CA TYR C 459 2.59 0.01 51.50
C TYR C 459 2.58 -1.39 52.11
N ASP C 460 2.36 -2.40 51.27
CA ASP C 460 2.34 -3.79 51.72
C ASP C 460 3.68 -4.28 52.28
N LYS C 461 4.78 -3.74 51.75
CA LYS C 461 6.11 -4.17 52.18
C LYS C 461 6.38 -3.73 53.62
N VAL C 462 5.79 -2.61 54.03
CA VAL C 462 5.85 -2.14 55.39
C VAL C 462 4.83 -2.87 56.27
N ARG C 463 3.57 -2.92 55.84
CA ARG C 463 2.54 -3.61 56.64
C ARG C 463 2.95 -5.03 57.01
N MET C 464 3.63 -5.72 56.10
CA MET C 464 4.05 -7.10 56.32
C MET C 464 5.19 -7.21 57.36
N GLN C 465 6.04 -6.19 57.43
CA GLN C 465 7.09 -6.13 58.45
C GLN C 465 6.51 -5.83 59.81
N LEU C 466 5.89 -4.67 59.93
CA LEU C 466 5.33 -4.19 61.19
C LEU C 466 4.37 -5.17 61.86
N ARG C 467 3.52 -5.84 61.07
CA ARG C 467 2.65 -6.87 61.61
C ARG C 467 1.81 -6.40 62.79
N ASP C 468 2.13 -7.00 63.94
CA ASP C 468 1.35 -6.96 65.16
C ASP C 468 1.53 -5.67 65.96
N ASN C 469 2.66 -5.00 65.73
CA ASN C 469 3.09 -3.92 66.61
C ASN C 469 2.58 -2.54 66.22
N VAL C 470 1.66 -2.50 65.26
CA VAL C 470 1.07 -1.23 64.85
C VAL C 470 -0.42 -1.32 64.57
N LYS C 471 -1.12 -0.26 64.91
CA LYS C 471 -2.52 -0.12 64.54
C LYS C 471 -2.50 0.27 63.06
N GLU C 472 -3.36 -0.34 62.26
CA GLU C 472 -3.43 -0.01 60.85
C GLU C 472 -4.51 1.03 60.61
N LEU C 473 -4.12 2.30 60.61
CA LEU C 473 -5.07 3.41 60.55
C LEU C 473 -6.05 3.30 59.37
C1 SIA D . 24.41 -11.91 -40.99
C2 SIA D . 24.50 -11.78 -42.50
C3 SIA D . 24.32 -13.16 -43.16
C4 SIA D . 22.86 -13.58 -43.17
C5 SIA D . 22.01 -12.46 -43.72
C6 SIA D . 22.17 -11.26 -42.81
C7 SIA D . 21.18 -10.16 -43.17
C8 SIA D . 21.39 -8.93 -42.29
C9 SIA D . 20.14 -8.04 -42.29
C10 SIA D . 19.83 -12.65 -44.82
C11 SIA D . 20.50 -11.86 -45.94
N5 SIA D . 20.61 -12.90 -43.77
O1A SIA D . 25.17 -12.73 -40.47
O1B SIA D . 23.62 -11.15 -40.40
O2 SIA D . 25.79 -11.32 -42.81
O4 SIA D . 22.70 -14.76 -43.96
O6 SIA D . 23.51 -10.83 -42.97
O7 SIA D . 21.38 -9.78 -44.52
O8 SIA D . 21.64 -9.35 -40.96
O9 SIA D . 20.53 -6.67 -42.43
O10 SIA D . 18.67 -13.00 -44.91
#